data_1WI6
#
_entry.id   1WI6
#
_entity_poly.entity_id   1
_entity_poly.type   'polypeptide(L)'
_entity_poly.pdbx_seq_one_letter_code
;GSSGSSGILIRGLPGDVTNQEVHDLLSDYELKYCFVDKYKGTAFVTLLNGEQAEAAINTFHQSRLRERELSVQLQPTDAL
LCSGPSSG
;
_entity_poly.pdbx_strand_id   A
#
# COMPACT_ATOMS: atom_id res chain seq x y z
N GLY A 1 -12.74 -14.05 -12.49
CA GLY A 1 -11.47 -13.89 -11.81
C GLY A 1 -11.64 -13.65 -10.32
N SER A 2 -10.62 -13.08 -9.70
CA SER A 2 -10.66 -12.82 -8.26
C SER A 2 -11.23 -11.43 -7.99
N SER A 3 -11.64 -11.21 -6.74
CA SER A 3 -12.22 -9.93 -6.33
C SER A 3 -11.23 -9.12 -5.49
N GLY A 4 -10.33 -8.41 -6.16
CA GLY A 4 -9.34 -7.61 -5.45
C GLY A 4 -8.40 -6.90 -6.40
N SER A 5 -7.30 -6.39 -5.85
CA SER A 5 -6.31 -5.67 -6.65
C SER A 5 -4.92 -5.78 -6.03
N SER A 6 -3.89 -5.49 -6.82
CA SER A 6 -2.51 -5.56 -6.34
C SER A 6 -2.17 -4.33 -5.51
N GLY A 7 -2.51 -3.15 -6.03
CA GLY A 7 -2.22 -1.92 -5.33
C GLY A 7 -2.60 -1.99 -3.87
N ILE A 8 -1.83 -1.30 -3.02
CA ILE A 8 -2.08 -1.29 -1.58
C ILE A 8 -2.02 0.13 -1.02
N LEU A 9 -2.55 0.31 0.18
CA LEU A 9 -2.54 1.61 0.83
C LEU A 9 -2.20 1.49 2.32
N ILE A 10 -1.16 2.19 2.73
CA ILE A 10 -0.73 2.15 4.13
C ILE A 10 -0.98 3.49 4.81
N ARG A 11 -1.72 3.45 5.93
CA ARG A 11 -2.03 4.66 6.68
C ARG A 11 -1.34 4.65 8.04
N GLY A 12 -0.71 5.76 8.39
CA GLY A 12 -0.02 5.86 9.67
C GLY A 12 1.43 5.45 9.57
N LEU A 13 2.26 6.35 9.04
CA LEU A 13 3.69 6.08 8.89
C LEU A 13 4.51 6.94 9.87
N PRO A 14 5.68 6.43 10.24
CA PRO A 14 6.58 7.12 11.18
C PRO A 14 7.21 8.36 10.55
N GLY A 15 7.74 9.24 11.40
CA GLY A 15 8.37 10.46 10.91
C GLY A 15 9.66 10.19 10.17
N ASP A 16 10.16 8.97 10.29
CA ASP A 16 11.40 8.58 9.62
C ASP A 16 11.15 7.56 8.53
N VAL A 17 9.89 7.48 8.08
CA VAL A 17 9.51 6.54 7.03
C VAL A 17 10.17 6.89 5.71
N THR A 18 11.06 6.02 5.24
CA THR A 18 11.77 6.25 3.98
C THR A 18 11.48 5.12 2.99
N ASN A 19 11.80 5.37 1.73
CA ASN A 19 11.58 4.37 0.68
C ASN A 19 12.25 3.05 1.04
N GLN A 20 13.40 3.14 1.70
CA GLN A 20 14.15 1.95 2.10
C GLN A 20 13.33 1.10 3.06
N GLU A 21 12.54 1.76 3.90
CA GLU A 21 11.71 1.06 4.88
C GLU A 21 10.66 0.20 4.18
N VAL A 22 9.99 0.78 3.19
CA VAL A 22 8.96 0.06 2.44
C VAL A 22 9.58 -1.04 1.58
N HIS A 23 10.73 -0.74 0.98
CA HIS A 23 11.42 -1.71 0.13
C HIS A 23 11.81 -2.95 0.92
N ASP A 24 12.38 -2.73 2.11
CA ASP A 24 12.80 -3.83 2.96
C ASP A 24 11.59 -4.64 3.45
N LEU A 25 10.50 -3.94 3.75
CA LEU A 25 9.29 -4.60 4.21
C LEU A 25 8.75 -5.57 3.17
N LEU A 26 8.77 -5.15 1.91
CA LEU A 26 8.29 -5.98 0.83
C LEU A 26 9.45 -6.48 -0.03
N SER A 27 10.58 -6.76 0.61
CA SER A 27 11.76 -7.24 -0.10
C SER A 27 11.66 -8.75 -0.36
N ASP A 28 10.46 -9.28 -0.20
CA ASP A 28 10.24 -10.71 -0.41
C ASP A 28 9.42 -10.95 -1.69
N TYR A 29 8.68 -9.93 -2.10
CA TYR A 29 7.86 -10.02 -3.30
C TYR A 29 8.42 -9.15 -4.42
N GLU A 30 7.79 -9.20 -5.58
CA GLU A 30 8.24 -8.41 -6.73
C GLU A 30 7.66 -6.99 -6.67
N LEU A 31 8.52 -6.03 -6.40
CA LEU A 31 8.11 -4.63 -6.31
C LEU A 31 8.17 -3.96 -7.68
N LYS A 32 7.03 -3.97 -8.39
CA LYS A 32 6.95 -3.35 -9.71
C LYS A 32 6.98 -1.84 -9.61
N TYR A 33 6.29 -1.30 -8.60
CA TYR A 33 6.24 0.14 -8.40
C TYR A 33 6.27 0.48 -6.91
N CYS A 34 7.11 1.44 -6.55
CA CYS A 34 7.25 1.86 -5.17
C CYS A 34 6.98 3.35 -5.02
N PHE A 35 6.11 3.71 -4.09
CA PHE A 35 5.76 5.11 -3.86
C PHE A 35 5.66 5.40 -2.36
N VAL A 36 6.27 6.50 -1.93
CA VAL A 36 6.25 6.89 -0.53
C VAL A 36 5.93 8.38 -0.38
N ASP A 37 4.82 8.67 0.28
CA ASP A 37 4.40 10.05 0.50
C ASP A 37 4.36 10.38 1.98
N LYS A 38 5.42 11.01 2.47
CA LYS A 38 5.51 11.39 3.88
C LYS A 38 4.49 12.47 4.21
N TYR A 39 4.35 13.44 3.32
CA TYR A 39 3.39 14.53 3.53
C TYR A 39 2.11 14.03 4.17
N LYS A 40 1.35 13.22 3.44
CA LYS A 40 0.10 12.67 3.94
C LYS A 40 0.36 11.64 5.04
N GLY A 41 1.42 10.84 4.85
CA GLY A 41 1.75 9.83 5.83
C GLY A 41 1.31 8.45 5.42
N THR A 42 1.37 8.17 4.11
CA THR A 42 0.96 6.87 3.59
C THR A 42 1.95 6.37 2.54
N ALA A 43 1.81 5.12 2.15
CA ALA A 43 2.69 4.52 1.16
C ALA A 43 1.90 3.64 0.19
N PHE A 44 2.10 3.86 -1.11
CA PHE A 44 1.41 3.08 -2.13
C PHE A 44 2.39 2.20 -2.89
N VAL A 45 2.11 0.90 -2.92
CA VAL A 45 2.96 -0.05 -3.61
C VAL A 45 2.15 -0.97 -4.52
N THR A 46 2.63 -1.16 -5.74
CA THR A 46 1.95 -2.02 -6.70
C THR A 46 2.73 -3.30 -6.97
N LEU A 47 2.15 -4.43 -6.60
CA LEU A 47 2.79 -5.73 -6.79
C LEU A 47 2.48 -6.29 -8.17
N LEU A 48 3.00 -7.48 -8.46
CA LEU A 48 2.78 -8.12 -9.75
C LEU A 48 1.37 -8.70 -9.82
N ASN A 49 1.11 -9.73 -9.01
CA ASN A 49 -0.20 -10.37 -8.99
C ASN A 49 -0.98 -9.97 -7.73
N GLY A 50 -2.14 -10.57 -7.56
CA GLY A 50 -2.97 -10.27 -6.40
C GLY A 50 -2.59 -11.11 -5.19
N GLU A 51 -2.03 -12.29 -5.44
CA GLU A 51 -1.62 -13.19 -4.35
C GLU A 51 -0.62 -12.50 -3.44
N GLN A 52 0.38 -11.86 -4.04
CA GLN A 52 1.42 -11.17 -3.28
C GLN A 52 0.84 -9.98 -2.53
N ALA A 53 -0.15 -9.33 -3.14
CA ALA A 53 -0.79 -8.16 -2.53
C ALA A 53 -1.58 -8.57 -1.30
N GLU A 54 -2.32 -9.67 -1.39
CA GLU A 54 -3.12 -10.16 -0.28
C GLU A 54 -2.24 -10.54 0.89
N ALA A 55 -1.16 -11.25 0.61
CA ALA A 55 -0.23 -11.68 1.65
C ALA A 55 0.37 -10.49 2.38
N ALA A 56 0.79 -9.49 1.61
CA ALA A 56 1.38 -8.28 2.17
C ALA A 56 0.37 -7.51 3.02
N ILE A 57 -0.84 -7.37 2.50
CA ILE A 57 -1.90 -6.66 3.20
C ILE A 57 -2.34 -7.41 4.45
N ASN A 58 -2.43 -8.74 4.33
CA ASN A 58 -2.84 -9.59 5.45
C ASN A 58 -1.89 -9.40 6.64
N THR A 59 -0.60 -9.40 6.36
CA THR A 59 0.40 -9.23 7.40
C THR A 59 0.54 -7.78 7.82
N PHE A 60 0.66 -6.89 6.84
CA PHE A 60 0.78 -5.46 7.11
C PHE A 60 -0.45 -4.93 7.82
N HIS A 61 -1.60 -5.54 7.52
CA HIS A 61 -2.86 -5.12 8.13
C HIS A 61 -2.88 -5.46 9.62
N GLN A 62 -3.71 -4.74 10.37
CA GLN A 62 -3.82 -4.97 11.81
C GLN A 62 -2.45 -5.11 12.45
N SER A 63 -1.46 -4.43 11.88
CA SER A 63 -0.09 -4.49 12.40
C SER A 63 0.20 -3.29 13.29
N ARG A 64 1.38 -3.29 13.90
CA ARG A 64 1.79 -2.20 14.78
C ARG A 64 3.27 -1.85 14.57
N LEU A 65 3.60 -0.59 14.76
CA LEU A 65 4.97 -0.12 14.59
C LEU A 65 5.30 0.99 15.58
N ARG A 66 6.24 0.72 16.47
CA ARG A 66 6.66 1.69 17.47
C ARG A 66 5.48 2.06 18.38
N GLU A 67 4.77 1.05 18.87
CA GLU A 67 3.62 1.27 19.74
C GLU A 67 2.57 2.13 19.05
N ARG A 68 2.14 1.70 17.87
CA ARG A 68 1.13 2.43 17.11
C ARG A 68 0.33 1.48 16.22
N GLU A 69 -0.92 1.85 15.94
CA GLU A 69 -1.79 1.03 15.11
C GLU A 69 -1.64 1.42 13.64
N LEU A 70 -1.41 0.43 12.79
CA LEU A 70 -1.25 0.66 11.36
C LEU A 70 -2.47 0.17 10.59
N SER A 71 -2.97 1.00 9.69
CA SER A 71 -4.14 0.64 8.89
C SER A 71 -3.74 0.39 7.43
N VAL A 72 -4.15 -0.76 6.91
CA VAL A 72 -3.83 -1.12 5.53
C VAL A 72 -5.05 -1.72 4.83
N GLN A 73 -5.25 -1.35 3.57
CA GLN A 73 -6.37 -1.85 2.80
C GLN A 73 -6.08 -1.78 1.30
N LEU A 74 -6.83 -2.53 0.51
CA LEU A 74 -6.66 -2.56 -0.93
C LEU A 74 -6.88 -1.17 -1.53
N GLN A 75 -6.09 -0.85 -2.55
CA GLN A 75 -6.20 0.45 -3.21
C GLN A 75 -7.61 0.66 -3.76
N PRO A 76 -8.12 1.89 -3.62
CA PRO A 76 -9.46 2.24 -4.09
C PRO A 76 -9.55 2.29 -5.61
N THR A 77 -10.75 2.56 -6.12
CA THR A 77 -10.96 2.63 -7.57
C THR A 77 -10.45 3.95 -8.13
N ASP A 78 -9.15 4.00 -8.39
CA ASP A 78 -8.53 5.20 -8.95
C ASP A 78 -8.55 6.34 -7.94
N ALA A 79 -8.47 5.99 -6.65
CA ALA A 79 -8.47 6.98 -5.59
C ALA A 79 -9.51 8.06 -5.84
N LEU A 80 -10.73 7.64 -6.17
CA LEU A 80 -11.82 8.56 -6.44
C LEU A 80 -12.91 8.46 -5.37
N LEU A 81 -13.04 9.51 -4.57
CA LEU A 81 -14.04 9.54 -3.50
C LEU A 81 -15.42 9.84 -4.07
N CYS A 82 -16.31 8.85 -4.00
CA CYS A 82 -17.67 9.01 -4.50
C CYS A 82 -18.69 8.58 -3.45
N SER A 83 -19.89 9.15 -3.54
CA SER A 83 -20.95 8.83 -2.59
C SER A 83 -22.19 8.32 -3.32
N GLY A 84 -22.62 7.12 -2.96
CA GLY A 84 -23.80 6.53 -3.58
C GLY A 84 -24.06 5.12 -3.12
N PRO A 85 -25.16 4.52 -3.62
CA PRO A 85 -25.55 3.15 -3.26
C PRO A 85 -24.60 2.11 -3.84
N SER A 86 -24.52 0.96 -3.19
CA SER A 86 -23.65 -0.12 -3.64
C SER A 86 -24.31 -0.94 -4.73
N SER A 87 -25.50 -1.47 -4.43
CA SER A 87 -26.24 -2.27 -5.39
C SER A 87 -27.73 -2.26 -5.08
N GLY A 88 -28.53 -2.80 -5.99
CA GLY A 88 -29.97 -2.83 -5.79
C GLY A 88 -30.55 -1.46 -5.52
N GLY A 1 -16.24 -10.66 -0.11
CA GLY A 1 -15.11 -9.84 0.28
C GLY A 1 -14.78 -8.77 -0.74
N SER A 2 -13.79 -7.94 -0.43
CA SER A 2 -13.40 -6.86 -1.31
C SER A 2 -11.98 -7.09 -1.85
N SER A 3 -11.88 -7.36 -3.15
CA SER A 3 -10.59 -7.61 -3.78
C SER A 3 -10.63 -7.24 -5.26
N GLY A 4 -9.47 -7.25 -5.90
CA GLY A 4 -9.39 -6.92 -7.31
C GLY A 4 -8.06 -6.30 -7.68
N SER A 5 -7.78 -5.12 -7.14
CA SER A 5 -6.54 -4.41 -7.43
C SER A 5 -5.40 -4.94 -6.55
N SER A 6 -4.20 -4.97 -7.11
CA SER A 6 -3.03 -5.46 -6.39
C SER A 6 -2.46 -4.35 -5.50
N GLY A 7 -2.36 -3.15 -6.04
CA GLY A 7 -1.83 -2.03 -5.28
C GLY A 7 -2.25 -2.07 -3.82
N ILE A 8 -1.41 -1.50 -2.95
CA ILE A 8 -1.71 -1.47 -1.53
C ILE A 8 -1.72 -0.04 -1.01
N LEU A 9 -2.35 0.15 0.16
CA LEU A 9 -2.44 1.47 0.76
C LEU A 9 -2.18 1.39 2.27
N ILE A 10 -1.21 2.17 2.74
CA ILE A 10 -0.88 2.19 4.16
C ILE A 10 -1.21 3.53 4.79
N ARG A 11 -1.66 3.52 6.04
CA ARG A 11 -2.01 4.74 6.75
C ARG A 11 -1.33 4.79 8.12
N GLY A 12 -0.73 5.93 8.43
CA GLY A 12 -0.05 6.08 9.71
C GLY A 12 1.41 5.69 9.64
N LEU A 13 2.24 6.58 9.11
CA LEU A 13 3.67 6.32 8.99
C LEU A 13 4.47 7.26 9.88
N PRO A 14 5.63 6.78 10.36
CA PRO A 14 6.51 7.57 11.24
C PRO A 14 7.19 8.72 10.49
N GLY A 15 7.82 9.61 11.24
CA GLY A 15 8.49 10.74 10.63
C GLY A 15 9.78 10.34 9.93
N ASP A 16 10.26 9.15 10.22
CA ASP A 16 11.49 8.64 9.61
C ASP A 16 11.19 7.64 8.52
N VAL A 17 9.90 7.48 8.20
CA VAL A 17 9.46 6.55 7.16
C VAL A 17 10.10 6.90 5.82
N THR A 18 10.98 6.02 5.34
CA THR A 18 11.65 6.24 4.06
C THR A 18 11.35 5.11 3.09
N ASN A 19 11.74 5.29 1.84
CA ASN A 19 11.52 4.29 0.80
C ASN A 19 12.14 2.95 1.19
N GLN A 20 13.25 3.02 1.93
CA GLN A 20 13.94 1.81 2.37
C GLN A 20 13.05 0.97 3.28
N GLU A 21 12.21 1.64 4.06
CA GLU A 21 11.31 0.95 4.98
C GLU A 21 10.30 0.12 4.21
N VAL A 22 9.71 0.71 3.18
CA VAL A 22 8.72 0.01 2.36
C VAL A 22 9.37 -1.09 1.53
N HIS A 23 10.56 -0.81 1.01
CA HIS A 23 11.29 -1.78 0.19
C HIS A 23 11.68 -2.99 1.02
N ASP A 24 12.23 -2.75 2.20
CA ASP A 24 12.66 -3.84 3.08
C ASP A 24 11.46 -4.65 3.54
N LEU A 25 10.34 -3.97 3.79
CA LEU A 25 9.11 -4.63 4.24
C LEU A 25 8.58 -5.57 3.16
N LEU A 26 8.67 -5.13 1.91
CA LEU A 26 8.20 -5.93 0.79
C LEU A 26 9.36 -6.42 -0.06
N SER A 27 10.48 -6.70 0.57
CA SER A 27 11.67 -7.17 -0.12
C SER A 27 11.59 -8.68 -0.38
N ASP A 28 10.39 -9.22 -0.23
CA ASP A 28 10.18 -10.65 -0.45
C ASP A 28 9.39 -10.89 -1.73
N TYR A 29 8.72 -9.85 -2.22
CA TYR A 29 7.93 -9.95 -3.44
C TYR A 29 8.51 -9.07 -4.53
N GLU A 30 7.90 -9.14 -5.71
CA GLU A 30 8.35 -8.35 -6.86
C GLU A 30 7.77 -6.95 -6.81
N LEU A 31 8.61 -5.97 -6.50
CA LEU A 31 8.19 -4.57 -6.41
C LEU A 31 8.22 -3.91 -7.78
N LYS A 32 7.08 -3.91 -8.47
CA LYS A 32 6.97 -3.31 -9.79
C LYS A 32 6.96 -1.78 -9.69
N TYR A 33 6.27 -1.27 -8.67
CA TYR A 33 6.18 0.17 -8.47
C TYR A 33 6.26 0.51 -6.99
N CYS A 34 7.07 1.52 -6.66
CA CYS A 34 7.24 1.95 -5.28
C CYS A 34 6.94 3.43 -5.13
N PHE A 35 6.09 3.77 -4.15
CA PHE A 35 5.71 5.15 -3.91
C PHE A 35 5.60 5.43 -2.41
N VAL A 36 6.28 6.48 -1.95
CA VAL A 36 6.25 6.85 -0.54
C VAL A 36 5.92 8.33 -0.37
N ASP A 37 4.83 8.61 0.32
CA ASP A 37 4.40 9.98 0.57
C ASP A 37 4.42 10.31 2.05
N LYS A 38 5.45 11.03 2.48
CA LYS A 38 5.60 11.40 3.88
C LYS A 38 4.58 12.48 4.26
N TYR A 39 4.36 13.42 3.36
CA TYR A 39 3.41 14.51 3.59
C TYR A 39 2.13 13.99 4.23
N LYS A 40 1.35 13.23 3.45
CA LYS A 40 0.10 12.67 3.94
C LYS A 40 0.36 11.61 5.00
N GLY A 41 1.47 10.88 4.85
CA GLY A 41 1.81 9.85 5.80
C GLY A 41 1.34 8.48 5.35
N THR A 42 1.36 8.24 4.04
CA THR A 42 0.94 6.97 3.49
C THR A 42 1.89 6.51 2.40
N ALA A 43 1.84 5.22 2.07
CA ALA A 43 2.70 4.65 1.03
C ALA A 43 1.90 3.75 0.09
N PHE A 44 2.14 3.91 -1.21
CA PHE A 44 1.43 3.13 -2.22
C PHE A 44 2.41 2.23 -2.97
N VAL A 45 2.12 0.93 -2.99
CA VAL A 45 2.97 -0.03 -3.67
C VAL A 45 2.15 -0.95 -4.57
N THR A 46 2.66 -1.22 -5.77
CA THR A 46 1.97 -2.09 -6.71
C THR A 46 2.75 -3.37 -6.96
N LEU A 47 2.17 -4.50 -6.55
CA LEU A 47 2.82 -5.80 -6.74
C LEU A 47 2.51 -6.37 -8.11
N LEU A 48 3.05 -7.56 -8.39
CA LEU A 48 2.82 -8.22 -9.66
C LEU A 48 1.39 -8.76 -9.75
N ASN A 49 1.12 -9.81 -8.99
CA ASN A 49 -0.21 -10.42 -8.98
C ASN A 49 -0.99 -10.02 -7.74
N GLY A 50 -2.19 -10.56 -7.59
CA GLY A 50 -3.02 -10.25 -6.45
C GLY A 50 -2.65 -11.08 -5.23
N GLU A 51 -1.99 -12.21 -5.46
CA GLU A 51 -1.59 -13.10 -4.37
C GLU A 51 -0.62 -12.39 -3.43
N GLN A 52 0.39 -11.74 -4.00
CA GLN A 52 1.39 -11.04 -3.22
C GLN A 52 0.76 -9.87 -2.45
N ALA A 53 -0.24 -9.24 -3.08
CA ALA A 53 -0.92 -8.12 -2.46
C ALA A 53 -1.70 -8.55 -1.23
N GLU A 54 -2.44 -9.64 -1.35
CA GLU A 54 -3.24 -10.17 -0.24
C GLU A 54 -2.34 -10.58 0.92
N ALA A 55 -1.27 -11.31 0.60
CA ALA A 55 -0.32 -11.77 1.61
C ALA A 55 0.31 -10.59 2.35
N ALA A 56 0.73 -9.58 1.59
CA ALA A 56 1.35 -8.40 2.17
C ALA A 56 0.36 -7.62 3.03
N ILE A 57 -0.86 -7.45 2.51
CA ILE A 57 -1.89 -6.72 3.23
C ILE A 57 -2.33 -7.48 4.48
N ASN A 58 -2.44 -8.80 4.37
CA ASN A 58 -2.85 -9.64 5.49
C ASN A 58 -1.91 -9.45 6.68
N THR A 59 -0.60 -9.47 6.40
CA THR A 59 0.40 -9.30 7.45
C THR A 59 0.54 -7.84 7.84
N PHE A 60 0.67 -6.98 6.85
CA PHE A 60 0.81 -5.54 7.09
C PHE A 60 -0.42 -4.98 7.79
N HIS A 61 -1.57 -5.61 7.55
CA HIS A 61 -2.82 -5.19 8.16
C HIS A 61 -2.83 -5.49 9.66
N GLN A 62 -3.80 -4.92 10.36
CA GLN A 62 -3.92 -5.13 11.80
C GLN A 62 -2.55 -5.26 12.45
N SER A 63 -1.57 -4.55 11.90
CA SER A 63 -0.20 -4.60 12.43
C SER A 63 0.09 -3.37 13.29
N ARG A 64 1.24 -3.39 13.95
CA ARG A 64 1.64 -2.28 14.81
C ARG A 64 3.12 -1.95 14.61
N LEU A 65 3.45 -0.68 14.77
CA LEU A 65 4.83 -0.22 14.60
C LEU A 65 5.19 0.82 15.65
N ARG A 66 6.37 0.67 16.25
CA ARG A 66 6.83 1.60 17.28
C ARG A 66 5.69 1.97 18.23
N GLU A 67 4.93 0.97 18.65
CA GLU A 67 3.81 1.19 19.56
C GLU A 67 2.76 2.07 18.92
N ARG A 68 2.30 1.67 17.74
CA ARG A 68 1.28 2.43 17.02
C ARG A 68 0.47 1.53 16.10
N GLU A 69 -0.83 1.81 15.98
CA GLU A 69 -1.71 1.02 15.14
C GLU A 69 -1.56 1.41 13.67
N LEU A 70 -1.35 0.42 12.82
CA LEU A 70 -1.18 0.67 11.39
C LEU A 70 -2.40 0.16 10.62
N SER A 71 -2.92 1.01 9.74
CA SER A 71 -4.09 0.66 8.94
C SER A 71 -3.69 0.37 7.49
N VAL A 72 -4.04 -0.82 7.02
CA VAL A 72 -3.71 -1.23 5.66
C VAL A 72 -4.95 -1.72 4.92
N GLN A 73 -5.06 -1.37 3.64
CA GLN A 73 -6.19 -1.78 2.83
C GLN A 73 -5.82 -1.79 1.34
N LEU A 74 -6.63 -2.49 0.55
CA LEU A 74 -6.38 -2.59 -0.88
C LEU A 74 -6.54 -1.22 -1.55
N GLN A 75 -5.68 -0.94 -2.52
CA GLN A 75 -5.72 0.33 -3.24
C GLN A 75 -7.12 0.58 -3.81
N PRO A 76 -7.57 1.84 -3.72
CA PRO A 76 -8.89 2.24 -4.23
C PRO A 76 -8.96 2.22 -5.76
N THR A 77 -10.10 1.82 -6.29
CA THR A 77 -10.30 1.75 -7.72
C THR A 77 -10.47 3.15 -8.32
N ASP A 78 -10.94 4.08 -7.51
CA ASP A 78 -11.14 5.45 -7.95
C ASP A 78 -9.94 6.32 -7.60
N ALA A 79 -8.75 5.84 -7.94
CA ALA A 79 -7.52 6.58 -7.66
C ALA A 79 -7.13 7.46 -8.84
N LEU A 80 -7.29 6.92 -10.05
CA LEU A 80 -6.96 7.65 -11.26
C LEU A 80 -8.20 7.91 -12.10
N LEU A 81 -9.08 6.92 -12.19
CA LEU A 81 -10.31 7.04 -12.96
C LEU A 81 -10.00 7.50 -14.38
N CYS A 82 -8.99 6.90 -15.00
CA CYS A 82 -8.61 7.24 -16.36
C CYS A 82 -9.85 7.49 -17.23
N SER A 83 -10.83 6.61 -17.11
CA SER A 83 -12.06 6.73 -17.88
C SER A 83 -12.86 7.97 -17.45
N GLY A 84 -13.23 8.79 -18.42
CA GLY A 84 -13.99 9.99 -18.12
C GLY A 84 -15.06 10.28 -19.16
N PRO A 85 -14.63 10.75 -20.34
CA PRO A 85 -15.53 11.07 -21.44
C PRO A 85 -16.16 9.83 -22.06
N SER A 86 -15.81 8.66 -21.52
CA SER A 86 -16.34 7.40 -22.02
C SER A 86 -17.29 6.78 -21.01
N SER A 87 -18.14 5.87 -21.49
CA SER A 87 -19.12 5.20 -20.63
C SER A 87 -18.79 3.71 -20.51
N GLY A 88 -18.79 3.01 -21.64
CA GLY A 88 -18.50 1.59 -21.64
C GLY A 88 -18.90 0.92 -22.93
N GLY A 1 -15.61 -13.44 -11.46
CA GLY A 1 -14.95 -14.68 -11.10
C GLY A 1 -14.03 -14.52 -9.91
N SER A 2 -13.13 -13.55 -9.98
CA SER A 2 -12.18 -13.29 -8.89
C SER A 2 -11.43 -11.98 -9.12
N SER A 3 -11.29 -11.20 -8.06
CA SER A 3 -10.60 -9.91 -8.15
C SER A 3 -9.47 -9.84 -7.12
N GLY A 4 -8.50 -8.97 -7.38
CA GLY A 4 -7.38 -8.81 -6.48
C GLY A 4 -6.47 -7.67 -6.87
N SER A 5 -6.62 -6.53 -6.21
CA SER A 5 -5.81 -5.36 -6.49
C SER A 5 -4.38 -5.56 -6.02
N SER A 6 -3.44 -5.47 -6.95
CA SER A 6 -2.02 -5.64 -6.62
C SER A 6 -1.52 -4.48 -5.76
N GLY A 7 -2.06 -3.29 -6.01
CA GLY A 7 -1.65 -2.12 -5.25
C GLY A 7 -2.09 -2.20 -3.80
N ILE A 8 -1.34 -1.52 -2.93
CA ILE A 8 -1.65 -1.51 -1.50
C ILE A 8 -1.69 -0.09 -0.95
N LEU A 9 -2.33 0.09 0.20
CA LEU A 9 -2.43 1.39 0.83
C LEU A 9 -2.18 1.29 2.33
N ILE A 10 -1.18 2.03 2.80
CA ILE A 10 -0.84 2.03 4.21
C ILE A 10 -1.18 3.37 4.86
N ARG A 11 -1.64 3.33 6.11
CA ARG A 11 -2.00 4.53 6.84
C ARG A 11 -1.28 4.58 8.19
N GLY A 12 -0.69 5.74 8.50
CA GLY A 12 0.01 5.89 9.75
C GLY A 12 1.48 5.51 9.65
N LEU A 13 2.29 6.44 9.16
CA LEU A 13 3.72 6.19 9.00
C LEU A 13 4.52 7.07 9.95
N PRO A 14 5.70 6.57 10.37
CA PRO A 14 6.59 7.30 11.27
C PRO A 14 7.24 8.51 10.61
N GLY A 15 7.81 9.40 11.42
CA GLY A 15 8.45 10.59 10.88
C GLY A 15 9.76 10.27 10.18
N ASP A 16 10.18 9.02 10.25
CA ASP A 16 11.42 8.58 9.63
C ASP A 16 11.15 7.53 8.56
N VAL A 17 9.91 7.45 8.11
CA VAL A 17 9.52 6.49 7.10
C VAL A 17 10.16 6.81 5.75
N THR A 18 11.05 5.92 5.30
CA THR A 18 11.74 6.12 4.02
C THR A 18 11.43 4.99 3.06
N ASN A 19 11.72 5.20 1.78
CA ASN A 19 11.47 4.20 0.75
C ASN A 19 12.15 2.88 1.11
N GLN A 20 13.32 2.97 1.73
CA GLN A 20 14.07 1.79 2.13
C GLN A 20 13.26 0.93 3.09
N GLU A 21 12.50 1.59 3.96
CA GLU A 21 11.68 0.88 4.93
C GLU A 21 10.61 0.04 4.24
N VAL A 22 9.95 0.64 3.25
CA VAL A 22 8.90 -0.04 2.50
C VAL A 22 9.49 -1.15 1.63
N HIS A 23 10.62 -0.87 1.02
CA HIS A 23 11.29 -1.83 0.15
C HIS A 23 11.70 -3.07 0.93
N ASP A 24 12.34 -2.86 2.08
CA ASP A 24 12.79 -3.96 2.93
C ASP A 24 11.59 -4.79 3.42
N LEU A 25 10.50 -4.10 3.72
CA LEU A 25 9.30 -4.77 4.21
C LEU A 25 8.71 -5.69 3.13
N LEU A 26 8.76 -5.24 1.88
CA LEU A 26 8.24 -6.02 0.77
C LEU A 26 9.37 -6.46 -0.16
N SER A 27 10.54 -6.74 0.42
CA SER A 27 11.68 -7.16 -0.35
C SER A 27 11.63 -8.67 -0.64
N ASP A 28 10.44 -9.24 -0.48
CA ASP A 28 10.25 -10.67 -0.72
C ASP A 28 9.45 -10.90 -2.01
N TYR A 29 8.67 -9.89 -2.41
CA TYR A 29 7.87 -9.99 -3.61
C TYR A 29 8.45 -9.12 -4.73
N GLU A 30 7.81 -9.17 -5.90
CA GLU A 30 8.26 -8.39 -7.04
C GLU A 30 7.69 -6.97 -7.00
N LEU A 31 8.55 -6.01 -6.70
CA LEU A 31 8.14 -4.61 -6.62
C LEU A 31 8.19 -3.95 -8.01
N LYS A 32 7.05 -3.94 -8.70
CA LYS A 32 6.98 -3.35 -10.02
C LYS A 32 7.04 -1.82 -9.93
N TYR A 33 6.45 -1.28 -8.88
CA TYR A 33 6.44 0.18 -8.67
C TYR A 33 6.42 0.52 -7.18
N CYS A 34 7.29 1.43 -6.79
CA CYS A 34 7.38 1.85 -5.40
C CYS A 34 7.09 3.34 -5.25
N PHE A 35 6.18 3.67 -4.33
CA PHE A 35 5.81 5.06 -4.10
C PHE A 35 5.61 5.33 -2.61
N VAL A 36 6.29 6.35 -2.10
CA VAL A 36 6.18 6.70 -0.69
C VAL A 36 5.84 8.18 -0.53
N ASP A 37 4.72 8.45 0.14
CA ASP A 37 4.28 9.82 0.37
C ASP A 37 4.27 10.14 1.86
N LYS A 38 5.36 10.75 2.34
CA LYS A 38 5.47 11.12 3.74
C LYS A 38 4.48 12.21 4.10
N TYR A 39 4.19 13.09 3.15
CA TYR A 39 3.26 14.19 3.37
C TYR A 39 1.91 13.66 3.84
N LYS A 40 1.33 12.75 3.07
CA LYS A 40 0.04 12.16 3.41
C LYS A 40 0.20 11.05 4.44
N GLY A 41 1.40 10.94 5.00
CA GLY A 41 1.67 9.91 6.00
C GLY A 41 1.25 8.53 5.53
N THR A 42 1.32 8.31 4.22
CA THR A 42 0.94 7.02 3.65
C THR A 42 1.90 6.61 2.54
N ALA A 43 1.83 5.34 2.15
CA ALA A 43 2.70 4.82 1.09
C ALA A 43 1.95 3.85 0.20
N PHE A 44 2.04 4.06 -1.11
CA PHE A 44 1.36 3.19 -2.07
C PHE A 44 2.37 2.36 -2.86
N VAL A 45 2.17 1.05 -2.87
CA VAL A 45 3.06 0.15 -3.59
C VAL A 45 2.28 -0.78 -4.50
N THR A 46 2.80 -1.00 -5.70
CA THR A 46 2.15 -1.88 -6.67
C THR A 46 2.92 -3.18 -6.84
N LEU A 47 2.31 -4.28 -6.42
CA LEU A 47 2.94 -5.59 -6.52
C LEU A 47 2.70 -6.20 -7.90
N LEU A 48 3.22 -7.40 -8.11
CA LEU A 48 3.05 -8.11 -9.37
C LEU A 48 1.58 -8.44 -9.61
N ASN A 49 1.04 -9.35 -8.81
CA ASN A 49 -0.35 -9.76 -8.94
C ASN A 49 -1.13 -9.47 -7.65
N GLY A 50 -2.40 -9.84 -7.64
CA GLY A 50 -3.22 -9.62 -6.46
C GLY A 50 -2.89 -10.56 -5.33
N GLU A 51 -2.33 -11.72 -5.67
CA GLU A 51 -1.97 -12.71 -4.67
C GLU A 51 -0.94 -12.15 -3.69
N GLN A 52 0.05 -11.44 -4.22
CA GLN A 52 1.10 -10.84 -3.40
C GLN A 52 0.54 -9.71 -2.54
N ALA A 53 -0.46 -9.01 -3.07
CA ALA A 53 -1.08 -7.91 -2.35
C ALA A 53 -1.82 -8.41 -1.11
N GLU A 54 -2.60 -9.47 -1.27
CA GLU A 54 -3.36 -10.04 -0.17
C GLU A 54 -2.42 -10.53 0.93
N ALA A 55 -1.38 -11.25 0.54
CA ALA A 55 -0.41 -11.78 1.49
C ALA A 55 0.27 -10.65 2.26
N ALA A 56 0.70 -9.62 1.55
CA ALA A 56 1.36 -8.47 2.16
C ALA A 56 0.41 -7.72 3.08
N ILE A 57 -0.82 -7.53 2.62
CA ILE A 57 -1.82 -6.82 3.40
C ILE A 57 -2.24 -7.62 4.63
N ASN A 58 -2.36 -8.93 4.46
CA ASN A 58 -2.75 -9.81 5.56
C ASN A 58 -1.77 -9.69 6.72
N THR A 59 -0.48 -9.67 6.41
CA THR A 59 0.56 -9.55 7.42
C THR A 59 0.72 -8.11 7.88
N PHE A 60 0.83 -7.20 6.92
CA PHE A 60 0.99 -5.78 7.22
C PHE A 60 -0.22 -5.25 7.99
N HIS A 61 -1.37 -5.86 7.76
CA HIS A 61 -2.60 -5.46 8.43
C HIS A 61 -2.56 -5.80 9.91
N GLN A 62 -3.51 -5.25 10.67
CA GLN A 62 -3.57 -5.49 12.10
C GLN A 62 -2.19 -5.43 12.74
N SER A 63 -1.29 -4.69 12.10
CA SER A 63 0.07 -4.55 12.59
C SER A 63 0.21 -3.29 13.45
N ARG A 64 1.35 -3.16 14.13
CA ARG A 64 1.60 -2.00 14.99
C ARG A 64 3.05 -1.57 14.89
N LEU A 65 3.28 -0.26 14.99
CA LEU A 65 4.63 0.29 14.92
C LEU A 65 4.82 1.41 15.94
N ARG A 66 6.04 1.53 16.46
CA ARG A 66 6.35 2.56 17.45
C ARG A 66 5.20 2.73 18.44
N GLU A 67 4.55 1.62 18.79
CA GLU A 67 3.43 1.65 19.71
C GLU A 67 2.23 2.39 19.11
N ARG A 68 1.92 2.07 17.85
CA ARG A 68 0.81 2.70 17.15
C ARG A 68 0.09 1.69 16.26
N GLU A 69 -1.20 1.92 16.04
CA GLU A 69 -2.00 1.04 15.20
C GLU A 69 -1.85 1.39 13.73
N LEU A 70 -1.43 0.42 12.93
CA LEU A 70 -1.24 0.63 11.49
C LEU A 70 -2.42 0.08 10.71
N SER A 71 -2.97 0.91 9.81
CA SER A 71 -4.10 0.50 8.99
C SER A 71 -3.66 0.20 7.56
N VAL A 72 -4.03 -0.97 7.06
CA VAL A 72 -3.68 -1.38 5.72
C VAL A 72 -4.90 -1.87 4.95
N GLN A 73 -5.03 -1.43 3.70
CA GLN A 73 -6.15 -1.81 2.87
C GLN A 73 -5.75 -1.84 1.40
N LEU A 74 -6.60 -2.43 0.56
CA LEU A 74 -6.34 -2.53 -0.87
C LEU A 74 -6.44 -1.16 -1.53
N GLN A 75 -5.59 -0.93 -2.53
CA GLN A 75 -5.57 0.34 -3.25
C GLN A 75 -6.70 0.39 -4.29
N PRO A 76 -7.39 1.53 -4.36
CA PRO A 76 -8.49 1.73 -5.31
C PRO A 76 -8.00 1.82 -6.75
N THR A 77 -8.90 1.51 -7.68
CA THR A 77 -8.57 1.55 -9.10
C THR A 77 -8.54 2.98 -9.62
N ASP A 78 -7.55 3.30 -10.43
CA ASP A 78 -7.41 4.63 -11.01
C ASP A 78 -7.05 5.65 -9.92
N ALA A 79 -6.05 5.31 -9.11
CA ALA A 79 -5.61 6.19 -8.03
C ALA A 79 -4.60 7.21 -8.55
N LEU A 80 -4.67 8.43 -8.01
CA LEU A 80 -3.76 9.49 -8.42
C LEU A 80 -3.94 10.73 -7.54
N LEU A 81 -2.87 11.13 -6.87
CA LEU A 81 -2.91 12.30 -5.99
C LEU A 81 -4.18 12.31 -5.16
N CYS A 82 -4.60 11.14 -4.72
CA CYS A 82 -5.81 11.01 -3.90
C CYS A 82 -5.66 9.90 -2.87
N SER A 83 -6.40 10.00 -1.78
CA SER A 83 -6.35 9.01 -0.71
C SER A 83 -7.67 8.97 0.06
N GLY A 84 -8.30 7.81 0.09
CA GLY A 84 -9.56 7.67 0.80
C GLY A 84 -10.37 6.48 0.31
N PRO A 85 -11.15 5.89 1.22
CA PRO A 85 -11.99 4.72 0.90
C PRO A 85 -13.16 5.09 -0.01
N SER A 86 -13.22 6.36 -0.39
CA SER A 86 -14.29 6.84 -1.26
C SER A 86 -14.72 5.76 -2.26
N SER A 87 -15.82 5.09 -1.96
CA SER A 87 -16.32 4.02 -2.82
C SER A 87 -17.67 3.51 -2.33
N GLY A 88 -18.41 2.86 -3.21
CA GLY A 88 -19.71 2.32 -2.85
C GLY A 88 -19.80 0.83 -3.05
N GLY A 1 -12.80 -9.85 -5.43
CA GLY A 1 -12.87 -9.47 -6.82
C GLY A 1 -12.01 -10.35 -7.71
N SER A 2 -12.65 -11.04 -8.65
CA SER A 2 -11.94 -11.93 -9.56
C SER A 2 -11.18 -11.13 -10.61
N SER A 3 -10.09 -11.71 -11.11
CA SER A 3 -9.26 -11.05 -12.12
C SER A 3 -9.07 -9.58 -11.77
N GLY A 4 -8.84 -9.29 -10.50
CA GLY A 4 -8.64 -7.92 -10.07
C GLY A 4 -7.22 -7.45 -10.29
N SER A 5 -6.92 -6.22 -9.85
CA SER A 5 -5.59 -5.66 -10.00
C SER A 5 -4.80 -5.79 -8.71
N SER A 6 -3.53 -5.38 -8.76
CA SER A 6 -2.66 -5.46 -7.59
C SER A 6 -2.39 -4.07 -7.02
N GLY A 7 -2.23 -4.00 -5.71
CA GLY A 7 -1.97 -2.73 -5.06
C GLY A 7 -2.21 -2.78 -3.56
N ILE A 8 -1.46 -1.98 -2.81
CA ILE A 8 -1.60 -1.94 -1.36
C ILE A 8 -1.62 -0.50 -0.85
N LEU A 9 -2.27 -0.30 0.29
CA LEU A 9 -2.37 1.03 0.89
C LEU A 9 -2.11 0.97 2.39
N ILE A 10 -1.17 1.78 2.86
CA ILE A 10 -0.83 1.82 4.28
C ILE A 10 -1.11 3.20 4.87
N ARG A 11 -1.57 3.22 6.11
CA ARG A 11 -1.87 4.47 6.79
C ARG A 11 -1.15 4.56 8.13
N GLY A 12 -0.60 5.73 8.42
CA GLY A 12 0.12 5.92 9.67
C GLY A 12 1.57 5.50 9.58
N LEU A 13 2.42 6.38 9.05
CA LEU A 13 3.83 6.09 8.90
C LEU A 13 4.66 6.91 9.88
N PRO A 14 5.81 6.35 10.30
CA PRO A 14 6.71 7.01 11.24
C PRO A 14 7.41 8.22 10.64
N GLY A 15 8.24 8.89 11.43
CA GLY A 15 8.95 10.05 10.94
C GLY A 15 10.19 9.69 10.14
N ASP A 16 10.61 8.44 10.26
CA ASP A 16 11.78 7.96 9.54
C ASP A 16 11.39 7.06 8.38
N VAL A 17 10.09 7.04 8.07
CA VAL A 17 9.58 6.22 6.98
C VAL A 17 10.21 6.62 5.64
N THR A 18 11.10 5.78 5.14
CA THR A 18 11.77 6.06 3.87
C THR A 18 11.48 4.95 2.85
N ASN A 19 11.84 5.21 1.59
CA ASN A 19 11.62 4.25 0.52
C ASN A 19 12.23 2.90 0.87
N GLN A 20 13.34 2.93 1.61
CA GLN A 20 14.03 1.71 2.01
C GLN A 20 13.16 0.88 2.95
N GLU A 21 12.36 1.55 3.77
CA GLU A 21 11.48 0.87 4.72
C GLU A 21 10.41 0.07 3.98
N VAL A 22 9.81 0.68 2.97
CA VAL A 22 8.77 0.03 2.18
C VAL A 22 9.35 -1.08 1.32
N HIS A 23 10.51 -0.81 0.72
CA HIS A 23 11.17 -1.79 -0.13
C HIS A 23 11.55 -3.03 0.66
N ASP A 24 12.17 -2.83 1.82
CA ASP A 24 12.57 -3.94 2.68
C ASP A 24 11.36 -4.72 3.18
N LEU A 25 10.26 -4.00 3.40
CA LEU A 25 9.03 -4.62 3.88
C LEU A 25 8.41 -5.52 2.82
N LEU A 26 8.42 -5.04 1.57
CA LEU A 26 7.85 -5.80 0.46
C LEU A 26 8.95 -6.22 -0.51
N SER A 27 10.12 -6.55 0.02
CA SER A 27 11.25 -6.97 -0.80
C SER A 27 11.04 -8.39 -1.32
N ASP A 28 10.66 -9.29 -0.44
CA ASP A 28 10.43 -10.68 -0.82
C ASP A 28 9.75 -10.77 -2.18
N TYR A 29 8.78 -9.89 -2.41
CA TYR A 29 8.05 -9.87 -3.66
C TYR A 29 8.74 -8.96 -4.68
N GLU A 30 8.19 -8.91 -5.90
CA GLU A 30 8.75 -8.09 -6.95
C GLU A 30 8.13 -6.69 -6.94
N LEU A 31 8.91 -5.71 -6.50
CA LEU A 31 8.44 -4.33 -6.45
C LEU A 31 8.48 -3.67 -7.82
N LYS A 32 7.35 -3.68 -8.51
CA LYS A 32 7.27 -3.09 -9.85
C LYS A 32 7.21 -1.57 -9.76
N TYR A 33 6.49 -1.06 -8.76
CA TYR A 33 6.35 0.38 -8.57
C TYR A 33 6.44 0.73 -7.09
N CYS A 34 7.24 1.75 -6.78
CA CYS A 34 7.40 2.19 -5.40
C CYS A 34 7.03 3.66 -5.25
N PHE A 35 6.17 3.95 -4.27
CA PHE A 35 5.72 5.32 -4.03
C PHE A 35 5.59 5.59 -2.54
N VAL A 36 6.33 6.59 -2.05
CA VAL A 36 6.30 6.95 -0.64
C VAL A 36 5.92 8.41 -0.46
N ASP A 37 4.78 8.64 0.21
CA ASP A 37 4.31 10.00 0.45
C ASP A 37 4.28 10.31 1.95
N LYS A 38 5.34 10.91 2.45
CA LYS A 38 5.43 11.26 3.86
C LYS A 38 4.42 12.33 4.22
N TYR A 39 4.34 13.36 3.40
CA TYR A 39 3.39 14.46 3.64
C TYR A 39 2.11 13.95 4.27
N LYS A 40 1.35 13.18 3.51
CA LYS A 40 0.09 12.62 3.98
C LYS A 40 0.33 11.59 5.08
N GLY A 41 1.44 10.86 4.96
CA GLY A 41 1.78 9.85 5.95
C GLY A 41 1.38 8.45 5.50
N THR A 42 1.39 8.23 4.19
CA THR A 42 1.03 6.93 3.65
C THR A 42 1.97 6.52 2.52
N ALA A 43 1.89 5.27 2.09
CA ALA A 43 2.74 4.76 1.02
C ALA A 43 1.95 3.84 0.09
N PHE A 44 2.13 4.03 -1.21
CA PHE A 44 1.45 3.21 -2.20
C PHE A 44 2.43 2.38 -3.01
N VAL A 45 2.21 1.07 -3.04
CA VAL A 45 3.08 0.16 -3.77
C VAL A 45 2.28 -0.80 -4.64
N THR A 46 2.78 -1.07 -5.84
CA THR A 46 2.10 -1.96 -6.77
C THR A 46 2.90 -3.26 -6.96
N LEU A 47 2.30 -4.37 -6.54
CA LEU A 47 2.95 -5.67 -6.66
C LEU A 47 2.72 -6.26 -8.05
N LEU A 48 3.30 -7.44 -8.28
CA LEU A 48 3.16 -8.12 -9.57
C LEU A 48 1.76 -8.71 -9.72
N ASN A 49 1.43 -9.66 -8.85
CA ASN A 49 0.13 -10.32 -8.89
C ASN A 49 -0.77 -9.82 -7.75
N GLY A 50 -2.01 -10.29 -7.73
CA GLY A 50 -2.93 -9.88 -6.70
C GLY A 50 -2.75 -10.67 -5.42
N GLU A 51 -2.31 -11.92 -5.55
CA GLU A 51 -2.10 -12.79 -4.39
C GLU A 51 -1.07 -12.17 -3.45
N GLN A 52 0.00 -11.62 -4.01
CA GLN A 52 1.06 -11.01 -3.21
C GLN A 52 0.51 -9.84 -2.40
N ALA A 53 -0.40 -9.08 -3.00
CA ALA A 53 -0.99 -7.93 -2.33
C ALA A 53 -1.80 -8.36 -1.11
N GLU A 54 -2.61 -9.39 -1.28
CA GLU A 54 -3.44 -9.90 -0.19
C GLU A 54 -2.57 -10.42 0.95
N ALA A 55 -1.55 -11.20 0.60
CA ALA A 55 -0.63 -11.76 1.58
C ALA A 55 0.08 -10.66 2.37
N ALA A 56 0.56 -9.65 1.64
CA ALA A 56 1.26 -8.53 2.27
C ALA A 56 0.34 -7.73 3.18
N ILE A 57 -0.88 -7.47 2.69
CA ILE A 57 -1.87 -6.72 3.46
C ILE A 57 -2.34 -7.51 4.67
N ASN A 58 -2.54 -8.81 4.49
CA ASN A 58 -3.00 -9.68 5.56
C ASN A 58 -2.02 -9.63 6.74
N THR A 59 -0.74 -9.71 6.45
CA THR A 59 0.29 -9.67 7.48
C THR A 59 0.53 -8.25 7.97
N PHE A 60 0.70 -7.32 7.03
CA PHE A 60 0.94 -5.92 7.37
C PHE A 60 -0.27 -5.32 8.08
N HIS A 61 -1.44 -5.92 7.86
CA HIS A 61 -2.67 -5.46 8.48
C HIS A 61 -2.67 -5.76 9.98
N GLN A 62 -3.62 -5.15 10.70
CA GLN A 62 -3.72 -5.35 12.14
C GLN A 62 -2.35 -5.30 12.80
N SER A 63 -1.42 -4.60 12.17
CA SER A 63 -0.06 -4.48 12.69
C SER A 63 0.10 -3.19 13.50
N ARG A 64 1.21 -3.08 14.21
CA ARG A 64 1.48 -1.90 15.02
C ARG A 64 2.94 -1.48 14.90
N LEU A 65 3.21 -0.20 15.10
CA LEU A 65 4.56 0.33 15.01
C LEU A 65 4.75 1.50 15.97
N ARG A 66 5.86 1.46 16.72
CA ARG A 66 6.16 2.53 17.68
C ARG A 66 4.94 2.82 18.56
N GLU A 67 4.27 1.76 19.01
CA GLU A 67 3.10 1.91 19.86
C GLU A 67 2.02 2.74 19.16
N ARG A 68 1.77 2.42 17.89
CA ARG A 68 0.77 3.13 17.10
C ARG A 68 -0.05 2.16 16.25
N GLU A 69 -1.33 2.46 16.07
CA GLU A 69 -2.21 1.61 15.28
C GLU A 69 -2.01 1.87 13.79
N LEU A 70 -1.72 0.81 13.04
CA LEU A 70 -1.50 0.92 11.61
C LEU A 70 -2.66 0.28 10.84
N SER A 71 -3.16 1.00 9.83
CA SER A 71 -4.26 0.50 9.02
C SER A 71 -3.80 0.21 7.59
N VAL A 72 -4.00 -1.03 7.16
CA VAL A 72 -3.60 -1.43 5.81
C VAL A 72 -4.77 -2.07 5.06
N GLN A 73 -4.92 -1.70 3.80
CA GLN A 73 -6.01 -2.24 2.97
C GLN A 73 -5.63 -2.19 1.50
N LEU A 74 -6.34 -2.98 0.69
CA LEU A 74 -6.08 -3.02 -0.75
C LEU A 74 -6.36 -1.67 -1.40
N GLN A 75 -5.59 -1.34 -2.42
CA GLN A 75 -5.74 -0.07 -3.12
C GLN A 75 -7.04 -0.05 -3.93
N PRO A 76 -7.53 1.15 -4.25
CA PRO A 76 -8.76 1.32 -5.02
C PRO A 76 -8.60 0.90 -6.47
N THR A 77 -9.39 -0.08 -6.89
CA THR A 77 -9.34 -0.58 -8.25
C THR A 77 -9.11 0.56 -9.25
N ASP A 78 -10.01 1.52 -9.25
CA ASP A 78 -9.91 2.67 -10.15
C ASP A 78 -9.96 3.98 -9.37
N ALA A 79 -8.80 4.64 -9.25
CA ALA A 79 -8.73 5.90 -8.53
C ALA A 79 -8.73 7.08 -9.50
N LEU A 80 -9.75 7.93 -9.39
CA LEU A 80 -9.88 9.09 -10.25
C LEU A 80 -11.02 10.00 -9.79
N LEU A 81 -10.84 11.30 -9.95
CA LEU A 81 -11.86 12.27 -9.56
C LEU A 81 -13.23 11.86 -10.09
N CYS A 82 -14.23 11.86 -9.20
CA CYS A 82 -15.59 11.48 -9.58
C CYS A 82 -16.37 12.70 -10.06
N SER A 83 -15.71 13.57 -10.81
CA SER A 83 -16.33 14.78 -11.32
C SER A 83 -17.00 14.52 -12.67
N GLY A 84 -18.08 15.23 -12.93
CA GLY A 84 -18.80 15.06 -14.19
C GLY A 84 -20.28 14.83 -13.99
N PRO A 85 -21.03 15.92 -13.81
CA PRO A 85 -22.49 15.85 -13.60
C PRO A 85 -23.23 15.43 -14.86
N SER A 86 -24.02 14.36 -14.75
CA SER A 86 -24.79 13.84 -15.87
C SER A 86 -26.28 13.82 -15.55
N SER A 87 -27.10 13.82 -16.60
CA SER A 87 -28.55 13.81 -16.42
C SER A 87 -28.98 12.58 -15.62
N GLY A 88 -29.88 12.78 -14.67
CA GLY A 88 -30.36 11.69 -13.84
C GLY A 88 -30.82 10.51 -14.68
N GLY A 1 -6.78 -9.36 -15.33
CA GLY A 1 -7.18 -8.40 -14.33
C GLY A 1 -8.58 -7.84 -14.60
N SER A 2 -9.58 -8.51 -14.06
CA SER A 2 -10.97 -8.08 -14.24
C SER A 2 -11.52 -7.43 -12.98
N SER A 3 -11.51 -6.10 -12.95
CA SER A 3 -11.99 -5.36 -11.80
C SER A 3 -11.25 -5.77 -10.53
N GLY A 4 -9.94 -5.94 -10.65
CA GLY A 4 -9.13 -6.33 -9.51
C GLY A 4 -7.66 -5.97 -9.68
N SER A 5 -7.25 -4.88 -9.05
CA SER A 5 -5.87 -4.42 -9.14
C SER A 5 -5.04 -4.97 -7.98
N SER A 6 -3.72 -5.02 -8.17
CA SER A 6 -2.82 -5.53 -7.14
C SER A 6 -2.07 -4.39 -6.47
N GLY A 7 -2.77 -3.67 -5.59
CA GLY A 7 -2.15 -2.56 -4.89
C GLY A 7 -2.44 -2.58 -3.40
N ILE A 8 -1.70 -1.78 -2.64
CA ILE A 8 -1.88 -1.70 -1.20
C ILE A 8 -1.91 -0.26 -0.71
N LEU A 9 -2.47 -0.05 0.48
CA LEU A 9 -2.57 1.28 1.05
C LEU A 9 -2.22 1.27 2.53
N ILE A 10 -1.25 2.10 2.92
CA ILE A 10 -0.83 2.18 4.31
C ILE A 10 -1.17 3.54 4.90
N ARG A 11 -1.56 3.54 6.18
CA ARG A 11 -1.91 4.79 6.86
C ARG A 11 -1.27 4.83 8.25
N GLY A 12 -0.63 5.96 8.56
CA GLY A 12 0.01 6.11 9.85
C GLY A 12 1.47 5.72 9.82
N LEU A 13 2.28 6.51 9.13
CA LEU A 13 3.71 6.24 9.02
C LEU A 13 4.51 7.15 9.94
N PRO A 14 5.68 6.65 10.39
CA PRO A 14 6.56 7.40 11.29
C PRO A 14 7.22 8.60 10.59
N GLY A 15 7.98 9.38 11.35
CA GLY A 15 8.63 10.55 10.79
C GLY A 15 9.89 10.18 10.03
N ASP A 16 10.41 8.98 10.26
CA ASP A 16 11.61 8.51 9.59
C ASP A 16 11.27 7.53 8.47
N VAL A 17 9.97 7.41 8.18
CA VAL A 17 9.51 6.51 7.13
C VAL A 17 10.12 6.87 5.78
N THR A 18 11.03 6.02 5.31
CA THR A 18 11.70 6.26 4.03
C THR A 18 11.44 5.11 3.06
N ASN A 19 11.80 5.32 1.80
CA ASN A 19 11.60 4.30 0.77
C ASN A 19 12.25 2.97 1.19
N GLN A 20 13.36 3.06 1.91
CA GLN A 20 14.07 1.88 2.37
C GLN A 20 13.18 1.02 3.24
N GLU A 21 12.37 1.66 4.08
CA GLU A 21 11.46 0.95 4.97
C GLU A 21 10.42 0.17 4.18
N VAL A 22 9.85 0.80 3.17
CA VAL A 22 8.84 0.17 2.32
C VAL A 22 9.45 -0.91 1.46
N HIS A 23 10.65 -0.64 0.95
CA HIS A 23 11.35 -1.60 0.10
C HIS A 23 11.72 -2.86 0.88
N ASP A 24 12.28 -2.66 2.07
CA ASP A 24 12.68 -3.77 2.91
C ASP A 24 11.48 -4.59 3.36
N LEU A 25 10.38 -3.90 3.66
CA LEU A 25 9.15 -4.56 4.10
C LEU A 25 8.65 -5.53 3.04
N LEU A 26 8.78 -5.14 1.77
CA LEU A 26 8.33 -5.98 0.67
C LEU A 26 9.52 -6.44 -0.17
N SER A 27 10.65 -6.66 0.48
CA SER A 27 11.87 -7.10 -0.21
C SER A 27 11.82 -8.60 -0.48
N ASP A 28 10.65 -9.20 -0.29
CA ASP A 28 10.46 -10.63 -0.52
C ASP A 28 9.64 -10.88 -1.77
N TYR A 29 8.87 -9.88 -2.18
CA TYR A 29 8.02 -9.99 -3.36
C TYR A 29 8.54 -9.10 -4.49
N GLU A 30 7.97 -9.26 -5.68
CA GLU A 30 8.37 -8.48 -6.83
C GLU A 30 7.78 -7.07 -6.77
N LEU A 31 8.63 -6.09 -6.48
CA LEU A 31 8.20 -4.70 -6.39
C LEU A 31 8.16 -4.05 -7.76
N LYS A 32 7.00 -4.08 -8.40
CA LYS A 32 6.84 -3.48 -9.72
C LYS A 32 6.92 -1.96 -9.64
N TYR A 33 6.29 -1.39 -8.63
CA TYR A 33 6.29 0.06 -8.43
C TYR A 33 6.35 0.41 -6.96
N CYS A 34 7.23 1.35 -6.61
CA CYS A 34 7.39 1.79 -5.23
C CYS A 34 7.08 3.27 -5.09
N PHE A 35 6.23 3.60 -4.12
CA PHE A 35 5.85 4.99 -3.88
C PHE A 35 5.74 5.27 -2.38
N VAL A 36 6.30 6.39 -1.95
CA VAL A 36 6.26 6.78 -0.55
C VAL A 36 5.92 8.25 -0.39
N ASP A 37 4.80 8.52 0.27
CA ASP A 37 4.36 9.90 0.49
C ASP A 37 4.36 10.24 1.98
N LYS A 38 5.38 10.98 2.40
CA LYS A 38 5.49 11.38 3.81
C LYS A 38 4.48 12.46 4.15
N TYR A 39 4.36 13.46 3.27
CA TYR A 39 3.43 14.55 3.49
C TYR A 39 2.15 14.06 4.16
N LYS A 40 1.36 13.27 3.43
CA LYS A 40 0.12 12.73 3.96
C LYS A 40 0.39 11.71 5.05
N GLY A 41 1.47 10.94 4.89
CA GLY A 41 1.82 9.93 5.88
C GLY A 41 1.38 8.54 5.46
N THR A 42 1.30 8.31 4.15
CA THR A 42 0.88 7.01 3.63
C THR A 42 1.87 6.51 2.58
N ALA A 43 1.76 5.22 2.26
CA ALA A 43 2.63 4.62 1.27
C ALA A 43 1.87 3.67 0.35
N PHE A 44 2.04 3.83 -0.95
CA PHE A 44 1.36 3.00 -1.94
C PHE A 44 2.36 2.17 -2.75
N VAL A 45 2.18 0.86 -2.74
CA VAL A 45 3.07 -0.04 -3.47
C VAL A 45 2.27 -0.98 -4.36
N THR A 46 2.69 -1.10 -5.62
CA THR A 46 2.02 -1.97 -6.58
C THR A 46 2.82 -3.24 -6.81
N LEU A 47 2.27 -4.37 -6.38
CA LEU A 47 2.94 -5.66 -6.55
C LEU A 47 2.63 -6.26 -7.92
N LEU A 48 3.16 -7.45 -8.17
CA LEU A 48 2.94 -8.13 -9.44
C LEU A 48 1.46 -8.46 -9.63
N ASN A 49 0.96 -9.42 -8.86
CA ASN A 49 -0.44 -9.82 -8.95
C ASN A 49 -1.14 -9.63 -7.60
N GLY A 50 -2.43 -9.95 -7.57
CA GLY A 50 -3.20 -9.81 -6.34
C GLY A 50 -2.76 -10.79 -5.26
N GLU A 51 -2.15 -11.89 -5.69
CA GLU A 51 -1.68 -12.91 -4.76
C GLU A 51 -0.70 -12.32 -3.75
N GLN A 52 0.28 -11.58 -4.25
CA GLN A 52 1.28 -10.97 -3.39
C GLN A 52 0.68 -9.82 -2.58
N ALA A 53 -0.27 -9.12 -3.19
CA ALA A 53 -0.93 -8.00 -2.53
C ALA A 53 -1.73 -8.47 -1.31
N GLU A 54 -2.49 -9.55 -1.49
CA GLU A 54 -3.30 -10.10 -0.42
C GLU A 54 -2.42 -10.60 0.73
N ALA A 55 -1.38 -11.34 0.38
CA ALA A 55 -0.46 -11.87 1.37
C ALA A 55 0.21 -10.76 2.16
N ALA A 56 0.62 -9.71 1.46
CA ALA A 56 1.27 -8.57 2.10
C ALA A 56 0.29 -7.79 2.97
N ILE A 57 -0.91 -7.56 2.45
CA ILE A 57 -1.93 -6.83 3.18
C ILE A 57 -2.40 -7.61 4.41
N ASN A 58 -2.54 -8.93 4.24
CA ASN A 58 -2.98 -9.79 5.32
C ASN A 58 -2.07 -9.63 6.55
N THR A 59 -0.77 -9.68 6.32
CA THR A 59 0.20 -9.55 7.39
C THR A 59 0.38 -8.08 7.80
N PHE A 60 0.57 -7.22 6.81
CA PHE A 60 0.74 -5.79 7.07
C PHE A 60 -0.47 -5.21 7.79
N HIS A 61 -1.64 -5.81 7.54
CA HIS A 61 -2.88 -5.36 8.16
C HIS A 61 -2.89 -5.68 9.65
N GLN A 62 -3.75 -5.00 10.39
CA GLN A 62 -3.86 -5.22 11.83
C GLN A 62 -2.48 -5.25 12.48
N SER A 63 -1.52 -4.56 11.87
CA SER A 63 -0.16 -4.53 12.38
C SER A 63 0.08 -3.26 13.19
N ARG A 64 1.23 -3.20 13.87
CA ARG A 64 1.58 -2.04 14.67
C ARG A 64 3.07 -1.74 14.58
N LEU A 65 3.43 -0.48 14.76
CA LEU A 65 4.83 -0.06 14.69
C LEU A 65 5.11 1.05 15.70
N ARG A 66 6.33 1.05 16.23
CA ARG A 66 6.73 2.05 17.21
C ARG A 66 5.57 2.41 18.13
N GLU A 67 4.80 1.40 18.53
CA GLU A 67 3.66 1.61 19.42
C GLU A 67 2.60 2.48 18.73
N ARG A 68 2.18 2.07 17.54
CA ARG A 68 1.18 2.81 16.79
C ARG A 68 0.33 1.87 15.94
N GLU A 69 -0.94 2.21 15.78
CA GLU A 69 -1.86 1.39 14.98
C GLU A 69 -1.68 1.66 13.50
N LEU A 70 -1.41 0.60 12.74
CA LEU A 70 -1.22 0.72 11.30
C LEU A 70 -2.42 0.17 10.54
N SER A 71 -2.94 0.95 9.60
CA SER A 71 -4.09 0.54 8.81
C SER A 71 -3.66 0.16 7.39
N VAL A 72 -4.01 -1.06 6.99
CA VAL A 72 -3.66 -1.55 5.66
C VAL A 72 -4.89 -2.09 4.93
N GLN A 73 -5.06 -1.68 3.68
CA GLN A 73 -6.19 -2.13 2.88
C GLN A 73 -5.87 -2.07 1.39
N LEU A 74 -6.63 -2.83 0.60
CA LEU A 74 -6.42 -2.86 -0.85
C LEU A 74 -6.63 -1.48 -1.47
N GLN A 75 -5.79 -1.14 -2.44
CA GLN A 75 -5.88 0.15 -3.11
C GLN A 75 -7.21 0.28 -3.86
N PRO A 76 -7.69 1.52 -3.98
CA PRO A 76 -8.96 1.82 -4.67
C PRO A 76 -8.86 1.59 -6.18
N THR A 77 -10.01 1.46 -6.83
CA THR A 77 -10.06 1.24 -8.27
C THR A 77 -9.03 2.11 -8.99
N ASP A 78 -9.19 3.42 -8.86
CA ASP A 78 -8.28 4.36 -9.50
C ASP A 78 -7.54 5.20 -8.45
N ALA A 79 -6.36 4.73 -8.06
CA ALA A 79 -5.55 5.43 -7.07
C ALA A 79 -5.13 6.80 -7.58
N LEU A 80 -4.36 6.82 -8.66
CA LEU A 80 -3.89 8.06 -9.26
C LEU A 80 -4.02 8.04 -10.77
N LEU A 81 -4.86 8.92 -11.30
CA LEU A 81 -5.08 9.00 -12.74
C LEU A 81 -4.51 10.30 -13.31
N CYS A 82 -3.44 10.19 -14.08
CA CYS A 82 -2.80 11.36 -14.68
C CYS A 82 -2.07 10.97 -15.97
N SER A 83 -2.24 11.79 -17.00
CA SER A 83 -1.60 11.53 -18.28
C SER A 83 -0.52 12.58 -18.57
N GLY A 84 -0.91 13.84 -18.53
CA GLY A 84 0.03 14.92 -18.79
C GLY A 84 -0.26 15.65 -20.08
N PRO A 85 0.41 15.24 -21.17
CA PRO A 85 0.24 15.85 -22.49
C PRO A 85 -1.12 15.54 -23.10
N SER A 86 -1.62 16.45 -23.94
CA SER A 86 -2.92 16.27 -24.58
C SER A 86 -2.78 15.41 -25.84
N SER A 87 -1.82 15.76 -26.68
CA SER A 87 -1.60 15.02 -27.93
C SER A 87 -0.19 14.42 -27.94
N GLY A 88 -0.14 13.09 -28.01
CA GLY A 88 1.14 12.40 -28.03
C GLY A 88 1.55 11.99 -29.43
N GLY A 1 -8.07 -19.01 -7.41
CA GLY A 1 -8.64 -18.57 -6.15
C GLY A 1 -8.00 -17.30 -5.63
N SER A 2 -8.14 -16.21 -6.37
CA SER A 2 -7.56 -14.94 -5.98
C SER A 2 -8.48 -13.78 -6.36
N SER A 3 -8.56 -12.79 -5.48
CA SER A 3 -9.41 -11.62 -5.72
C SER A 3 -8.77 -10.36 -5.15
N GLY A 4 -9.31 -9.21 -5.54
CA GLY A 4 -8.78 -7.94 -5.06
C GLY A 4 -7.90 -7.26 -6.09
N SER A 5 -6.73 -6.81 -5.66
CA SER A 5 -5.79 -6.13 -6.55
C SER A 5 -4.35 -6.41 -6.13
N SER A 6 -3.40 -5.82 -6.87
CA SER A 6 -1.99 -6.00 -6.58
C SER A 6 -1.44 -4.83 -5.77
N GLY A 7 -1.97 -3.64 -6.05
CA GLY A 7 -1.52 -2.45 -5.35
C GLY A 7 -2.01 -2.40 -3.91
N ILE A 8 -1.11 -2.05 -3.00
CA ILE A 8 -1.45 -1.97 -1.57
C ILE A 8 -1.30 -0.54 -1.05
N LEU A 9 -1.96 -0.26 0.05
CA LEU A 9 -1.90 1.07 0.66
C LEU A 9 -1.64 0.97 2.16
N ILE A 10 -0.70 1.76 2.65
CA ILE A 10 -0.37 1.77 4.07
C ILE A 10 -0.83 3.05 4.75
N ARG A 11 -1.25 2.93 6.01
CA ARG A 11 -1.73 4.08 6.75
C ARG A 11 -0.93 4.25 8.04
N GLY A 12 -0.62 5.50 8.39
CA GLY A 12 0.13 5.77 9.60
C GLY A 12 1.60 5.39 9.46
N LEU A 13 2.38 6.27 8.83
CA LEU A 13 3.80 6.01 8.64
C LEU A 13 4.64 6.78 9.67
N PRO A 14 5.80 6.21 10.02
CA PRO A 14 6.72 6.84 10.99
C PRO A 14 7.38 8.09 10.44
N GLY A 15 7.81 8.97 11.34
CA GLY A 15 8.45 10.21 10.92
C GLY A 15 9.71 9.96 10.11
N ASP A 16 10.30 8.78 10.28
CA ASP A 16 11.52 8.42 9.55
C ASP A 16 11.21 7.42 8.44
N VAL A 17 9.95 7.38 8.01
CA VAL A 17 9.53 6.47 6.95
C VAL A 17 10.19 6.83 5.62
N THR A 18 11.09 5.96 5.16
CA THR A 18 11.80 6.19 3.91
C THR A 18 11.53 5.05 2.92
N ASN A 19 11.89 5.28 1.66
CA ASN A 19 11.68 4.28 0.62
C ASN A 19 12.33 2.95 1.02
N GLN A 20 13.43 3.03 1.75
CA GLN A 20 14.13 1.83 2.19
C GLN A 20 13.26 1.00 3.12
N GLU A 21 12.50 1.67 3.98
CA GLU A 21 11.62 0.97 4.92
C GLU A 21 10.53 0.21 4.17
N VAL A 22 9.93 0.84 3.17
CA VAL A 22 8.88 0.22 2.39
C VAL A 22 9.43 -0.89 1.51
N HIS A 23 10.62 -0.67 0.95
CA HIS A 23 11.27 -1.66 0.10
C HIS A 23 11.59 -2.93 0.88
N ASP A 24 12.18 -2.77 2.05
CA ASP A 24 12.53 -3.90 2.90
C ASP A 24 11.29 -4.66 3.34
N LEU A 25 10.22 -3.92 3.62
CA LEU A 25 8.97 -4.53 4.05
C LEU A 25 8.43 -5.48 2.99
N LEU A 26 8.51 -5.07 1.73
CA LEU A 26 8.03 -5.89 0.63
C LEU A 26 9.19 -6.37 -0.24
N SER A 27 10.31 -6.68 0.41
CA SER A 27 11.50 -7.14 -0.31
C SER A 27 11.42 -8.64 -0.56
N ASP A 28 10.21 -9.19 -0.48
CA ASP A 28 9.99 -10.61 -0.70
C ASP A 28 9.29 -10.86 -2.03
N TYR A 29 8.53 -9.86 -2.48
CA TYR A 29 7.79 -9.97 -3.73
C TYR A 29 8.42 -9.07 -4.80
N GLU A 30 7.82 -9.08 -5.99
CA GLU A 30 8.31 -8.27 -7.10
C GLU A 30 7.78 -6.84 -7.01
N LEU A 31 8.64 -5.91 -6.65
CA LEU A 31 8.25 -4.51 -6.53
C LEU A 31 8.40 -3.79 -7.87
N LYS A 32 7.31 -3.72 -8.62
CA LYS A 32 7.32 -3.05 -9.92
C LYS A 32 7.26 -1.54 -9.76
N TYR A 33 6.54 -1.09 -8.75
CA TYR A 33 6.40 0.35 -8.48
C TYR A 33 6.39 0.62 -6.98
N CYS A 34 7.19 1.59 -6.56
CA CYS A 34 7.28 1.95 -5.15
C CYS A 34 7.03 3.44 -4.95
N PHE A 35 6.14 3.78 -4.03
CA PHE A 35 5.81 5.17 -3.75
C PHE A 35 5.66 5.41 -2.25
N VAL A 36 6.28 6.47 -1.76
CA VAL A 36 6.22 6.81 -0.34
C VAL A 36 5.75 8.24 -0.14
N ASP A 37 4.71 8.41 0.67
CA ASP A 37 4.16 9.74 0.95
C ASP A 37 4.31 10.08 2.43
N LYS A 38 5.20 11.02 2.73
CA LYS A 38 5.43 11.44 4.11
C LYS A 38 4.40 12.49 4.54
N TYR A 39 3.94 13.27 3.58
CA TYR A 39 2.95 14.32 3.85
C TYR A 39 1.67 13.72 4.43
N LYS A 40 0.99 12.92 3.62
CA LYS A 40 -0.25 12.28 4.06
C LYS A 40 0.03 11.21 5.11
N GLY A 41 1.20 10.60 5.04
CA GLY A 41 1.57 9.57 6.00
C GLY A 41 1.17 8.19 5.54
N THR A 42 1.24 7.95 4.23
CA THR A 42 0.88 6.67 3.66
C THR A 42 1.88 6.25 2.58
N ALA A 43 1.79 4.99 2.15
CA ALA A 43 2.69 4.47 1.12
C ALA A 43 1.91 3.62 0.12
N PHE A 44 2.12 3.90 -1.17
CA PHE A 44 1.44 3.16 -2.23
C PHE A 44 2.45 2.33 -3.03
N VAL A 45 2.19 1.02 -3.11
CA VAL A 45 3.07 0.11 -3.84
C VAL A 45 2.26 -0.80 -4.76
N THR A 46 2.75 -0.97 -5.99
CA THR A 46 2.08 -1.83 -6.95
C THR A 46 2.82 -3.16 -7.12
N LEU A 47 2.17 -4.24 -6.70
CA LEU A 47 2.76 -5.56 -6.81
C LEU A 47 2.52 -6.16 -8.20
N LEU A 48 3.00 -7.38 -8.40
CA LEU A 48 2.84 -8.06 -9.68
C LEU A 48 1.47 -8.71 -9.80
N ASN A 49 1.20 -9.65 -8.91
CA ASN A 49 -0.09 -10.35 -8.91
C ASN A 49 -0.96 -9.87 -7.75
N GLY A 50 -2.17 -10.40 -7.67
CA GLY A 50 -3.09 -10.02 -6.61
C GLY A 50 -2.84 -10.80 -5.33
N GLU A 51 -2.37 -12.04 -5.47
CA GLU A 51 -2.10 -12.88 -4.32
C GLU A 51 -1.06 -12.24 -3.40
N GLN A 52 -0.02 -11.67 -4.01
CA GLN A 52 1.04 -11.02 -3.24
C GLN A 52 0.49 -9.87 -2.41
N ALA A 53 -0.53 -9.19 -2.94
CA ALA A 53 -1.14 -8.07 -2.25
C ALA A 53 -1.88 -8.53 -1.00
N GLU A 54 -2.67 -9.60 -1.14
CA GLU A 54 -3.42 -10.13 -0.01
C GLU A 54 -2.49 -10.57 1.11
N ALA A 55 -1.43 -11.28 0.75
CA ALA A 55 -0.46 -11.76 1.73
C ALA A 55 0.19 -10.60 2.47
N ALA A 56 0.58 -9.57 1.72
CA ALA A 56 1.22 -8.39 2.30
C ALA A 56 0.24 -7.63 3.19
N ILE A 57 -0.98 -7.47 2.72
CA ILE A 57 -2.01 -6.76 3.47
C ILE A 57 -2.40 -7.53 4.73
N ASN A 58 -2.51 -8.85 4.59
CA ASN A 58 -2.88 -9.71 5.71
C ASN A 58 -1.90 -9.55 6.86
N THR A 59 -0.61 -9.57 6.54
CA THR A 59 0.44 -9.44 7.56
C THR A 59 0.59 -7.98 7.98
N PHE A 60 0.71 -7.09 7.00
CA PHE A 60 0.87 -5.67 7.27
C PHE A 60 -0.31 -5.14 8.07
N HIS A 61 -1.49 -5.67 7.79
CA HIS A 61 -2.70 -5.24 8.49
C HIS A 61 -2.63 -5.61 9.97
N GLN A 62 -3.55 -5.05 10.76
CA GLN A 62 -3.60 -5.32 12.19
C GLN A 62 -2.20 -5.28 12.79
N SER A 63 -1.31 -4.54 12.15
CA SER A 63 0.07 -4.42 12.63
C SER A 63 0.26 -3.15 13.45
N ARG A 64 1.43 -3.02 14.06
CA ARG A 64 1.74 -1.86 14.88
C ARG A 64 3.19 -1.42 14.69
N LEU A 65 3.45 -0.14 14.94
CA LEU A 65 4.80 0.40 14.80
C LEU A 65 5.01 1.58 15.73
N ARG A 66 6.09 1.52 16.52
CA ARG A 66 6.40 2.59 17.46
C ARG A 66 5.23 2.85 18.40
N GLU A 67 4.54 1.78 18.80
CA GLU A 67 3.41 1.90 19.70
C GLU A 67 2.27 2.66 19.03
N ARG A 68 1.91 2.22 17.81
CA ARG A 68 0.83 2.86 17.07
C ARG A 68 0.14 1.85 16.17
N GLU A 69 -1.18 2.04 15.98
CA GLU A 69 -1.96 1.14 15.14
C GLU A 69 -1.79 1.50 13.66
N LEU A 70 -1.34 0.53 12.88
CA LEU A 70 -1.14 0.73 11.45
C LEU A 70 -2.32 0.21 10.64
N SER A 71 -2.81 1.02 9.71
CA SER A 71 -3.94 0.64 8.88
C SER A 71 -3.48 0.31 7.45
N VAL A 72 -4.11 -0.69 6.86
CA VAL A 72 -3.78 -1.11 5.50
C VAL A 72 -5.02 -1.51 4.72
N GLN A 73 -5.08 -1.11 3.45
CA GLN A 73 -6.21 -1.42 2.60
C GLN A 73 -5.78 -1.59 1.15
N LEU A 74 -6.61 -2.25 0.35
CA LEU A 74 -6.31 -2.47 -1.05
C LEU A 74 -6.30 -1.16 -1.83
N GLN A 75 -5.41 -1.07 -2.82
CA GLN A 75 -5.30 0.14 -3.63
C GLN A 75 -6.57 0.34 -4.46
N PRO A 76 -6.95 1.61 -4.63
CA PRO A 76 -8.14 1.98 -5.40
C PRO A 76 -7.97 1.73 -6.89
N THR A 77 -8.73 0.77 -7.42
CA THR A 77 -8.66 0.43 -8.84
C THR A 77 -8.99 1.63 -9.70
N ASP A 78 -7.97 2.40 -10.05
CA ASP A 78 -8.15 3.59 -10.89
C ASP A 78 -8.90 4.67 -10.13
N ALA A 79 -8.48 4.94 -8.90
CA ALA A 79 -9.11 5.95 -8.08
C ALA A 79 -9.46 7.19 -8.89
N LEU A 80 -8.45 7.78 -9.53
CA LEU A 80 -8.65 8.97 -10.35
C LEU A 80 -9.04 8.59 -11.77
N LEU A 81 -9.70 9.51 -12.47
CA LEU A 81 -10.13 9.27 -13.84
C LEU A 81 -9.95 10.52 -14.69
N CYS A 82 -9.87 10.35 -16.00
CA CYS A 82 -9.70 11.46 -16.93
C CYS A 82 -10.96 12.31 -16.97
N SER A 83 -12.10 11.67 -17.22
CA SER A 83 -13.37 12.38 -17.30
C SER A 83 -13.52 13.35 -16.14
N GLY A 84 -14.50 14.26 -16.26
CA GLY A 84 -14.73 15.24 -15.22
C GLY A 84 -16.11 15.85 -15.29
N PRO A 85 -16.32 16.95 -14.57
CA PRO A 85 -17.61 17.65 -14.54
C PRO A 85 -17.93 18.35 -15.86
N SER A 86 -18.55 17.60 -16.77
CA SER A 86 -18.92 18.15 -18.08
C SER A 86 -20.39 17.89 -18.38
N SER A 87 -20.95 18.69 -19.29
CA SER A 87 -22.35 18.55 -19.67
C SER A 87 -22.57 17.27 -20.46
N GLY A 88 -23.68 16.60 -20.21
CA GLY A 88 -24.00 15.37 -20.92
C GLY A 88 -23.07 14.23 -20.53
N GLY A 1 -12.17 -7.75 -11.51
CA GLY A 1 -13.41 -7.05 -11.72
C GLY A 1 -13.36 -6.12 -12.92
N SER A 2 -13.55 -4.82 -12.68
CA SER A 2 -13.52 -3.82 -13.74
C SER A 2 -12.18 -3.09 -13.77
N SER A 3 -11.70 -2.71 -12.59
CA SER A 3 -10.44 -1.99 -12.48
C SER A 3 -9.82 -2.19 -11.10
N GLY A 4 -8.55 -2.58 -11.06
CA GLY A 4 -7.87 -2.80 -9.81
C GLY A 4 -7.56 -4.27 -9.57
N SER A 5 -6.28 -4.63 -9.64
CA SER A 5 -5.85 -6.01 -9.43
C SER A 5 -4.73 -6.08 -8.40
N SER A 6 -3.70 -5.26 -8.60
CA SER A 6 -2.56 -5.24 -7.69
C SER A 6 -2.37 -3.84 -7.10
N GLY A 7 -2.03 -3.79 -5.82
CA GLY A 7 -1.81 -2.51 -5.16
C GLY A 7 -2.21 -2.54 -3.69
N ILE A 8 -1.53 -1.75 -2.88
CA ILE A 8 -1.81 -1.69 -1.46
C ILE A 8 -1.82 -0.24 -0.96
N LEU A 9 -2.46 -0.02 0.19
CA LEU A 9 -2.54 1.31 0.77
C LEU A 9 -2.29 1.26 2.28
N ILE A 10 -1.33 2.06 2.74
CA ILE A 10 -1.00 2.11 4.16
C ILE A 10 -1.32 3.48 4.75
N ARG A 11 -1.90 3.49 5.94
CA ARG A 11 -2.26 4.72 6.62
C ARG A 11 -1.59 4.80 7.99
N GLY A 12 -1.03 5.97 8.30
CA GLY A 12 -0.36 6.15 9.58
C GLY A 12 1.10 5.75 9.54
N LEU A 13 1.95 6.64 9.04
CA LEU A 13 3.38 6.37 8.95
C LEU A 13 4.17 7.37 9.78
N PRO A 14 5.35 6.95 10.25
CA PRO A 14 6.23 7.79 11.06
C PRO A 14 6.86 8.91 10.25
N GLY A 15 7.78 9.65 10.87
CA GLY A 15 8.43 10.75 10.19
C GLY A 15 9.75 10.33 9.55
N ASP A 16 10.10 9.06 9.69
CA ASP A 16 11.33 8.54 9.12
C ASP A 16 11.04 7.52 8.04
N VAL A 17 9.76 7.26 7.80
CA VAL A 17 9.34 6.30 6.78
C VAL A 17 9.89 6.68 5.42
N THR A 18 10.85 5.90 4.94
CA THR A 18 11.47 6.15 3.64
C THR A 18 11.22 4.99 2.69
N ASN A 19 11.56 5.19 1.41
CA ASN A 19 11.38 4.17 0.40
C ASN A 19 12.10 2.88 0.78
N GLN A 20 13.24 3.03 1.45
CA GLN A 20 14.04 1.88 1.88
C GLN A 20 13.25 1.00 2.84
N GLU A 21 12.41 1.63 3.65
CA GLU A 21 11.59 0.90 4.63
C GLU A 21 10.60 -0.01 3.92
N VAL A 22 9.93 0.51 2.90
CA VAL A 22 8.96 -0.27 2.14
C VAL A 22 9.65 -1.34 1.30
N HIS A 23 10.79 -0.99 0.72
CA HIS A 23 11.54 -1.92 -0.11
C HIS A 23 11.99 -3.12 0.70
N ASP A 24 12.55 -2.88 1.87
CA ASP A 24 13.03 -3.94 2.74
C ASP A 24 11.86 -4.80 3.23
N LEU A 25 10.75 -4.14 3.55
CA LEU A 25 9.56 -4.85 4.04
C LEU A 25 9.00 -5.76 2.96
N LEU A 26 9.00 -5.29 1.72
CA LEU A 26 8.50 -6.06 0.60
C LEU A 26 9.63 -6.55 -0.29
N SER A 27 10.77 -6.85 0.33
CA SER A 27 11.94 -7.33 -0.41
C SER A 27 11.83 -8.83 -0.69
N ASP A 28 10.63 -9.38 -0.52
CA ASP A 28 10.40 -10.79 -0.74
C ASP A 28 9.58 -11.01 -2.01
N TYR A 29 8.81 -10.00 -2.40
CA TYR A 29 7.98 -10.08 -3.59
C TYR A 29 8.55 -9.21 -4.71
N GLU A 30 7.82 -9.15 -5.83
CA GLU A 30 8.25 -8.36 -6.97
C GLU A 30 7.70 -6.94 -6.87
N LEU A 31 8.58 -5.98 -6.62
CA LEU A 31 8.19 -4.58 -6.50
C LEU A 31 8.31 -3.87 -7.84
N LYS A 32 7.22 -3.84 -8.58
CA LYS A 32 7.19 -3.18 -9.89
C LYS A 32 7.18 -1.66 -9.74
N TYR A 33 6.48 -1.18 -8.72
CA TYR A 33 6.38 0.25 -8.46
C TYR A 33 6.36 0.54 -6.96
N CYS A 34 7.19 1.49 -6.55
CA CYS A 34 7.26 1.86 -5.13
C CYS A 34 6.99 3.35 -4.94
N PHE A 35 6.08 3.66 -4.03
CA PHE A 35 5.72 5.05 -3.76
C PHE A 35 5.51 5.27 -2.25
N VAL A 36 6.29 6.19 -1.68
CA VAL A 36 6.19 6.49 -0.26
C VAL A 36 5.97 7.98 -0.04
N ASP A 37 4.85 8.32 0.60
CA ASP A 37 4.53 9.71 0.88
C ASP A 37 4.48 9.97 2.38
N LYS A 38 5.59 10.44 2.94
CA LYS A 38 5.68 10.73 4.37
C LYS A 38 4.75 11.88 4.75
N TYR A 39 4.80 12.96 3.97
CA TYR A 39 3.97 14.12 4.23
C TYR A 39 2.61 13.70 4.77
N LYS A 40 1.80 13.07 3.92
CA LYS A 40 0.47 12.61 4.32
C LYS A 40 0.56 11.49 5.34
N GLY A 41 1.65 10.72 5.27
CA GLY A 41 1.84 9.62 6.21
C GLY A 41 1.31 8.31 5.65
N THR A 42 1.37 8.15 4.33
CA THR A 42 0.90 6.94 3.69
C THR A 42 1.86 6.47 2.60
N ALA A 43 1.77 5.20 2.24
CA ALA A 43 2.64 4.63 1.22
C ALA A 43 1.86 3.72 0.27
N PHE A 44 2.06 3.92 -1.03
CA PHE A 44 1.37 3.12 -2.03
C PHE A 44 2.36 2.26 -2.82
N VAL A 45 2.13 0.95 -2.80
CA VAL A 45 2.99 0.01 -3.51
C VAL A 45 2.19 -0.87 -4.46
N THR A 46 2.76 -1.15 -5.63
CA THR A 46 2.10 -1.97 -6.64
C THR A 46 2.88 -3.26 -6.88
N LEU A 47 2.24 -4.39 -6.62
CA LEU A 47 2.87 -5.70 -6.81
C LEU A 47 2.48 -6.29 -8.16
N LEU A 48 3.09 -7.43 -8.50
CA LEU A 48 2.80 -8.10 -9.75
C LEU A 48 1.35 -8.57 -9.81
N ASN A 49 1.05 -9.62 -9.04
CA ASN A 49 -0.30 -10.16 -9.00
C ASN A 49 -1.02 -9.75 -7.72
N GLY A 50 -2.23 -10.27 -7.53
CA GLY A 50 -3.00 -9.94 -6.34
C GLY A 50 -2.63 -10.80 -5.15
N GLU A 51 -2.08 -11.98 -5.42
CA GLU A 51 -1.69 -12.90 -4.36
C GLU A 51 -0.69 -12.25 -3.42
N GLN A 52 0.32 -11.58 -4.00
CA GLN A 52 1.35 -10.91 -3.21
C GLN A 52 0.76 -9.74 -2.44
N ALA A 53 -0.12 -8.99 -3.09
CA ALA A 53 -0.75 -7.84 -2.45
C ALA A 53 -1.57 -8.26 -1.23
N GLU A 54 -2.34 -9.34 -1.39
CA GLU A 54 -3.17 -9.84 -0.30
C GLU A 54 -2.30 -10.38 0.84
N ALA A 55 -1.27 -11.15 0.48
CA ALA A 55 -0.37 -11.72 1.47
C ALA A 55 0.31 -10.63 2.29
N ALA A 56 0.81 -9.61 1.60
CA ALA A 56 1.50 -8.50 2.26
C ALA A 56 0.54 -7.71 3.13
N ILE A 57 -0.66 -7.44 2.61
CA ILE A 57 -1.66 -6.70 3.34
C ILE A 57 -2.15 -7.47 4.56
N ASN A 58 -2.33 -8.78 4.38
CA ASN A 58 -2.79 -9.64 5.47
C ASN A 58 -1.88 -9.52 6.68
N THR A 59 -0.57 -9.57 6.44
CA THR A 59 0.40 -9.46 7.53
C THR A 59 0.58 -8.02 7.98
N PHE A 60 0.76 -7.13 7.01
CA PHE A 60 0.94 -5.71 7.31
C PHE A 60 -0.31 -5.13 7.97
N HIS A 61 -1.44 -5.78 7.75
CA HIS A 61 -2.71 -5.34 8.33
C HIS A 61 -2.73 -5.59 9.84
N GLN A 62 -3.73 -5.02 10.51
CA GLN A 62 -3.87 -5.18 11.95
C GLN A 62 -2.50 -5.27 12.62
N SER A 63 -1.54 -4.51 12.08
CA SER A 63 -0.19 -4.51 12.63
C SER A 63 0.03 -3.28 13.51
N ARG A 64 1.24 -3.16 14.05
CA ARG A 64 1.58 -2.04 14.91
C ARG A 64 3.01 -1.56 14.65
N LEU A 65 3.25 -0.28 14.89
CA LEU A 65 4.57 0.30 14.68
C LEU A 65 4.83 1.45 15.65
N ARG A 66 5.95 1.37 16.37
CA ARG A 66 6.32 2.39 17.34
C ARG A 66 5.18 2.63 18.34
N GLU A 67 4.52 1.55 18.73
CA GLU A 67 3.41 1.64 19.66
C GLU A 67 2.25 2.43 19.08
N ARG A 68 1.83 2.05 17.88
CA ARG A 68 0.73 2.73 17.20
C ARG A 68 -0.01 1.77 16.27
N GLU A 69 -1.32 1.96 16.15
CA GLU A 69 -2.15 1.12 15.30
C GLU A 69 -2.04 1.54 13.83
N LEU A 70 -1.65 0.61 12.97
CA LEU A 70 -1.50 0.88 11.55
C LEU A 70 -2.64 0.26 10.76
N SER A 71 -3.23 1.04 9.87
CA SER A 71 -4.33 0.57 9.04
C SER A 71 -3.87 0.32 7.60
N VAL A 72 -4.12 -0.89 7.11
CA VAL A 72 -3.72 -1.25 5.75
C VAL A 72 -4.90 -1.85 4.99
N GLN A 73 -5.05 -1.44 3.74
CA GLN A 73 -6.13 -1.94 2.90
C GLN A 73 -5.78 -1.82 1.41
N LEU A 74 -6.49 -2.55 0.58
CA LEU A 74 -6.25 -2.53 -0.87
C LEU A 74 -6.47 -1.13 -1.43
N GLN A 75 -5.62 -0.74 -2.38
CA GLN A 75 -5.73 0.57 -3.01
C GLN A 75 -7.06 0.72 -3.74
N PRO A 76 -7.60 1.94 -3.75
CA PRO A 76 -8.86 2.24 -4.42
C PRO A 76 -8.75 2.18 -5.94
N THR A 77 -9.90 2.20 -6.61
CA THR A 77 -9.93 2.16 -8.07
C THR A 77 -9.26 3.38 -8.68
N ASP A 78 -9.55 4.55 -8.11
CA ASP A 78 -8.98 5.79 -8.60
C ASP A 78 -8.50 6.66 -7.44
N ALA A 79 -7.32 7.26 -7.60
CA ALA A 79 -6.75 8.11 -6.57
C ALA A 79 -6.29 9.44 -7.16
N LEU A 80 -7.06 9.97 -8.10
CA LEU A 80 -6.73 11.24 -8.75
C LEU A 80 -7.34 12.41 -7.99
N LEU A 81 -8.66 12.35 -7.79
CA LEU A 81 -9.38 13.41 -7.08
C LEU A 81 -9.40 13.14 -5.58
N CYS A 82 -10.06 12.05 -5.19
CA CYS A 82 -10.16 11.68 -3.78
C CYS A 82 -8.81 11.17 -3.27
N SER A 83 -8.31 11.81 -2.22
CA SER A 83 -7.03 11.42 -1.62
C SER A 83 -7.10 10.01 -1.04
N GLY A 84 -8.21 9.72 -0.35
CA GLY A 84 -8.38 8.42 0.25
C GLY A 84 -9.51 7.62 -0.39
N PRO A 85 -9.53 6.31 -0.13
CA PRO A 85 -10.56 5.41 -0.68
C PRO A 85 -11.93 5.67 -0.07
N SER A 86 -11.94 6.23 1.14
CA SER A 86 -13.20 6.51 1.83
C SER A 86 -13.16 7.89 2.48
N SER A 87 -14.01 8.79 2.02
CA SER A 87 -14.07 10.15 2.55
C SER A 87 -15.41 10.39 3.24
N GLY A 88 -15.54 11.57 3.84
CA GLY A 88 -16.76 11.93 4.53
C GLY A 88 -17.99 11.76 3.66
N GLY A 1 -14.06 -5.66 -12.23
CA GLY A 1 -13.90 -7.02 -12.70
C GLY A 1 -14.36 -8.04 -11.68
N SER A 2 -13.42 -8.56 -10.90
CA SER A 2 -13.73 -9.56 -9.88
C SER A 2 -12.74 -9.49 -8.73
N SER A 3 -13.12 -10.08 -7.59
CA SER A 3 -12.26 -10.08 -6.42
C SER A 3 -10.81 -10.35 -6.80
N GLY A 4 -9.88 -9.79 -6.03
CA GLY A 4 -8.47 -9.98 -6.31
C GLY A 4 -7.89 -8.88 -7.18
N SER A 5 -7.08 -8.02 -6.57
CA SER A 5 -6.47 -6.91 -7.29
C SER A 5 -5.13 -6.54 -6.67
N SER A 6 -4.22 -6.02 -7.49
CA SER A 6 -2.90 -5.62 -7.02
C SER A 6 -2.94 -4.23 -6.40
N GLY A 7 -1.80 -3.76 -5.93
CA GLY A 7 -1.72 -2.45 -5.31
C GLY A 7 -2.12 -2.48 -3.85
N ILE A 8 -1.35 -1.79 -3.01
CA ILE A 8 -1.64 -1.74 -1.58
C ILE A 8 -1.62 -0.30 -1.06
N LEU A 9 -2.23 -0.09 0.09
CA LEU A 9 -2.26 1.25 0.70
C LEU A 9 -2.06 1.16 2.20
N ILE A 10 -1.13 1.96 2.72
CA ILE A 10 -0.85 1.98 4.14
C ILE A 10 -1.17 3.34 4.76
N ARG A 11 -1.72 3.31 5.97
CA ARG A 11 -2.09 4.55 6.66
C ARG A 11 -1.43 4.61 8.04
N GLY A 12 -0.85 5.77 8.36
CA GLY A 12 -0.20 5.93 9.65
C GLY A 12 1.26 5.56 9.61
N LEU A 13 2.09 6.48 9.13
CA LEU A 13 3.53 6.25 9.03
C LEU A 13 4.29 7.17 9.97
N PRO A 14 5.45 6.70 10.47
CA PRO A 14 6.30 7.47 11.38
C PRO A 14 6.97 8.65 10.68
N GLY A 15 7.68 9.46 11.46
CA GLY A 15 8.37 10.61 10.91
C GLY A 15 9.69 10.25 10.27
N ASP A 16 10.10 8.99 10.43
CA ASP A 16 11.36 8.52 9.86
C ASP A 16 11.11 7.54 8.71
N VAL A 17 9.84 7.34 8.38
CA VAL A 17 9.47 6.42 7.31
C VAL A 17 10.16 6.79 6.00
N THR A 18 11.02 5.90 5.52
CA THR A 18 11.75 6.13 4.29
C THR A 18 11.44 5.06 3.26
N ASN A 19 11.83 5.31 2.01
CA ASN A 19 11.60 4.36 0.93
C ASN A 19 12.21 3.01 1.25
N GLN A 20 13.32 3.02 1.99
CA GLN A 20 14.00 1.79 2.38
C GLN A 20 13.11 0.92 3.27
N GLU A 21 12.31 1.58 4.11
CA GLU A 21 11.42 0.87 5.01
C GLU A 21 10.37 0.08 4.24
N VAL A 22 9.78 0.70 3.23
CA VAL A 22 8.76 0.06 2.41
C VAL A 22 9.37 -1.02 1.52
N HIS A 23 10.55 -0.74 0.99
CA HIS A 23 11.24 -1.68 0.11
C HIS A 23 11.64 -2.94 0.90
N ASP A 24 12.21 -2.74 2.08
CA ASP A 24 12.63 -3.85 2.93
C ASP A 24 11.43 -4.67 3.39
N LEU A 25 10.33 -3.98 3.67
CA LEU A 25 9.11 -4.63 4.12
C LEU A 25 8.55 -5.57 3.05
N LEU A 26 8.67 -5.14 1.80
CA LEU A 26 8.18 -5.94 0.67
C LEU A 26 9.34 -6.43 -0.19
N SER A 27 10.47 -6.71 0.45
CA SER A 27 11.65 -7.19 -0.26
C SER A 27 11.56 -8.69 -0.52
N ASP A 28 10.35 -9.24 -0.38
CA ASP A 28 10.13 -10.65 -0.61
C ASP A 28 9.35 -10.88 -1.90
N TYR A 29 8.62 -9.87 -2.34
CA TYR A 29 7.85 -9.96 -3.56
C TYR A 29 8.41 -9.05 -4.64
N GLU A 30 7.84 -9.12 -5.84
CA GLU A 30 8.28 -8.31 -6.96
C GLU A 30 7.72 -6.89 -6.86
N LEU A 31 8.58 -5.94 -6.57
CA LEU A 31 8.15 -4.54 -6.45
C LEU A 31 8.21 -3.83 -7.80
N LYS A 32 7.09 -3.85 -8.52
CA LYS A 32 7.00 -3.22 -9.83
C LYS A 32 7.03 -1.69 -9.69
N TYR A 33 6.48 -1.20 -8.60
CA TYR A 33 6.44 0.24 -8.35
C TYR A 33 6.26 0.53 -6.86
N CYS A 34 7.09 1.44 -6.34
CA CYS A 34 7.03 1.81 -4.94
C CYS A 34 6.88 3.32 -4.77
N PHE A 35 5.90 3.73 -3.98
CA PHE A 35 5.65 5.15 -3.74
C PHE A 35 5.45 5.43 -2.26
N VAL A 36 6.29 6.30 -1.71
CA VAL A 36 6.20 6.65 -0.30
C VAL A 36 5.89 8.14 -0.12
N ASP A 37 4.77 8.43 0.54
CA ASP A 37 4.36 9.81 0.78
C ASP A 37 4.50 10.16 2.24
N LYS A 38 5.45 11.05 2.54
CA LYS A 38 5.70 11.48 3.92
C LYS A 38 4.79 12.65 4.29
N TYR A 39 4.18 13.27 3.27
CA TYR A 39 3.29 14.41 3.49
C TYR A 39 1.95 13.94 4.07
N LYS A 40 1.27 13.08 3.32
CA LYS A 40 -0.03 12.55 3.75
C LYS A 40 0.15 11.49 4.83
N GLY A 41 1.34 10.90 4.89
CA GLY A 41 1.61 9.88 5.88
C GLY A 41 1.19 8.50 5.42
N THR A 42 1.30 8.25 4.12
CA THR A 42 0.92 6.96 3.55
C THR A 42 1.89 6.54 2.45
N ALA A 43 1.85 5.25 2.10
CA ALA A 43 2.73 4.72 1.06
C ALA A 43 1.96 3.82 0.10
N PHE A 44 2.14 4.05 -1.19
CA PHE A 44 1.46 3.26 -2.21
C PHE A 44 2.47 2.41 -3.00
N VAL A 45 2.23 1.10 -3.05
CA VAL A 45 3.10 0.20 -3.77
C VAL A 45 2.30 -0.73 -4.68
N THR A 46 2.81 -0.95 -5.89
CA THR A 46 2.15 -1.80 -6.86
C THR A 46 2.89 -3.13 -7.03
N LEU A 47 2.24 -4.23 -6.66
CA LEU A 47 2.84 -5.55 -6.77
C LEU A 47 2.57 -6.16 -8.15
N LEU A 48 3.12 -7.34 -8.38
CA LEU A 48 2.93 -8.04 -9.64
C LEU A 48 1.53 -8.66 -9.72
N ASN A 49 1.28 -9.65 -8.87
CA ASN A 49 -0.01 -10.33 -8.84
C ASN A 49 -0.85 -9.84 -7.67
N GLY A 50 -2.07 -10.36 -7.57
CA GLY A 50 -2.95 -9.98 -6.48
C GLY A 50 -2.70 -10.77 -5.22
N GLU A 51 -2.23 -12.00 -5.38
CA GLU A 51 -1.94 -12.87 -4.24
C GLU A 51 -0.93 -12.21 -3.30
N GLN A 52 0.12 -11.64 -3.89
CA GLN A 52 1.16 -10.99 -3.10
C GLN A 52 0.59 -9.79 -2.33
N ALA A 53 -0.30 -9.05 -2.97
CA ALA A 53 -0.92 -7.89 -2.35
C ALA A 53 -1.75 -8.29 -1.14
N GLU A 54 -2.57 -9.33 -1.31
CA GLU A 54 -3.41 -9.82 -0.23
C GLU A 54 -2.57 -10.38 0.91
N ALA A 55 -1.57 -11.18 0.55
CA ALA A 55 -0.69 -11.78 1.55
C ALA A 55 0.03 -10.72 2.37
N ALA A 56 0.52 -9.68 1.70
CA ALA A 56 1.23 -8.60 2.36
C ALA A 56 0.28 -7.78 3.25
N ILE A 57 -0.91 -7.50 2.73
CA ILE A 57 -1.90 -6.74 3.47
C ILE A 57 -2.42 -7.52 4.67
N ASN A 58 -2.63 -8.82 4.47
CA ASN A 58 -3.13 -9.69 5.53
C ASN A 58 -2.23 -9.60 6.76
N THR A 59 -0.92 -9.72 6.54
CA THR A 59 0.05 -9.65 7.63
C THR A 59 0.30 -8.22 8.07
N PHE A 60 0.55 -7.34 7.10
CA PHE A 60 0.79 -5.94 7.38
C PHE A 60 -0.40 -5.29 8.06
N HIS A 61 -1.58 -5.85 7.80
CA HIS A 61 -2.81 -5.33 8.39
C HIS A 61 -2.86 -5.60 9.90
N GLN A 62 -3.76 -4.92 10.59
CA GLN A 62 -3.91 -5.10 12.02
C GLN A 62 -2.54 -5.19 12.70
N SER A 63 -1.54 -4.57 12.10
CA SER A 63 -0.18 -4.59 12.64
C SER A 63 0.12 -3.31 13.40
N ARG A 64 1.32 -3.23 13.97
CA ARG A 64 1.73 -2.06 14.72
C ARG A 64 3.21 -1.74 14.49
N LEU A 65 3.55 -0.47 14.57
CA LEU A 65 4.93 -0.04 14.37
C LEU A 65 5.31 1.08 15.34
N ARG A 66 6.56 1.05 15.80
CA ARG A 66 7.04 2.06 16.74
C ARG A 66 5.94 2.46 17.73
N GLU A 67 5.21 1.46 18.22
CA GLU A 67 4.12 1.71 19.17
C GLU A 67 3.02 2.54 18.52
N ARG A 68 2.51 2.05 17.39
CA ARG A 68 1.44 2.74 16.68
C ARG A 68 0.63 1.76 15.82
N GLU A 69 -0.66 2.02 15.71
CA GLU A 69 -1.55 1.17 14.93
C GLU A 69 -1.44 1.49 13.44
N LEU A 70 -1.13 0.47 12.64
CA LEU A 70 -1.00 0.64 11.20
C LEU A 70 -2.23 0.11 10.48
N SER A 71 -2.76 0.92 9.56
CA SER A 71 -3.94 0.54 8.79
C SER A 71 -3.57 0.22 7.35
N VAL A 72 -3.87 -1.01 6.93
CA VAL A 72 -3.57 -1.44 5.57
C VAL A 72 -4.85 -1.86 4.84
N GLN A 73 -4.91 -1.53 3.55
CA GLN A 73 -6.06 -1.87 2.73
C GLN A 73 -5.69 -1.96 1.25
N LEU A 74 -6.54 -2.63 0.47
CA LEU A 74 -6.28 -2.78 -0.95
C LEU A 74 -6.37 -1.44 -1.68
N GLN A 75 -5.51 -1.25 -2.66
CA GLN A 75 -5.49 -0.01 -3.42
C GLN A 75 -6.60 0.00 -4.47
N PRO A 76 -7.27 1.16 -4.61
CA PRO A 76 -8.36 1.32 -5.57
C PRO A 76 -7.88 1.31 -7.02
N THR A 77 -8.70 0.75 -7.91
CA THR A 77 -8.36 0.67 -9.31
C THR A 77 -7.69 1.95 -9.79
N ASP A 78 -8.19 3.08 -9.31
CA ASP A 78 -7.63 4.38 -9.68
C ASP A 78 -7.43 5.27 -8.46
N ALA A 79 -6.18 5.62 -8.18
CA ALA A 79 -5.85 6.46 -7.04
C ALA A 79 -5.32 7.81 -7.49
N LEU A 80 -4.38 7.79 -8.43
CA LEU A 80 -3.78 9.01 -8.95
C LEU A 80 -4.86 10.04 -9.29
N LEU A 81 -4.65 11.27 -8.82
CA LEU A 81 -5.61 12.35 -9.08
C LEU A 81 -5.16 13.20 -10.27
N CYS A 82 -4.68 12.53 -11.30
CA CYS A 82 -4.22 13.22 -12.51
C CYS A 82 -5.01 12.76 -13.74
N SER A 83 -6.14 13.41 -13.98
CA SER A 83 -6.98 13.05 -15.13
C SER A 83 -6.18 13.09 -16.42
N GLY A 84 -6.35 12.06 -17.24
CA GLY A 84 -5.64 11.99 -18.51
C GLY A 84 -5.96 10.72 -19.28
N PRO A 85 -5.57 10.71 -20.57
CA PRO A 85 -5.81 9.55 -21.45
C PRO A 85 -4.94 8.36 -21.07
N SER A 86 -5.51 7.15 -21.16
CA SER A 86 -4.79 5.93 -20.83
C SER A 86 -5.37 4.74 -21.59
N SER A 87 -4.49 4.01 -22.27
CA SER A 87 -4.90 2.84 -23.04
C SER A 87 -4.92 1.59 -22.17
N GLY A 88 -5.96 0.78 -22.32
CA GLY A 88 -6.07 -0.45 -21.54
C GLY A 88 -5.05 -1.49 -21.97
N GLY A 1 -13.25 -12.28 -13.26
CA GLY A 1 -13.41 -12.31 -11.82
C GLY A 1 -12.53 -11.29 -11.12
N SER A 2 -11.22 -11.42 -11.30
CA SER A 2 -10.26 -10.52 -10.68
C SER A 2 -9.04 -10.33 -11.56
N SER A 3 -8.78 -9.09 -11.97
CA SER A 3 -7.64 -8.79 -12.82
C SER A 3 -6.58 -8.01 -12.04
N GLY A 4 -6.98 -6.88 -11.47
CA GLY A 4 -6.06 -6.06 -10.72
C GLY A 4 -6.08 -6.38 -9.23
N SER A 5 -6.58 -5.44 -8.43
CA SER A 5 -6.65 -5.62 -6.99
C SER A 5 -5.27 -5.95 -6.41
N SER A 6 -4.25 -5.27 -6.92
CA SER A 6 -2.88 -5.49 -6.47
C SER A 6 -2.42 -4.34 -5.58
N GLY A 7 -2.34 -3.14 -6.16
CA GLY A 7 -1.91 -1.97 -5.42
C GLY A 7 -2.37 -2.01 -3.98
N ILE A 8 -1.55 -1.47 -3.08
CA ILE A 8 -1.88 -1.44 -1.66
C ILE A 8 -1.83 -0.02 -1.11
N LEU A 9 -2.41 0.18 0.06
CA LEU A 9 -2.43 1.49 0.70
C LEU A 9 -2.20 1.36 2.21
N ILE A 10 -1.23 2.11 2.71
CA ILE A 10 -0.91 2.10 4.13
C ILE A 10 -1.17 3.45 4.77
N ARG A 11 -1.88 3.43 5.90
CA ARG A 11 -2.20 4.66 6.62
C ARG A 11 -1.51 4.70 7.98
N GLY A 12 -0.95 5.86 8.32
CA GLY A 12 -0.28 6.01 9.60
C GLY A 12 1.20 5.67 9.51
N LEU A 13 2.00 6.62 9.04
CA LEU A 13 3.44 6.42 8.90
C LEU A 13 4.22 7.38 9.78
N PRO A 14 5.38 6.94 10.28
CA PRO A 14 6.24 7.75 11.14
C PRO A 14 6.89 8.91 10.37
N GLY A 15 7.54 9.81 11.12
CA GLY A 15 8.20 10.94 10.49
C GLY A 15 9.56 10.58 9.93
N ASP A 16 9.92 9.31 10.00
CA ASP A 16 11.20 8.84 9.49
C ASP A 16 11.00 7.79 8.39
N VAL A 17 9.74 7.49 8.10
CA VAL A 17 9.41 6.50 7.08
C VAL A 17 10.12 6.82 5.76
N THR A 18 11.01 5.92 5.34
CA THR A 18 11.74 6.11 4.10
C THR A 18 11.47 4.99 3.12
N ASN A 19 11.87 5.18 1.87
CA ASN A 19 11.67 4.18 0.83
C ASN A 19 12.25 2.84 1.25
N GLN A 20 13.34 2.88 2.01
CA GLN A 20 13.99 1.67 2.48
C GLN A 20 13.06 0.86 3.37
N GLU A 21 12.22 1.56 4.13
CA GLU A 21 11.28 0.90 5.03
C GLU A 21 10.27 0.06 4.24
N VAL A 22 9.72 0.66 3.18
CA VAL A 22 8.74 -0.03 2.35
C VAL A 22 9.39 -1.15 1.55
N HIS A 23 10.59 -0.89 1.04
CA HIS A 23 11.32 -1.88 0.26
C HIS A 23 11.66 -3.11 1.10
N ASP A 24 12.20 -2.86 2.29
CA ASP A 24 12.57 -3.94 3.20
C ASP A 24 11.35 -4.72 3.64
N LEU A 25 10.24 -4.02 3.85
CA LEU A 25 8.99 -4.65 4.29
C LEU A 25 8.46 -5.58 3.20
N LEU A 26 8.64 -5.18 1.95
CA LEU A 26 8.17 -5.98 0.82
C LEU A 26 9.34 -6.48 -0.02
N SER A 27 10.45 -6.79 0.65
CA SER A 27 11.64 -7.27 -0.03
C SER A 27 11.55 -8.77 -0.29
N ASP A 28 10.35 -9.32 -0.11
CA ASP A 28 10.13 -10.75 -0.32
C ASP A 28 9.35 -10.99 -1.61
N TYR A 29 8.60 -9.99 -2.05
CA TYR A 29 7.81 -10.09 -3.27
C TYR A 29 8.42 -9.24 -4.38
N GLU A 30 7.76 -9.23 -5.53
CA GLU A 30 8.24 -8.46 -6.68
C GLU A 30 7.68 -7.04 -6.66
N LEU A 31 8.55 -6.08 -6.38
CA LEU A 31 8.14 -4.67 -6.33
C LEU A 31 8.24 -4.02 -7.71
N LYS A 32 7.12 -3.95 -8.41
CA LYS A 32 7.08 -3.34 -9.73
C LYS A 32 7.14 -1.83 -9.64
N TYR A 33 6.48 -1.28 -8.63
CA TYR A 33 6.45 0.17 -8.43
C TYR A 33 6.50 0.51 -6.94
N CYS A 34 7.37 1.47 -6.59
CA CYS A 34 7.51 1.89 -5.20
C CYS A 34 7.25 3.39 -5.07
N PHE A 35 6.33 3.74 -4.16
CA PHE A 35 5.99 5.13 -3.92
C PHE A 35 5.78 5.41 -2.43
N VAL A 36 6.51 6.38 -1.90
CA VAL A 36 6.40 6.74 -0.49
C VAL A 36 6.01 8.20 -0.33
N ASP A 37 4.85 8.44 0.28
CA ASP A 37 4.36 9.80 0.50
C ASP A 37 4.26 10.09 2.00
N LYS A 38 5.29 10.73 2.53
CA LYS A 38 5.33 11.08 3.95
C LYS A 38 4.41 12.26 4.23
N TYR A 39 4.36 13.21 3.30
CA TYR A 39 3.52 14.40 3.46
C TYR A 39 2.16 14.03 4.05
N LYS A 40 1.44 13.15 3.34
CA LYS A 40 0.12 12.71 3.80
C LYS A 40 0.25 11.67 4.90
N GLY A 41 1.36 10.94 4.90
CA GLY A 41 1.58 9.93 5.91
C GLY A 41 1.15 8.55 5.44
N THR A 42 1.26 8.31 4.14
CA THR A 42 0.87 7.02 3.58
C THR A 42 1.84 6.59 2.48
N ALA A 43 1.88 5.29 2.20
CA ALA A 43 2.77 4.76 1.18
C ALA A 43 1.99 3.89 0.19
N PHE A 44 2.19 4.15 -1.10
CA PHE A 44 1.51 3.40 -2.15
C PHE A 44 2.49 2.51 -2.91
N VAL A 45 2.20 1.22 -2.94
CA VAL A 45 3.06 0.26 -3.63
C VAL A 45 2.24 -0.66 -4.53
N THR A 46 2.77 -0.95 -5.72
CA THR A 46 2.09 -1.81 -6.68
C THR A 46 2.85 -3.11 -6.87
N LEU A 47 2.20 -4.23 -6.55
CA LEU A 47 2.81 -5.55 -6.69
C LEU A 47 2.52 -6.14 -8.07
N LEU A 48 3.11 -7.30 -8.34
CA LEU A 48 2.92 -7.97 -9.62
C LEU A 48 1.48 -8.48 -9.76
N ASN A 49 1.16 -9.52 -9.00
CA ASN A 49 -0.18 -10.10 -9.04
C ASN A 49 -0.97 -9.72 -7.79
N GLY A 50 -2.18 -10.27 -7.68
CA GLY A 50 -3.01 -9.98 -6.53
C GLY A 50 -2.71 -10.87 -5.34
N GLU A 51 -2.12 -12.02 -5.61
CA GLU A 51 -1.76 -12.96 -4.55
C GLU A 51 -0.78 -12.34 -3.57
N GLN A 52 0.20 -11.62 -4.09
CA GLN A 52 1.21 -10.96 -3.27
C GLN A 52 0.60 -9.80 -2.49
N ALA A 53 -0.31 -9.07 -3.14
CA ALA A 53 -0.96 -7.94 -2.51
C ALA A 53 -1.76 -8.36 -1.29
N GLU A 54 -2.54 -9.43 -1.43
CA GLU A 54 -3.35 -9.95 -0.33
C GLU A 54 -2.47 -10.48 0.79
N ALA A 55 -1.44 -11.23 0.42
CA ALA A 55 -0.52 -11.80 1.39
C ALA A 55 0.19 -10.72 2.19
N ALA A 56 0.62 -9.67 1.50
CA ALA A 56 1.31 -8.55 2.15
C ALA A 56 0.36 -7.78 3.06
N ILE A 57 -0.84 -7.52 2.56
CA ILE A 57 -1.85 -6.79 3.34
C ILE A 57 -2.30 -7.59 4.54
N ASN A 58 -2.47 -8.90 4.35
CA ASN A 58 -2.91 -9.78 5.44
C ASN A 58 -1.96 -9.68 6.63
N THR A 59 -0.66 -9.70 6.36
CA THR A 59 0.34 -9.62 7.41
C THR A 59 0.52 -8.18 7.88
N PHE A 60 0.69 -7.27 6.92
CA PHE A 60 0.87 -5.85 7.24
C PHE A 60 -0.35 -5.29 7.97
N HIS A 61 -1.51 -5.92 7.75
CA HIS A 61 -2.74 -5.49 8.38
C HIS A 61 -2.73 -5.81 9.87
N GLN A 62 -3.54 -5.09 10.64
CA GLN A 62 -3.62 -5.30 12.08
C GLN A 62 -2.23 -5.38 12.70
N SER A 63 -1.27 -4.73 12.05
CA SER A 63 0.11 -4.73 12.53
C SER A 63 0.39 -3.50 13.39
N ARG A 64 1.57 -3.45 13.99
CA ARG A 64 1.96 -2.34 14.83
C ARG A 64 3.37 -1.87 14.51
N LEU A 65 3.65 -0.60 14.79
CA LEU A 65 4.96 -0.02 14.52
C LEU A 65 5.29 1.08 15.52
N ARG A 66 6.51 1.05 16.05
CA ARG A 66 6.95 2.05 17.01
C ARG A 66 5.84 2.37 18.01
N GLU A 67 5.08 1.34 18.38
CA GLU A 67 3.99 1.51 19.34
C GLU A 67 2.84 2.30 18.71
N ARG A 68 2.39 1.86 17.54
CA ARG A 68 1.30 2.53 16.85
C ARG A 68 0.55 1.55 15.95
N GLU A 69 -0.76 1.75 15.85
CA GLU A 69 -1.61 0.88 15.02
C GLU A 69 -1.51 1.27 13.55
N LEU A 70 -1.16 0.29 12.71
CA LEU A 70 -1.03 0.53 11.28
C LEU A 70 -2.26 0.02 10.53
N SER A 71 -2.81 0.87 9.66
CA SER A 71 -3.99 0.52 8.88
C SER A 71 -3.61 0.20 7.44
N VAL A 72 -3.90 -1.02 7.02
CA VAL A 72 -3.60 -1.45 5.65
C VAL A 72 -4.85 -1.94 4.94
N GLN A 73 -5.01 -1.52 3.68
CA GLN A 73 -6.17 -1.91 2.89
C GLN A 73 -5.86 -1.82 1.40
N LEU A 74 -6.64 -2.54 0.59
CA LEU A 74 -6.45 -2.53 -0.85
C LEU A 74 -6.64 -1.14 -1.42
N GLN A 75 -5.83 -0.79 -2.42
CA GLN A 75 -5.92 0.51 -3.06
C GLN A 75 -7.36 0.89 -3.35
N PRO A 76 -7.71 2.16 -3.12
CA PRO A 76 -9.06 2.68 -3.34
C PRO A 76 -9.41 2.76 -4.82
N THR A 77 -10.19 1.79 -5.29
CA THR A 77 -10.60 1.74 -6.70
C THR A 77 -11.04 3.11 -7.18
N ASP A 78 -10.98 3.31 -8.50
CA ASP A 78 -11.36 4.59 -9.09
C ASP A 78 -10.78 5.76 -8.31
N ALA A 79 -9.53 5.61 -7.89
CA ALA A 79 -8.85 6.66 -7.14
C ALA A 79 -8.52 7.85 -8.02
N LEU A 80 -8.00 7.57 -9.21
CA LEU A 80 -7.64 8.64 -10.16
C LEU A 80 -8.83 8.99 -11.04
N LEU A 81 -9.33 8.01 -11.78
CA LEU A 81 -10.46 8.23 -12.67
C LEU A 81 -11.69 8.67 -11.88
N CYS A 82 -12.66 9.23 -12.60
CA CYS A 82 -13.90 9.70 -11.97
C CYS A 82 -15.11 9.43 -12.85
N SER A 83 -16.29 9.45 -12.26
CA SER A 83 -17.52 9.21 -13.00
C SER A 83 -18.56 10.28 -12.70
N GLY A 84 -19.55 10.41 -13.58
CA GLY A 84 -20.59 11.40 -13.39
C GLY A 84 -21.59 11.00 -12.31
N PRO A 85 -22.11 12.00 -11.59
CA PRO A 85 -23.08 11.78 -10.51
C PRO A 85 -24.43 11.30 -11.04
N SER A 86 -24.61 9.99 -11.07
CA SER A 86 -25.85 9.40 -11.56
C SER A 86 -27.05 10.02 -10.84
N SER A 87 -27.03 9.98 -9.51
CA SER A 87 -28.10 10.51 -8.69
C SER A 87 -27.59 10.99 -7.35
N GLY A 88 -27.72 12.28 -7.09
CA GLY A 88 -27.26 12.84 -5.83
C GLY A 88 -26.36 14.05 -6.02
N GLY A 1 -9.09 -17.18 -1.53
CA GLY A 1 -10.22 -16.44 -2.05
C GLY A 1 -10.08 -16.15 -3.53
N SER A 2 -9.82 -14.89 -3.87
CA SER A 2 -9.67 -14.48 -5.26
C SER A 2 -8.86 -13.20 -5.37
N SER A 3 -8.29 -12.96 -6.54
CA SER A 3 -7.48 -11.77 -6.78
C SER A 3 -8.37 -10.58 -7.11
N GLY A 4 -7.77 -9.39 -7.14
CA GLY A 4 -8.52 -8.18 -7.45
C GLY A 4 -7.62 -6.97 -7.63
N SER A 5 -7.20 -6.37 -6.52
CA SER A 5 -6.34 -5.20 -6.55
C SER A 5 -4.93 -5.55 -6.10
N SER A 6 -3.95 -5.31 -6.96
CA SER A 6 -2.56 -5.60 -6.64
C SER A 6 -1.96 -4.50 -5.76
N GLY A 7 -2.34 -3.26 -6.03
CA GLY A 7 -1.84 -2.15 -5.25
C GLY A 7 -2.24 -2.23 -3.79
N ILE A 8 -1.49 -1.54 -2.94
CA ILE A 8 -1.77 -1.55 -1.51
C ILE A 8 -1.84 -0.13 -0.96
N LEU A 9 -2.41 0.01 0.25
CA LEU A 9 -2.53 1.31 0.88
C LEU A 9 -2.23 1.23 2.38
N ILE A 10 -1.27 2.02 2.82
CA ILE A 10 -0.89 2.03 4.23
C ILE A 10 -1.12 3.41 4.85
N ARG A 11 -1.58 3.42 6.08
CA ARG A 11 -1.84 4.67 6.79
C ARG A 11 -1.17 4.67 8.17
N GLY A 12 -0.63 5.83 8.56
CA GLY A 12 0.03 5.94 9.85
C GLY A 12 1.49 5.57 9.77
N LEU A 13 2.29 6.44 9.16
CA LEU A 13 3.72 6.20 9.03
C LEU A 13 4.52 7.11 9.96
N PRO A 14 5.70 6.64 10.38
CA PRO A 14 6.58 7.40 11.28
C PRO A 14 7.20 8.62 10.59
N GLY A 15 7.99 9.37 11.34
CA GLY A 15 8.63 10.56 10.79
C GLY A 15 9.89 10.23 10.02
N ASP A 16 10.37 8.99 10.15
CA ASP A 16 11.57 8.56 9.47
C ASP A 16 11.23 7.65 8.29
N VAL A 17 9.95 7.38 8.11
CA VAL A 17 9.49 6.51 7.02
C VAL A 17 10.16 6.88 5.71
N THR A 18 11.06 6.01 5.24
CA THR A 18 11.78 6.24 4.00
C THR A 18 11.49 5.14 2.99
N ASN A 19 11.94 5.34 1.76
CA ASN A 19 11.74 4.36 0.69
C ASN A 19 12.31 3.01 1.09
N GLN A 20 13.38 3.03 1.87
CA GLN A 20 14.03 1.81 2.32
C GLN A 20 13.11 0.99 3.21
N GLU A 21 12.29 1.68 4.00
CA GLU A 21 11.36 1.03 4.90
C GLU A 21 10.33 0.22 4.13
N VAL A 22 9.78 0.82 3.07
CA VAL A 22 8.78 0.16 2.24
C VAL A 22 9.40 -0.98 1.44
N HIS A 23 10.61 -0.75 0.93
CA HIS A 23 11.32 -1.76 0.14
C HIS A 23 11.66 -2.96 1.00
N ASP A 24 12.22 -2.71 2.17
CA ASP A 24 12.60 -3.79 3.09
C ASP A 24 11.38 -4.57 3.55
N LEU A 25 10.27 -3.86 3.76
CA LEU A 25 9.04 -4.48 4.20
C LEU A 25 8.51 -5.46 3.15
N LEU A 26 8.58 -5.06 1.89
CA LEU A 26 8.12 -5.90 0.80
C LEU A 26 9.29 -6.39 -0.05
N SER A 27 10.41 -6.67 0.61
CA SER A 27 11.60 -7.15 -0.08
C SER A 27 11.53 -8.66 -0.34
N ASP A 28 10.33 -9.21 -0.21
CA ASP A 28 10.12 -10.63 -0.43
C ASP A 28 9.34 -10.88 -1.72
N TYR A 29 8.58 -9.88 -2.15
CA TYR A 29 7.78 -10.00 -3.37
C TYR A 29 8.37 -9.13 -4.48
N GLU A 30 7.74 -9.18 -5.65
CA GLU A 30 8.19 -8.40 -6.79
C GLU A 30 7.65 -6.98 -6.72
N LEU A 31 8.55 -6.01 -6.48
CA LEU A 31 8.16 -4.61 -6.40
C LEU A 31 8.28 -3.93 -7.76
N LYS A 32 7.18 -3.90 -8.50
CA LYS A 32 7.16 -3.28 -9.81
C LYS A 32 7.20 -1.76 -9.70
N TYR A 33 6.50 -1.23 -8.69
CA TYR A 33 6.46 0.21 -8.47
C TYR A 33 6.45 0.53 -6.98
N CYS A 34 7.25 1.51 -6.59
CA CYS A 34 7.34 1.92 -5.19
C CYS A 34 7.05 3.41 -5.03
N PHE A 35 6.15 3.74 -4.11
CA PHE A 35 5.78 5.13 -3.86
C PHE A 35 5.66 5.40 -2.37
N VAL A 36 6.38 6.41 -1.89
CA VAL A 36 6.34 6.77 -0.48
C VAL A 36 5.99 8.25 -0.31
N ASP A 37 4.87 8.52 0.35
CA ASP A 37 4.43 9.88 0.59
C ASP A 37 4.41 10.19 2.08
N LYS A 38 5.40 10.95 2.53
CA LYS A 38 5.51 11.32 3.94
C LYS A 38 4.51 12.42 4.28
N TYR A 39 4.33 13.36 3.35
CA TYR A 39 3.40 14.47 3.56
C TYR A 39 2.11 13.99 4.21
N LYS A 40 1.32 13.24 3.44
CA LYS A 40 0.05 12.71 3.93
C LYS A 40 0.28 11.66 5.02
N GLY A 41 1.39 10.94 4.92
CA GLY A 41 1.71 9.93 5.90
C GLY A 41 1.26 8.54 5.47
N THR A 42 1.27 8.30 4.16
CA THR A 42 0.85 7.01 3.62
C THR A 42 1.80 6.56 2.51
N ALA A 43 1.83 5.25 2.28
CA ALA A 43 2.69 4.67 1.25
C ALA A 43 1.89 3.77 0.30
N PHE A 44 2.12 3.93 -0.99
CA PHE A 44 1.43 3.13 -1.99
C PHE A 44 2.42 2.29 -2.81
N VAL A 45 2.18 0.99 -2.83
CA VAL A 45 3.05 0.07 -3.56
C VAL A 45 2.24 -0.82 -4.50
N THR A 46 2.76 -1.03 -5.70
CA THR A 46 2.08 -1.87 -6.69
C THR A 46 2.82 -3.19 -6.90
N LEU A 47 2.14 -4.29 -6.63
CA LEU A 47 2.73 -5.61 -6.78
C LEU A 47 2.43 -6.19 -8.16
N LEU A 48 2.95 -7.38 -8.44
CA LEU A 48 2.73 -8.04 -9.72
C LEU A 48 1.31 -8.59 -9.80
N ASN A 49 1.05 -9.67 -9.08
CA ASN A 49 -0.27 -10.29 -9.08
C ASN A 49 -1.07 -9.86 -7.86
N GLY A 50 -2.27 -10.41 -7.71
CA GLY A 50 -3.12 -10.07 -6.59
C GLY A 50 -2.85 -10.94 -5.38
N GLU A 51 -2.17 -12.06 -5.59
CA GLU A 51 -1.86 -12.98 -4.51
C GLU A 51 -0.88 -12.35 -3.52
N GLN A 52 0.17 -11.72 -4.05
CA GLN A 52 1.17 -11.07 -3.21
C GLN A 52 0.57 -9.90 -2.45
N ALA A 53 -0.39 -9.21 -3.08
CA ALA A 53 -1.05 -8.08 -2.45
C ALA A 53 -1.82 -8.50 -1.21
N GLU A 54 -2.59 -9.59 -1.35
CA GLU A 54 -3.39 -10.09 -0.24
C GLU A 54 -2.49 -10.57 0.90
N ALA A 55 -1.46 -11.33 0.55
CA ALA A 55 -0.52 -11.85 1.55
C ALA A 55 0.17 -10.71 2.29
N ALA A 56 0.60 -9.70 1.55
CA ALA A 56 1.28 -8.56 2.13
C ALA A 56 0.34 -7.75 3.02
N ILE A 57 -0.87 -7.52 2.53
CA ILE A 57 -1.87 -6.78 3.30
C ILE A 57 -2.32 -7.54 4.53
N ASN A 58 -2.49 -8.84 4.39
CA ASN A 58 -2.91 -9.70 5.50
C ASN A 58 -1.94 -9.58 6.67
N THR A 59 -0.65 -9.65 6.38
CA THR A 59 0.37 -9.54 7.41
C THR A 59 0.59 -8.10 7.83
N PHE A 60 0.74 -7.21 6.86
CA PHE A 60 0.95 -5.80 7.13
C PHE A 60 -0.24 -5.21 7.89
N HIS A 61 -1.42 -5.76 7.66
CA HIS A 61 -2.63 -5.30 8.32
C HIS A 61 -2.62 -5.68 9.80
N GLN A 62 -3.54 -5.12 10.57
CA GLN A 62 -3.64 -5.40 11.99
C GLN A 62 -2.26 -5.43 12.63
N SER A 63 -1.31 -4.73 12.01
CA SER A 63 0.05 -4.68 12.52
C SER A 63 0.26 -3.45 13.42
N ARG A 64 1.46 -3.32 13.96
CA ARG A 64 1.78 -2.20 14.83
C ARG A 64 3.20 -1.70 14.56
N LEU A 65 3.45 -0.43 14.89
CA LEU A 65 4.76 0.17 14.69
C LEU A 65 5.01 1.28 15.71
N ARG A 66 6.22 1.27 16.28
CA ARG A 66 6.58 2.27 17.28
C ARG A 66 5.42 2.57 18.22
N GLU A 67 4.70 1.52 18.61
CA GLU A 67 3.56 1.68 19.51
C GLU A 67 2.45 2.47 18.83
N ARG A 68 2.03 2.01 17.65
CA ARG A 68 0.98 2.66 16.90
C ARG A 68 0.25 1.67 15.99
N GLU A 69 -1.05 1.88 15.81
CA GLU A 69 -1.86 1.00 14.97
C GLU A 69 -1.72 1.39 13.50
N LEU A 70 -1.31 0.42 12.69
CA LEU A 70 -1.14 0.64 11.25
C LEU A 70 -2.33 0.13 10.47
N SER A 71 -2.83 0.96 9.55
CA SER A 71 -3.98 0.59 8.74
C SER A 71 -3.55 0.20 7.32
N VAL A 72 -3.93 -1.00 6.90
CA VAL A 72 -3.59 -1.49 5.58
C VAL A 72 -4.81 -2.01 4.84
N GLN A 73 -4.94 -1.63 3.57
CA GLN A 73 -6.07 -2.07 2.76
C GLN A 73 -5.73 -2.02 1.27
N LEU A 74 -6.53 -2.70 0.46
CA LEU A 74 -6.31 -2.73 -0.98
C LEU A 74 -6.51 -1.35 -1.59
N GLN A 75 -5.68 -1.03 -2.58
CA GLN A 75 -5.77 0.26 -3.26
C GLN A 75 -6.86 0.25 -4.32
N PRO A 76 -7.62 1.36 -4.41
CA PRO A 76 -8.71 1.49 -5.37
C PRO A 76 -8.21 1.61 -6.80
N THR A 77 -8.62 0.68 -7.65
CA THR A 77 -8.21 0.67 -9.05
C THR A 77 -8.71 1.91 -9.77
N ASP A 78 -7.94 2.38 -10.74
CA ASP A 78 -8.31 3.57 -11.52
C ASP A 78 -8.95 4.62 -10.62
N ALA A 79 -8.33 4.87 -9.47
CA ALA A 79 -8.84 5.86 -8.52
C ALA A 79 -8.55 7.28 -9.00
N LEU A 80 -9.35 8.23 -8.53
CA LEU A 80 -9.17 9.62 -8.91
C LEU A 80 -8.86 10.48 -7.69
N LEU A 81 -9.54 10.21 -6.58
CA LEU A 81 -9.34 10.95 -5.35
C LEU A 81 -9.76 10.13 -4.14
N CYS A 82 -8.89 10.07 -3.14
CA CYS A 82 -9.17 9.30 -1.93
C CYS A 82 -10.01 10.13 -0.96
N SER A 83 -11.26 9.74 -0.79
CA SER A 83 -12.17 10.45 0.10
C SER A 83 -12.43 9.63 1.38
N GLY A 84 -12.83 10.32 2.44
CA GLY A 84 -13.10 9.65 3.69
C GLY A 84 -14.27 8.70 3.60
N PRO A 85 -14.37 7.76 4.56
CA PRO A 85 -15.45 6.78 4.61
C PRO A 85 -16.80 7.40 4.94
N SER A 86 -16.76 8.61 5.47
CA SER A 86 -17.98 9.32 5.84
C SER A 86 -18.04 10.70 5.18
N SER A 87 -19.15 11.39 5.36
CA SER A 87 -19.34 12.71 4.77
C SER A 87 -19.47 13.77 5.86
N GLY A 88 -19.21 13.37 7.09
CA GLY A 88 -19.30 14.31 8.21
C GLY A 88 -20.72 14.75 8.48
N GLY A 1 -16.40 -3.57 -1.87
CA GLY A 1 -15.57 -3.56 -3.06
C GLY A 1 -14.28 -4.32 -2.88
N SER A 2 -14.14 -5.43 -3.61
CA SER A 2 -12.94 -6.26 -3.52
C SER A 2 -11.94 -5.90 -4.61
N SER A 3 -11.01 -5.01 -4.28
CA SER A 3 -10.00 -4.58 -5.24
C SER A 3 -9.29 -5.78 -5.87
N GLY A 4 -9.59 -6.04 -7.13
CA GLY A 4 -8.98 -7.16 -7.83
C GLY A 4 -7.55 -6.88 -8.23
N SER A 5 -7.34 -5.79 -8.97
CA SER A 5 -6.01 -5.42 -9.43
C SER A 5 -5.04 -5.36 -8.26
N SER A 6 -3.75 -5.50 -8.57
CA SER A 6 -2.71 -5.47 -7.55
C SER A 6 -2.50 -4.05 -7.02
N GLY A 7 -2.44 -3.91 -5.71
CA GLY A 7 -2.24 -2.61 -5.10
C GLY A 7 -2.48 -2.62 -3.60
N ILE A 8 -1.74 -1.79 -2.88
CA ILE A 8 -1.88 -1.70 -1.43
C ILE A 8 -1.85 -0.25 -0.95
N LEU A 9 -2.42 -0.02 0.22
CA LEU A 9 -2.46 1.32 0.79
C LEU A 9 -2.22 1.29 2.30
N ILE A 10 -1.30 2.12 2.75
CA ILE A 10 -0.97 2.19 4.18
C ILE A 10 -1.31 3.56 4.76
N ARG A 11 -1.75 3.57 6.01
CA ARG A 11 -2.11 4.81 6.68
C ARG A 11 -1.42 4.91 8.05
N GLY A 12 -0.81 6.06 8.31
CA GLY A 12 -0.13 6.26 9.58
C GLY A 12 1.31 5.81 9.54
N LEU A 13 2.18 6.67 9.01
CA LEU A 13 3.61 6.35 8.91
C LEU A 13 4.42 7.20 9.88
N PRO A 14 5.55 6.64 10.35
CA PRO A 14 6.44 7.33 11.28
C PRO A 14 7.18 8.49 10.63
N GLY A 15 7.93 9.24 11.43
CA GLY A 15 8.67 10.38 10.92
C GLY A 15 9.91 9.96 10.16
N ASP A 16 10.35 8.72 10.40
CA ASP A 16 11.55 8.20 9.73
C ASP A 16 11.17 7.31 8.56
N VAL A 17 9.86 7.21 8.29
CA VAL A 17 9.36 6.38 7.20
C VAL A 17 10.01 6.79 5.87
N THR A 18 10.93 5.95 5.40
CA THR A 18 11.62 6.22 4.14
C THR A 18 11.36 5.10 3.13
N ASN A 19 11.78 5.33 1.89
CA ASN A 19 11.61 4.35 0.83
C ASN A 19 12.21 2.99 1.22
N GLN A 20 13.29 3.04 1.99
CA GLN A 20 13.96 1.83 2.44
C GLN A 20 13.05 1.00 3.34
N GLU A 21 12.23 1.70 4.13
CA GLU A 21 11.31 1.03 5.05
C GLU A 21 10.27 0.22 4.28
N VAL A 22 9.69 0.84 3.25
CA VAL A 22 8.68 0.18 2.43
C VAL A 22 9.30 -0.93 1.59
N HIS A 23 10.48 -0.67 1.04
CA HIS A 23 11.18 -1.64 0.22
C HIS A 23 11.54 -2.88 1.03
N ASP A 24 12.14 -2.66 2.20
CA ASP A 24 12.54 -3.75 3.06
C ASP A 24 11.34 -4.59 3.49
N LEU A 25 10.20 -3.93 3.65
CA LEU A 25 8.97 -4.61 4.06
C LEU A 25 8.43 -5.47 2.92
N LEU A 26 8.66 -5.03 1.70
CA LEU A 26 8.19 -5.77 0.52
C LEU A 26 9.37 -6.20 -0.35
N SER A 27 10.52 -6.41 0.28
CA SER A 27 11.72 -6.83 -0.44
C SER A 27 11.72 -8.34 -0.65
N ASP A 28 10.58 -8.97 -0.41
CA ASP A 28 10.45 -10.41 -0.57
C ASP A 28 9.69 -10.74 -1.85
N TYR A 29 8.87 -9.80 -2.31
CA TYR A 29 8.08 -9.98 -3.52
C TYR A 29 8.63 -9.14 -4.67
N GLU A 30 7.92 -9.16 -5.79
CA GLU A 30 8.33 -8.39 -6.96
C GLU A 30 7.79 -6.97 -6.91
N LEU A 31 8.68 -6.01 -6.68
CA LEU A 31 8.28 -4.61 -6.59
C LEU A 31 8.36 -3.93 -7.96
N LYS A 32 7.23 -3.87 -8.65
CA LYS A 32 7.17 -3.26 -9.96
C LYS A 32 7.15 -1.73 -9.85
N TYR A 33 6.46 -1.23 -8.84
CA TYR A 33 6.36 0.21 -8.63
C TYR A 33 6.40 0.54 -7.14
N CYS A 34 7.23 1.52 -6.78
CA CYS A 34 7.36 1.93 -5.39
C CYS A 34 7.13 3.43 -5.24
N PHE A 35 6.24 3.80 -4.32
CA PHE A 35 5.93 5.20 -4.08
C PHE A 35 5.73 5.46 -2.59
N VAL A 36 6.55 6.38 -2.05
CA VAL A 36 6.47 6.72 -0.64
C VAL A 36 6.12 8.19 -0.46
N ASP A 37 4.99 8.46 0.20
CA ASP A 37 4.55 9.83 0.43
C ASP A 37 4.57 10.15 1.93
N LYS A 38 5.50 10.98 2.35
CA LYS A 38 5.63 11.38 3.74
C LYS A 38 4.65 12.50 4.08
N TYR A 39 4.42 13.38 3.12
CA TYR A 39 3.51 14.50 3.32
C TYR A 39 2.19 14.03 3.91
N LYS A 40 1.46 13.23 3.14
CA LYS A 40 0.17 12.70 3.58
C LYS A 40 0.35 11.69 4.70
N GLY A 41 1.48 10.99 4.68
CA GLY A 41 1.75 10.01 5.71
C GLY A 41 1.31 8.62 5.31
N THR A 42 1.39 8.32 4.01
CA THR A 42 0.98 7.01 3.50
C THR A 42 1.97 6.50 2.47
N ALA A 43 1.80 5.25 2.05
CA ALA A 43 2.67 4.64 1.06
C ALA A 43 1.88 3.78 0.08
N PHE A 44 2.11 4.01 -1.21
CA PHE A 44 1.41 3.25 -2.25
C PHE A 44 2.39 2.41 -3.06
N VAL A 45 2.13 1.11 -3.12
CA VAL A 45 3.00 0.19 -3.85
C VAL A 45 2.17 -0.75 -4.74
N THR A 46 2.70 -1.04 -5.93
CA THR A 46 2.00 -1.92 -6.86
C THR A 46 2.77 -3.23 -7.05
N LEU A 47 2.17 -4.33 -6.64
CA LEU A 47 2.78 -5.64 -6.77
C LEU A 47 2.48 -6.27 -8.12
N LEU A 48 3.06 -7.44 -8.37
CA LEU A 48 2.84 -8.14 -9.63
C LEU A 48 1.42 -8.68 -9.71
N ASN A 49 1.15 -9.73 -8.93
CA ASN A 49 -0.18 -10.34 -8.92
C ASN A 49 -0.95 -9.95 -7.66
N GLY A 50 -2.17 -10.45 -7.54
CA GLY A 50 -2.99 -10.14 -6.39
C GLY A 50 -2.65 -10.98 -5.18
N GLU A 51 -2.02 -12.13 -5.43
CA GLU A 51 -1.64 -13.02 -4.35
C GLU A 51 -0.69 -12.34 -3.37
N GLN A 52 0.32 -11.67 -3.91
CA GLN A 52 1.31 -10.96 -3.08
C GLN A 52 0.66 -9.80 -2.35
N ALA A 53 -0.24 -9.09 -3.04
CA ALA A 53 -0.93 -7.95 -2.44
C ALA A 53 -1.74 -8.37 -1.23
N GLU A 54 -2.50 -9.45 -1.38
CA GLU A 54 -3.33 -9.96 -0.29
C GLU A 54 -2.47 -10.49 0.85
N ALA A 55 -1.42 -11.24 0.49
CA ALA A 55 -0.52 -11.81 1.48
C ALA A 55 0.14 -10.72 2.32
N ALA A 56 0.63 -9.67 1.64
CA ALA A 56 1.28 -8.57 2.33
C ALA A 56 0.30 -7.81 3.22
N ILE A 57 -0.90 -7.57 2.71
CA ILE A 57 -1.93 -6.87 3.45
C ILE A 57 -2.40 -7.69 4.64
N ASN A 58 -2.55 -9.00 4.43
CA ASN A 58 -3.00 -9.90 5.49
C ASN A 58 -2.10 -9.79 6.72
N THR A 59 -0.79 -9.78 6.49
CA THR A 59 0.17 -9.68 7.58
C THR A 59 0.32 -8.24 8.04
N PHE A 60 0.52 -7.33 7.09
CA PHE A 60 0.68 -5.91 7.41
C PHE A 60 -0.56 -5.38 8.12
N HIS A 61 -1.71 -6.00 7.86
CA HIS A 61 -2.97 -5.57 8.46
C HIS A 61 -2.97 -5.87 9.96
N GLN A 62 -3.82 -5.17 10.70
CA GLN A 62 -3.92 -5.36 12.14
C GLN A 62 -2.54 -5.41 12.78
N SER A 63 -1.58 -4.74 12.15
CA SER A 63 -0.21 -4.72 12.65
C SER A 63 0.05 -3.45 13.46
N ARG A 64 1.21 -3.37 14.09
CA ARG A 64 1.58 -2.22 14.90
C ARG A 64 3.05 -1.87 14.71
N LEU A 65 3.36 -0.58 14.83
CA LEU A 65 4.74 -0.10 14.68
C LEU A 65 5.04 1.00 15.67
N ARG A 66 6.29 1.04 16.14
CA ARG A 66 6.72 2.06 17.10
C ARG A 66 5.62 2.34 18.11
N GLU A 67 4.92 1.29 18.53
CA GLU A 67 3.84 1.43 19.51
C GLU A 67 2.68 2.23 18.92
N ARG A 68 2.31 1.92 17.68
CA ARG A 68 1.23 2.61 17.00
C ARG A 68 0.44 1.65 16.12
N GLU A 69 -0.87 1.89 16.01
CA GLU A 69 -1.73 1.04 15.21
C GLU A 69 -1.66 1.43 13.74
N LEU A 70 -1.32 0.46 12.89
CA LEU A 70 -1.19 0.69 11.46
C LEU A 70 -2.39 0.12 10.71
N SER A 71 -2.96 0.93 9.81
CA SER A 71 -4.12 0.50 9.03
C SER A 71 -3.71 0.17 7.60
N VAL A 72 -4.00 -1.05 7.18
CA VAL A 72 -3.67 -1.50 5.83
C VAL A 72 -4.92 -1.90 5.06
N GLN A 73 -5.00 -1.46 3.81
CA GLN A 73 -6.15 -1.77 2.96
C GLN A 73 -5.75 -1.79 1.49
N LEU A 74 -6.55 -2.48 0.67
CA LEU A 74 -6.28 -2.57 -0.76
C LEU A 74 -6.32 -1.20 -1.41
N GLN A 75 -5.43 -0.99 -2.38
CA GLN A 75 -5.37 0.29 -3.09
C GLN A 75 -6.76 0.77 -3.46
N PRO A 76 -6.95 2.11 -3.40
CA PRO A 76 -8.24 2.73 -3.72
C PRO A 76 -8.56 2.66 -5.20
N THR A 77 -9.36 1.66 -5.58
CA THR A 77 -9.74 1.47 -6.97
C THR A 77 -9.99 2.80 -7.66
N ASP A 78 -9.75 2.84 -8.97
CA ASP A 78 -9.96 4.06 -9.74
C ASP A 78 -9.19 5.23 -9.12
N ALA A 79 -7.91 5.02 -8.84
CA ALA A 79 -7.08 6.05 -8.24
C ALA A 79 -6.58 7.03 -9.31
N LEU A 80 -7.39 8.04 -9.59
CA LEU A 80 -7.02 9.06 -10.58
C LEU A 80 -7.00 10.45 -9.95
N LEU A 81 -6.37 11.39 -10.66
CA LEU A 81 -6.27 12.76 -10.17
C LEU A 81 -7.66 13.35 -9.90
N CYS A 82 -8.52 13.32 -10.90
CA CYS A 82 -9.88 13.85 -10.77
C CYS A 82 -10.89 12.71 -10.65
N SER A 83 -11.89 12.92 -9.81
CA SER A 83 -12.92 11.90 -9.60
C SER A 83 -14.17 12.53 -8.99
N GLY A 84 -15.27 11.77 -8.98
CA GLY A 84 -16.51 12.26 -8.42
C GLY A 84 -17.70 11.41 -8.80
N PRO A 85 -17.92 10.32 -8.06
CA PRO A 85 -19.03 9.40 -8.32
C PRO A 85 -20.39 10.02 -7.99
N SER A 86 -21.45 9.34 -8.39
CA SER A 86 -22.81 9.83 -8.14
C SER A 86 -23.57 8.86 -7.22
N SER A 87 -24.48 9.41 -6.43
CA SER A 87 -25.28 8.62 -5.51
C SER A 87 -25.94 7.44 -6.23
N GLY A 88 -25.54 6.22 -5.89
CA GLY A 88 -26.10 5.04 -6.52
C GLY A 88 -25.42 4.71 -7.82
N GLY A 1 -15.32 -15.97 -12.30
CA GLY A 1 -14.01 -15.94 -12.93
C GLY A 1 -12.92 -15.47 -11.97
N SER A 2 -11.71 -15.96 -12.18
CA SER A 2 -10.58 -15.59 -11.34
C SER A 2 -10.26 -14.11 -11.47
N SER A 3 -10.66 -13.33 -10.47
CA SER A 3 -10.43 -11.89 -10.47
C SER A 3 -9.06 -11.57 -9.88
N GLY A 4 -8.42 -10.54 -10.42
CA GLY A 4 -7.12 -10.14 -9.93
C GLY A 4 -7.00 -8.64 -9.74
N SER A 5 -6.62 -8.22 -8.54
CA SER A 5 -6.47 -6.80 -8.22
C SER A 5 -5.30 -6.57 -7.27
N SER A 6 -4.26 -5.92 -7.78
CA SER A 6 -3.07 -5.64 -6.98
C SER A 6 -3.11 -4.22 -6.44
N GLY A 7 -2.12 -3.87 -5.61
CA GLY A 7 -2.06 -2.55 -5.04
C GLY A 7 -2.36 -2.54 -3.55
N ILE A 8 -1.54 -1.83 -2.78
CA ILE A 8 -1.73 -1.76 -1.34
C ILE A 8 -1.74 -0.31 -0.87
N LEU A 9 -2.32 -0.07 0.31
CA LEU A 9 -2.39 1.26 0.87
C LEU A 9 -2.16 1.24 2.38
N ILE A 10 -1.17 2.00 2.83
CA ILE A 10 -0.85 2.07 4.26
C ILE A 10 -1.16 3.44 4.83
N ARG A 11 -1.67 3.47 6.06
CA ARG A 11 -2.03 4.72 6.72
C ARG A 11 -1.34 4.82 8.08
N GLY A 12 -0.72 5.97 8.34
CA GLY A 12 -0.04 6.17 9.61
C GLY A 12 1.40 5.73 9.57
N LEU A 13 2.27 6.57 9.00
CA LEU A 13 3.68 6.26 8.90
C LEU A 13 4.50 7.06 9.90
N PRO A 14 5.63 6.50 10.33
CA PRO A 14 6.52 7.16 11.29
C PRO A 14 7.23 8.37 10.70
N GLY A 15 7.60 9.31 11.56
CA GLY A 15 8.28 10.51 11.10
C GLY A 15 9.63 10.21 10.48
N ASP A 16 10.04 8.95 10.55
CA ASP A 16 11.32 8.53 9.97
C ASP A 16 11.11 7.49 8.88
N VAL A 17 9.89 7.43 8.35
CA VAL A 17 9.56 6.48 7.30
C VAL A 17 10.28 6.84 6.00
N THR A 18 11.13 5.93 5.53
CA THR A 18 11.88 6.15 4.30
C THR A 18 11.56 5.09 3.26
N ASN A 19 11.95 5.34 2.01
CA ASN A 19 11.69 4.39 0.93
C ASN A 19 12.31 3.03 1.24
N GLN A 20 13.49 3.04 1.87
CA GLN A 20 14.18 1.82 2.22
C GLN A 20 13.31 0.95 3.14
N GLU A 21 12.61 1.59 4.05
CA GLU A 21 11.74 0.89 4.99
C GLU A 21 10.61 0.18 4.26
N VAL A 22 9.98 0.88 3.32
CA VAL A 22 8.88 0.31 2.55
C VAL A 22 9.38 -0.76 1.59
N HIS A 23 10.54 -0.51 0.97
CA HIS A 23 11.12 -1.45 0.03
C HIS A 23 11.53 -2.73 0.73
N ASP A 24 12.23 -2.59 1.86
CA ASP A 24 12.69 -3.75 2.62
C ASP A 24 11.51 -4.53 3.17
N LEU A 25 10.42 -3.83 3.47
CA LEU A 25 9.21 -4.47 4.00
C LEU A 25 8.65 -5.48 3.00
N LEU A 26 8.69 -5.12 1.72
CA LEU A 26 8.17 -6.00 0.67
C LEU A 26 9.31 -6.49 -0.23
N SER A 27 10.48 -6.70 0.36
CA SER A 27 11.64 -7.16 -0.39
C SER A 27 11.58 -8.67 -0.62
N ASP A 28 10.42 -9.26 -0.32
CA ASP A 28 10.23 -10.69 -0.49
C ASP A 28 9.47 -10.97 -1.79
N TYR A 29 8.73 -9.98 -2.28
CA TYR A 29 7.97 -10.13 -3.50
C TYR A 29 8.53 -9.23 -4.61
N GLU A 30 7.93 -9.31 -5.79
CA GLU A 30 8.37 -8.51 -6.92
C GLU A 30 7.78 -7.10 -6.85
N LEU A 31 8.63 -6.13 -6.53
CA LEU A 31 8.20 -4.74 -6.42
C LEU A 31 8.27 -4.04 -7.77
N LYS A 32 7.15 -4.07 -8.50
CA LYS A 32 7.08 -3.44 -9.82
C LYS A 32 7.14 -1.92 -9.69
N TYR A 33 6.50 -1.39 -8.66
CA TYR A 33 6.49 0.04 -8.42
C TYR A 33 6.34 0.36 -6.94
N CYS A 34 7.18 1.26 -6.45
CA CYS A 34 7.14 1.65 -5.04
C CYS A 34 7.02 3.16 -4.90
N PHE A 35 6.06 3.60 -4.10
CA PHE A 35 5.83 5.02 -3.87
C PHE A 35 5.66 5.33 -2.39
N VAL A 36 6.36 6.35 -1.92
CA VAL A 36 6.30 6.74 -0.51
C VAL A 36 5.90 8.21 -0.37
N ASP A 37 4.77 8.45 0.29
CA ASP A 37 4.29 9.81 0.49
C ASP A 37 4.27 10.17 1.97
N LYS A 38 5.26 10.93 2.41
CA LYS A 38 5.36 11.34 3.80
C LYS A 38 4.33 12.42 4.14
N TYR A 39 4.22 13.41 3.25
CA TYR A 39 3.27 14.50 3.45
C TYR A 39 1.97 13.98 4.07
N LYS A 40 1.21 13.22 3.28
CA LYS A 40 -0.05 12.65 3.74
C LYS A 40 0.18 11.62 4.83
N GLY A 41 1.34 10.96 4.79
CA GLY A 41 1.66 9.95 5.78
C GLY A 41 1.22 8.56 5.36
N THR A 42 1.23 8.32 4.05
CA THR A 42 0.84 7.02 3.51
C THR A 42 1.78 6.58 2.39
N ALA A 43 1.82 5.28 2.15
CA ALA A 43 2.67 4.73 1.10
C ALA A 43 1.88 3.81 0.17
N PHE A 44 2.13 3.95 -1.13
CA PHE A 44 1.44 3.14 -2.13
C PHE A 44 2.44 2.33 -2.96
N VAL A 45 2.23 1.02 -2.99
CA VAL A 45 3.11 0.13 -3.74
C VAL A 45 2.31 -0.81 -4.63
N THR A 46 2.83 -1.07 -5.83
CA THR A 46 2.15 -1.96 -6.78
C THR A 46 2.91 -3.28 -6.92
N LEU A 47 2.22 -4.38 -6.61
CA LEU A 47 2.83 -5.70 -6.69
C LEU A 47 2.50 -6.36 -8.03
N LEU A 48 3.08 -7.53 -8.26
CA LEU A 48 2.84 -8.27 -9.50
C LEU A 48 1.35 -8.57 -9.68
N ASN A 49 0.85 -9.53 -8.90
CA ASN A 49 -0.55 -9.91 -8.96
C ASN A 49 -1.26 -9.65 -7.64
N GLY A 50 -2.53 -10.00 -7.57
CA GLY A 50 -3.29 -9.79 -6.35
C GLY A 50 -2.92 -10.78 -5.26
N GLU A 51 -2.23 -11.86 -5.65
CA GLU A 51 -1.82 -12.88 -4.69
C GLU A 51 -0.83 -12.30 -3.68
N GLN A 52 0.19 -11.62 -4.18
CA GLN A 52 1.20 -11.02 -3.32
C GLN A 52 0.62 -9.86 -2.51
N ALA A 53 -0.33 -9.14 -3.11
CA ALA A 53 -0.97 -8.02 -2.45
C ALA A 53 -1.74 -8.48 -1.21
N GLU A 54 -2.52 -9.55 -1.36
CA GLU A 54 -3.31 -10.08 -0.26
C GLU A 54 -2.41 -10.55 0.88
N ALA A 55 -1.34 -11.26 0.53
CA ALA A 55 -0.40 -11.76 1.53
C ALA A 55 0.24 -10.61 2.30
N ALA A 56 0.68 -9.59 1.59
CA ALA A 56 1.31 -8.43 2.21
C ALA A 56 0.33 -7.68 3.10
N ILE A 57 -0.90 -7.51 2.60
CA ILE A 57 -1.93 -6.81 3.35
C ILE A 57 -2.37 -7.62 4.58
N ASN A 58 -2.47 -8.93 4.41
CA ASN A 58 -2.87 -9.81 5.50
C ASN A 58 -1.93 -9.65 6.70
N THR A 59 -0.63 -9.66 6.43
CA THR A 59 0.37 -9.52 7.48
C THR A 59 0.51 -8.06 7.91
N PHE A 60 0.66 -7.18 6.93
CA PHE A 60 0.81 -5.75 7.20
C PHE A 60 -0.41 -5.20 7.94
N HIS A 61 -1.57 -5.83 7.70
CA HIS A 61 -2.81 -5.41 8.34
C HIS A 61 -2.80 -5.76 9.82
N GLN A 62 -3.67 -5.11 10.59
CA GLN A 62 -3.76 -5.35 12.02
C GLN A 62 -2.38 -5.38 12.66
N SER A 63 -1.43 -4.68 12.03
CA SER A 63 -0.06 -4.63 12.54
C SER A 63 0.17 -3.35 13.32
N ARG A 64 1.31 -3.29 14.02
CA ARG A 64 1.65 -2.12 14.82
C ARG A 64 3.13 -1.76 14.64
N LEU A 65 3.44 -0.48 14.81
CA LEU A 65 4.82 -0.01 14.68
C LEU A 65 5.11 1.10 15.68
N ARG A 66 6.33 1.09 16.22
CA ARG A 66 6.74 2.10 17.19
C ARG A 66 5.59 2.43 18.15
N GLU A 67 4.84 1.40 18.54
CA GLU A 67 3.72 1.59 19.45
C GLU A 67 2.62 2.42 18.80
N ARG A 68 2.25 2.05 17.57
CA ARG A 68 1.21 2.77 16.84
C ARG A 68 0.39 1.81 15.98
N GLU A 69 -0.89 2.11 15.83
CA GLU A 69 -1.78 1.27 15.03
C GLU A 69 -1.61 1.58 13.55
N LEU A 70 -1.34 0.53 12.77
CA LEU A 70 -1.15 0.69 11.33
C LEU A 70 -2.39 0.19 10.57
N SER A 71 -2.84 0.99 9.61
CA SER A 71 -4.00 0.64 8.80
C SER A 71 -3.60 0.32 7.37
N VAL A 72 -3.91 -0.90 6.93
CA VAL A 72 -3.59 -1.33 5.58
C VAL A 72 -4.82 -1.87 4.87
N GLN A 73 -4.97 -1.50 3.60
CA GLN A 73 -6.11 -1.95 2.80
C GLN A 73 -5.78 -1.91 1.31
N LEU A 74 -6.57 -2.62 0.52
CA LEU A 74 -6.36 -2.67 -0.93
C LEU A 74 -6.49 -1.28 -1.54
N GLN A 75 -5.62 -0.98 -2.50
CA GLN A 75 -5.63 0.31 -3.17
C GLN A 75 -7.00 0.59 -3.79
N PRO A 76 -7.46 1.84 -3.68
CA PRO A 76 -8.76 2.25 -4.22
C PRO A 76 -8.75 2.29 -5.74
N THR A 77 -9.50 1.37 -6.35
CA THR A 77 -9.58 1.30 -7.80
C THR A 77 -10.03 2.63 -8.39
N ASP A 78 -11.10 3.19 -7.84
CA ASP A 78 -11.64 4.46 -8.30
C ASP A 78 -11.60 5.51 -7.19
N ALA A 79 -10.49 5.55 -6.47
CA ALA A 79 -10.34 6.51 -5.38
C ALA A 79 -11.04 7.82 -5.69
N LEU A 80 -10.70 8.41 -6.83
CA LEU A 80 -11.30 9.67 -7.25
C LEU A 80 -12.81 9.68 -7.00
N LEU A 81 -13.32 10.78 -6.50
CA LEU A 81 -14.74 10.91 -6.21
C LEU A 81 -15.56 10.89 -7.50
N CYS A 82 -16.58 10.04 -7.52
CA CYS A 82 -17.45 9.92 -8.69
C CYS A 82 -16.63 10.01 -9.98
N SER A 83 -15.59 9.19 -10.07
CA SER A 83 -14.73 9.18 -11.24
C SER A 83 -15.55 9.06 -12.52
N GLY A 84 -15.27 9.94 -13.48
CA GLY A 84 -16.00 9.93 -14.74
C GLY A 84 -17.16 10.89 -14.74
N PRO A 85 -17.80 11.06 -15.91
CA PRO A 85 -18.94 11.95 -16.08
C PRO A 85 -20.19 11.43 -15.37
N SER A 86 -20.57 12.10 -14.28
CA SER A 86 -21.74 11.71 -13.52
C SER A 86 -21.89 10.19 -13.49
N SER A 87 -20.77 9.50 -13.29
CA SER A 87 -20.78 8.04 -13.25
C SER A 87 -21.02 7.54 -11.82
N GLY A 88 -21.81 6.47 -11.71
CA GLY A 88 -22.11 5.92 -10.41
C GLY A 88 -23.55 6.14 -9.99
N GLY A 1 -11.93 -3.35 -8.89
CA GLY A 1 -12.35 -4.58 -9.56
C GLY A 1 -12.79 -5.65 -8.59
N SER A 2 -13.17 -6.81 -9.13
CA SER A 2 -13.63 -7.91 -8.29
C SER A 2 -12.52 -8.94 -8.10
N SER A 3 -11.88 -9.34 -9.20
CA SER A 3 -10.81 -10.32 -9.14
C SER A 3 -9.89 -10.05 -7.96
N GLY A 4 -9.44 -8.79 -7.83
CA GLY A 4 -8.55 -8.43 -6.74
C GLY A 4 -7.60 -7.32 -7.13
N SER A 5 -7.33 -6.41 -6.20
CA SER A 5 -6.42 -5.30 -6.44
C SER A 5 -5.04 -5.60 -5.88
N SER A 6 -4.01 -5.21 -6.63
CA SER A 6 -2.63 -5.44 -6.23
C SER A 6 -2.14 -4.31 -5.33
N GLY A 7 -2.29 -3.08 -5.81
CA GLY A 7 -1.85 -1.92 -5.03
C GLY A 7 -2.30 -1.99 -3.59
N ILE A 8 -1.64 -1.23 -2.72
CA ILE A 8 -1.99 -1.22 -1.31
C ILE A 8 -1.94 0.21 -0.75
N LEU A 9 -2.69 0.45 0.32
CA LEU A 9 -2.72 1.77 0.95
C LEU A 9 -2.42 1.66 2.44
N ILE A 10 -1.38 2.37 2.88
CA ILE A 10 -0.98 2.36 4.28
C ILE A 10 -1.28 3.69 4.94
N ARG A 11 -1.66 3.65 6.21
CA ARG A 11 -1.99 4.86 6.96
C ARG A 11 -1.25 4.88 8.30
N GLY A 12 -0.65 6.01 8.62
CA GLY A 12 0.08 6.14 9.87
C GLY A 12 1.52 5.70 9.75
N LEU A 13 2.35 6.53 9.13
CA LEU A 13 3.76 6.23 8.95
C LEU A 13 4.62 7.02 9.92
N PRO A 14 5.81 6.48 10.24
CA PRO A 14 6.75 7.12 11.16
C PRO A 14 7.37 8.39 10.57
N GLY A 15 7.95 9.22 11.43
CA GLY A 15 8.58 10.45 10.97
C GLY A 15 9.86 10.20 10.21
N ASP A 16 10.31 8.94 10.21
CA ASP A 16 11.54 8.57 9.52
C ASP A 16 11.27 7.56 8.42
N VAL A 17 10.00 7.48 8.00
CA VAL A 17 9.61 6.56 6.95
C VAL A 17 10.30 6.89 5.63
N THR A 18 11.16 5.99 5.18
CA THR A 18 11.89 6.20 3.92
C THR A 18 11.58 5.08 2.93
N ASN A 19 11.91 5.32 1.66
CA ASN A 19 11.67 4.34 0.61
C ASN A 19 12.31 3.01 0.96
N GLN A 20 13.41 3.05 1.69
CA GLN A 20 14.12 1.84 2.10
C GLN A 20 13.28 1.01 3.07
N GLU A 21 12.50 1.70 3.90
CA GLU A 21 11.64 1.03 4.87
C GLU A 21 10.58 0.20 4.17
N VAL A 22 9.95 0.77 3.15
CA VAL A 22 8.92 0.07 2.40
C VAL A 22 9.50 -1.07 1.57
N HIS A 23 10.68 -0.82 0.99
CA HIS A 23 11.35 -1.82 0.18
C HIS A 23 11.71 -3.05 1.01
N ASP A 24 12.32 -2.81 2.17
CA ASP A 24 12.71 -3.89 3.06
C ASP A 24 11.50 -4.67 3.54
N LEU A 25 10.40 -3.97 3.79
CA LEU A 25 9.17 -4.59 4.27
C LEU A 25 8.62 -5.55 3.21
N LEU A 26 8.69 -5.14 1.95
CA LEU A 26 8.20 -5.96 0.85
C LEU A 26 9.35 -6.44 -0.03
N SER A 27 10.49 -6.74 0.60
CA SER A 27 11.67 -7.21 -0.12
C SER A 27 11.57 -8.70 -0.38
N ASP A 28 10.37 -9.26 -0.26
CA ASP A 28 10.15 -10.68 -0.48
C ASP A 28 9.35 -10.91 -1.76
N TYR A 29 8.57 -9.90 -2.16
CA TYR A 29 7.75 -10.00 -3.36
C TYR A 29 8.31 -9.10 -4.47
N GLU A 30 7.69 -9.18 -5.64
CA GLU A 30 8.13 -8.39 -6.79
C GLU A 30 7.55 -6.98 -6.71
N LEU A 31 8.42 -6.01 -6.44
CA LEU A 31 8.00 -4.61 -6.35
C LEU A 31 8.07 -3.92 -7.71
N LYS A 32 6.96 -3.97 -8.45
CA LYS A 32 6.89 -3.34 -9.76
C LYS A 32 6.94 -1.82 -9.65
N TYR A 33 6.29 -1.29 -8.62
CA TYR A 33 6.25 0.16 -8.40
C TYR A 33 6.29 0.48 -6.91
N CYS A 34 7.16 1.41 -6.55
CA CYS A 34 7.31 1.82 -5.15
C CYS A 34 7.15 3.33 -5.01
N PHE A 35 6.26 3.74 -4.12
CA PHE A 35 6.01 5.16 -3.89
C PHE A 35 5.76 5.44 -2.41
N VAL A 36 6.43 6.45 -1.88
CA VAL A 36 6.29 6.82 -0.48
C VAL A 36 5.87 8.29 -0.33
N ASP A 37 4.69 8.51 0.25
CA ASP A 37 4.18 9.86 0.44
C ASP A 37 4.24 10.25 1.92
N LYS A 38 5.32 10.91 2.32
CA LYS A 38 5.49 11.33 3.70
C LYS A 38 4.45 12.38 4.09
N TYR A 39 4.15 13.27 3.15
CA TYR A 39 3.17 14.32 3.38
C TYR A 39 1.88 13.75 3.96
N LYS A 40 1.27 12.83 3.22
CA LYS A 40 0.03 12.20 3.66
C LYS A 40 0.32 11.03 4.60
N GLY A 41 1.48 11.06 5.23
CA GLY A 41 1.86 10.01 6.15
C GLY A 41 1.41 8.63 5.67
N THR A 42 1.45 8.43 4.36
CA THR A 42 1.04 7.15 3.78
C THR A 42 1.99 6.73 2.66
N ALA A 43 1.86 5.49 2.22
CA ALA A 43 2.71 4.97 1.15
C ALA A 43 1.92 4.04 0.22
N PHE A 44 2.06 4.27 -1.08
CA PHE A 44 1.35 3.46 -2.07
C PHE A 44 2.32 2.57 -2.83
N VAL A 45 2.07 1.27 -2.81
CA VAL A 45 2.92 0.31 -3.50
C VAL A 45 2.09 -0.61 -4.40
N THR A 46 2.65 -0.93 -5.57
CA THR A 46 1.97 -1.80 -6.51
C THR A 46 2.75 -3.09 -6.74
N LEU A 47 2.14 -4.22 -6.38
CA LEU A 47 2.77 -5.52 -6.55
C LEU A 47 2.53 -6.07 -7.94
N LEU A 48 3.06 -7.26 -8.20
CA LEU A 48 2.90 -7.91 -9.50
C LEU A 48 1.48 -8.45 -9.67
N ASN A 49 1.17 -9.50 -8.92
CA ASN A 49 -0.15 -10.12 -8.99
C ASN A 49 -0.96 -9.79 -7.74
N GLY A 50 -2.16 -10.36 -7.66
CA GLY A 50 -3.02 -10.12 -6.50
C GLY A 50 -2.65 -11.00 -5.32
N GLU A 51 -2.07 -12.16 -5.60
CA GLU A 51 -1.67 -13.09 -4.55
C GLU A 51 -0.69 -12.43 -3.59
N GLN A 52 0.31 -11.75 -4.14
CA GLN A 52 1.31 -11.08 -3.32
C GLN A 52 0.69 -9.95 -2.51
N ALA A 53 -0.36 -9.34 -3.06
CA ALA A 53 -1.05 -8.25 -2.38
C ALA A 53 -1.77 -8.74 -1.14
N GLU A 54 -2.49 -9.85 -1.27
CA GLU A 54 -3.23 -10.42 -0.16
C GLU A 54 -2.30 -10.80 0.98
N ALA A 55 -1.19 -11.46 0.64
CA ALA A 55 -0.21 -11.88 1.63
C ALA A 55 0.38 -10.68 2.37
N ALA A 56 0.76 -9.66 1.60
CA ALA A 56 1.33 -8.45 2.18
C ALA A 56 0.32 -7.73 3.06
N ILE A 57 -0.91 -7.63 2.59
CA ILE A 57 -1.98 -6.96 3.34
C ILE A 57 -2.34 -7.76 4.59
N ASN A 58 -2.39 -9.08 4.45
CA ASN A 58 -2.72 -9.95 5.57
C ASN A 58 -1.75 -9.75 6.73
N THR A 59 -0.47 -9.67 6.41
CA THR A 59 0.57 -9.47 7.43
C THR A 59 0.64 -8.03 7.87
N PHE A 60 0.68 -7.12 6.89
CA PHE A 60 0.76 -5.69 7.18
C PHE A 60 -0.49 -5.21 7.90
N HIS A 61 -1.60 -5.92 7.68
CA HIS A 61 -2.87 -5.57 8.31
C HIS A 61 -2.83 -5.86 9.81
N GLN A 62 -3.71 -5.20 10.55
CA GLN A 62 -3.78 -5.39 12.00
C GLN A 62 -2.38 -5.47 12.60
N SER A 63 -1.48 -4.63 12.10
CA SER A 63 -0.10 -4.60 12.59
C SER A 63 0.16 -3.36 13.43
N ARG A 64 1.33 -3.30 14.05
CA ARG A 64 1.70 -2.17 14.89
C ARG A 64 3.18 -1.81 14.69
N LEU A 65 3.47 -0.51 14.72
CA LEU A 65 4.83 -0.02 14.54
C LEU A 65 5.14 1.13 15.50
N ARG A 66 6.13 0.92 16.35
CA ARG A 66 6.52 1.94 17.33
C ARG A 66 5.34 2.33 18.21
N GLU A 67 4.61 1.32 18.70
CA GLU A 67 3.47 1.56 19.56
C GLU A 67 2.40 2.39 18.83
N ARG A 68 2.08 1.99 17.60
CA ARG A 68 1.09 2.69 16.80
C ARG A 68 0.30 1.72 15.93
N GLU A 69 -0.97 2.04 15.69
CA GLU A 69 -1.83 1.19 14.88
C GLU A 69 -1.64 1.49 13.40
N LEU A 70 -1.32 0.46 12.62
CA LEU A 70 -1.12 0.60 11.19
C LEU A 70 -2.32 0.08 10.41
N SER A 71 -2.78 0.88 9.44
CA SER A 71 -3.92 0.49 8.62
C SER A 71 -3.47 0.05 7.23
N VAL A 72 -4.09 -1.02 6.73
CA VAL A 72 -3.75 -1.55 5.42
C VAL A 72 -5.00 -1.99 4.67
N GLN A 73 -5.13 -1.55 3.42
CA GLN A 73 -6.28 -1.91 2.60
C GLN A 73 -5.89 -1.93 1.11
N LEU A 74 -6.77 -2.51 0.30
CA LEU A 74 -6.53 -2.61 -1.14
C LEU A 74 -6.58 -1.23 -1.79
N GLN A 75 -5.77 -1.02 -2.81
CA GLN A 75 -5.73 0.25 -3.51
C GLN A 75 -6.84 0.34 -4.55
N PRO A 76 -7.46 1.52 -4.66
CA PRO A 76 -8.56 1.76 -5.60
C PRO A 76 -8.07 1.78 -7.05
N THR A 77 -8.86 1.17 -7.93
CA THR A 77 -8.51 1.11 -9.36
C THR A 77 -8.84 2.42 -10.04
N ASP A 78 -7.95 2.86 -10.92
CA ASP A 78 -8.14 4.10 -11.66
C ASP A 78 -8.58 5.23 -10.73
N ALA A 79 -7.89 5.37 -9.61
CA ALA A 79 -8.20 6.41 -8.64
C ALA A 79 -8.04 7.79 -9.24
N LEU A 80 -8.89 8.72 -8.81
CA LEU A 80 -8.84 10.09 -9.30
C LEU A 80 -7.71 10.87 -8.64
N LEU A 81 -6.76 11.33 -9.46
CA LEU A 81 -5.63 12.09 -8.95
C LEU A 81 -5.92 13.58 -9.00
N CYS A 82 -6.30 14.08 -10.17
CA CYS A 82 -6.61 15.49 -10.34
C CYS A 82 -8.11 15.72 -10.32
N SER A 83 -8.60 16.31 -9.22
CA SER A 83 -10.02 16.59 -9.07
C SER A 83 -10.33 18.04 -9.42
N GLY A 84 -11.34 18.22 -10.27
CA GLY A 84 -11.73 19.56 -10.67
C GLY A 84 -12.63 19.57 -11.90
N PRO A 85 -12.05 19.89 -13.06
CA PRO A 85 -12.79 19.93 -14.33
C PRO A 85 -13.21 18.55 -14.79
N SER A 86 -14.38 18.10 -14.35
CA SER A 86 -14.90 16.80 -14.72
C SER A 86 -16.41 16.85 -14.93
N SER A 87 -16.93 15.85 -15.64
CA SER A 87 -18.36 15.79 -15.92
C SER A 87 -19.17 16.23 -14.71
N GLY A 88 -20.14 17.10 -14.94
CA GLY A 88 -20.97 17.60 -13.85
C GLY A 88 -21.97 18.65 -14.31
N GLY A 1 -13.89 -18.46 -10.18
CA GLY A 1 -12.78 -18.63 -9.26
C GLY A 1 -12.40 -17.34 -8.56
N SER A 2 -11.49 -17.43 -7.60
CA SER A 2 -11.04 -16.26 -6.86
C SER A 2 -10.08 -15.42 -7.70
N SER A 3 -9.77 -14.21 -7.22
CA SER A 3 -8.87 -13.31 -7.93
C SER A 3 -8.52 -12.10 -7.07
N GLY A 4 -7.52 -11.35 -7.49
CA GLY A 4 -7.10 -10.18 -6.74
C GLY A 4 -6.30 -9.21 -7.58
N SER A 5 -6.23 -7.96 -7.14
CA SER A 5 -5.49 -6.93 -7.88
C SER A 5 -4.40 -6.32 -6.99
N SER A 6 -3.17 -6.32 -7.51
CA SER A 6 -2.04 -5.77 -6.76
C SER A 6 -2.36 -4.37 -6.25
N GLY A 7 -1.39 -3.77 -5.57
CA GLY A 7 -1.58 -2.43 -5.03
C GLY A 7 -2.07 -2.45 -3.60
N ILE A 8 -1.44 -1.65 -2.75
CA ILE A 8 -1.82 -1.57 -1.34
C ILE A 8 -1.76 -0.14 -0.84
N LEU A 9 -2.38 0.10 0.32
CA LEU A 9 -2.40 1.42 0.92
C LEU A 9 -2.18 1.35 2.43
N ILE A 10 -1.19 2.09 2.91
CA ILE A 10 -0.88 2.10 4.34
C ILE A 10 -1.15 3.48 4.95
N ARG A 11 -1.68 3.48 6.17
CA ARG A 11 -1.99 4.73 6.86
C ARG A 11 -1.25 4.81 8.19
N GLY A 12 -0.63 5.95 8.45
CA GLY A 12 0.10 6.14 9.68
C GLY A 12 1.54 5.65 9.59
N LEU A 13 2.40 6.47 8.99
CA LEU A 13 3.81 6.12 8.83
C LEU A 13 4.67 6.93 9.79
N PRO A 14 5.81 6.34 10.20
CA PRO A 14 6.76 6.99 11.11
C PRO A 14 7.48 8.16 10.46
N GLY A 15 7.96 9.09 11.28
CA GLY A 15 8.67 10.24 10.76
C GLY A 15 9.94 9.87 10.02
N ASP A 16 10.41 8.65 10.26
CA ASP A 16 11.64 8.16 9.62
C ASP A 16 11.29 7.19 8.49
N VAL A 17 10.02 7.16 8.09
CA VAL A 17 9.57 6.28 7.02
C VAL A 17 10.20 6.67 5.69
N THR A 18 11.12 5.84 5.20
CA THR A 18 11.79 6.10 3.94
C THR A 18 11.50 5.00 2.93
N ASN A 19 11.90 5.22 1.68
CA ASN A 19 11.68 4.24 0.62
C ASN A 19 12.31 2.90 0.99
N GLN A 20 13.40 2.95 1.75
CA GLN A 20 14.09 1.73 2.17
C GLN A 20 13.20 0.89 3.09
N GLU A 21 12.39 1.57 3.89
CA GLU A 21 11.50 0.88 4.82
C GLU A 21 10.43 0.10 4.06
N VAL A 22 9.83 0.73 3.06
CA VAL A 22 8.79 0.08 2.26
C VAL A 22 9.38 -1.00 1.37
N HIS A 23 10.55 -0.73 0.81
CA HIS A 23 11.22 -1.69 -0.06
C HIS A 23 11.60 -2.95 0.72
N ASP A 24 12.22 -2.76 1.87
CA ASP A 24 12.63 -3.88 2.71
C ASP A 24 11.42 -4.67 3.21
N LEU A 25 10.35 -3.96 3.52
CA LEU A 25 9.13 -4.59 4.01
C LEU A 25 8.52 -5.49 2.94
N LEU A 26 8.53 -5.02 1.71
CA LEU A 26 7.98 -5.79 0.59
C LEU A 26 9.08 -6.19 -0.38
N SER A 27 10.27 -6.46 0.13
CA SER A 27 11.41 -6.85 -0.68
C SER A 27 11.25 -8.28 -1.19
N ASP A 28 10.93 -9.18 -0.27
CA ASP A 28 10.75 -10.59 -0.60
C ASP A 28 10.00 -10.74 -1.93
N TYR A 29 9.03 -9.86 -2.15
CA TYR A 29 8.24 -9.89 -3.38
C TYR A 29 8.84 -8.97 -4.44
N GLU A 30 8.27 -9.03 -5.64
CA GLU A 30 8.75 -8.21 -6.74
C GLU A 30 8.08 -6.83 -6.73
N LEU A 31 8.85 -5.81 -6.36
CA LEU A 31 8.33 -4.44 -6.31
C LEU A 31 8.28 -3.83 -7.69
N LYS A 32 7.12 -3.92 -8.34
CA LYS A 32 6.94 -3.37 -9.68
C LYS A 32 6.95 -1.85 -9.64
N TYR A 33 6.26 -1.27 -8.65
CA TYR A 33 6.20 0.17 -8.51
C TYR A 33 6.29 0.58 -7.03
N CYS A 34 7.14 1.56 -6.76
CA CYS A 34 7.33 2.04 -5.39
C CYS A 34 6.92 3.51 -5.27
N PHE A 35 6.10 3.81 -4.28
CA PHE A 35 5.64 5.18 -4.05
C PHE A 35 5.56 5.49 -2.56
N VAL A 36 6.30 6.50 -2.13
CA VAL A 36 6.31 6.90 -0.73
C VAL A 36 5.88 8.35 -0.56
N ASP A 37 4.79 8.56 0.15
CA ASP A 37 4.26 9.91 0.38
C ASP A 37 4.28 10.25 1.87
N LYS A 38 5.29 11.02 2.28
CA LYS A 38 5.42 11.42 3.67
C LYS A 38 4.40 12.50 4.04
N TYR A 39 4.26 13.48 3.15
CA TYR A 39 3.32 14.57 3.38
C TYR A 39 2.04 14.07 4.05
N LYS A 40 1.27 13.26 3.32
CA LYS A 40 0.04 12.72 3.85
C LYS A 40 0.32 11.70 4.96
N GLY A 41 1.41 10.96 4.82
CA GLY A 41 1.77 9.97 5.80
C GLY A 41 1.38 8.57 5.39
N THR A 42 1.36 8.31 4.08
CA THR A 42 0.99 7.01 3.55
C THR A 42 1.95 6.58 2.46
N ALA A 43 1.95 5.28 2.15
CA ALA A 43 2.82 4.73 1.11
C ALA A 43 2.05 3.78 0.20
N PHE A 44 2.16 4.01 -1.11
CA PHE A 44 1.47 3.17 -2.08
C PHE A 44 2.48 2.33 -2.88
N VAL A 45 2.29 1.01 -2.84
CA VAL A 45 3.17 0.09 -3.55
C VAL A 45 2.37 -0.92 -4.36
N THR A 46 2.75 -1.12 -5.61
CA THR A 46 2.08 -2.06 -6.49
C THR A 46 2.89 -3.34 -6.66
N LEU A 47 2.37 -4.44 -6.13
CA LEU A 47 3.05 -5.72 -6.23
C LEU A 47 2.79 -6.38 -7.58
N LEU A 48 3.42 -7.53 -7.80
CA LEU A 48 3.24 -8.26 -9.05
C LEU A 48 1.76 -8.47 -9.37
N ASN A 49 1.08 -9.21 -8.51
CA ASN A 49 -0.35 -9.47 -8.69
C ASN A 49 -1.10 -9.33 -7.38
N GLY A 50 -2.39 -9.64 -7.40
CA GLY A 50 -3.20 -9.54 -6.20
C GLY A 50 -2.82 -10.55 -5.15
N GLU A 51 -2.23 -11.66 -5.58
CA GLU A 51 -1.81 -12.71 -4.66
C GLU A 51 -0.79 -12.18 -3.66
N GLN A 52 0.24 -11.50 -4.17
CA GLN A 52 1.29 -10.95 -3.32
C GLN A 52 0.73 -9.83 -2.44
N ALA A 53 -0.24 -9.08 -2.97
CA ALA A 53 -0.84 -7.98 -2.23
C ALA A 53 -1.64 -8.51 -1.04
N GLU A 54 -2.45 -9.54 -1.28
CA GLU A 54 -3.27 -10.12 -0.22
C GLU A 54 -2.39 -10.67 0.91
N ALA A 55 -1.35 -11.41 0.54
CA ALA A 55 -0.44 -11.98 1.52
C ALA A 55 0.23 -10.90 2.35
N ALA A 56 0.67 -9.83 1.68
CA ALA A 56 1.33 -8.72 2.36
C ALA A 56 0.35 -7.95 3.23
N ILE A 57 -0.85 -7.72 2.71
CA ILE A 57 -1.88 -6.99 3.45
C ILE A 57 -2.36 -7.80 4.65
N ASN A 58 -2.51 -9.11 4.46
CA ASN A 58 -2.96 -9.99 5.54
C ASN A 58 -2.07 -9.84 6.76
N THR A 59 -0.76 -9.88 6.55
CA THR A 59 0.20 -9.75 7.65
C THR A 59 0.37 -8.30 8.06
N PHE A 60 0.59 -7.43 7.08
CA PHE A 60 0.77 -6.01 7.35
C PHE A 60 -0.44 -5.43 8.06
N HIS A 61 -1.61 -6.00 7.79
CA HIS A 61 -2.85 -5.55 8.41
C HIS A 61 -2.89 -5.91 9.89
N GLN A 62 -3.73 -5.21 10.64
CA GLN A 62 -3.85 -5.45 12.07
C GLN A 62 -2.49 -5.50 12.75
N SER A 63 -1.52 -4.78 12.18
CA SER A 63 -0.17 -4.74 12.71
C SER A 63 0.05 -3.47 13.53
N ARG A 64 1.18 -3.41 14.22
CA ARG A 64 1.52 -2.26 15.04
C ARG A 64 2.99 -1.89 14.89
N LEU A 65 3.29 -0.60 14.94
CA LEU A 65 4.67 -0.11 14.81
C LEU A 65 4.92 1.05 15.75
N ARG A 66 6.12 1.10 16.32
CA ARG A 66 6.49 2.17 17.24
C ARG A 66 5.33 2.53 18.16
N GLU A 67 4.61 1.50 18.62
CA GLU A 67 3.47 1.70 19.51
C GLU A 67 2.39 2.54 18.82
N ARG A 68 1.99 2.12 17.63
CA ARG A 68 0.96 2.83 16.87
C ARG A 68 0.16 1.86 16.01
N GLU A 69 -1.12 2.17 15.83
CA GLU A 69 -2.01 1.32 15.03
C GLU A 69 -1.81 1.59 13.55
N LEU A 70 -1.53 0.53 12.80
CA LEU A 70 -1.31 0.63 11.36
C LEU A 70 -2.53 0.13 10.59
N SER A 71 -2.96 0.90 9.60
CA SER A 71 -4.11 0.53 8.78
C SER A 71 -3.69 0.22 7.35
N VAL A 72 -4.06 -0.97 6.88
CA VAL A 72 -3.73 -1.39 5.53
C VAL A 72 -4.96 -1.88 4.78
N GLN A 73 -5.09 -1.45 3.52
CA GLN A 73 -6.22 -1.84 2.69
C GLN A 73 -5.84 -1.86 1.22
N LEU A 74 -6.69 -2.48 0.40
CA LEU A 74 -6.44 -2.57 -1.03
C LEU A 74 -6.76 -1.24 -1.73
N GLN A 75 -5.91 -0.86 -2.68
CA GLN A 75 -6.11 0.38 -3.41
C GLN A 75 -7.50 0.44 -4.04
N PRO A 76 -8.02 1.65 -4.21
CA PRO A 76 -9.35 1.87 -4.80
C PRO A 76 -9.39 1.54 -6.28
N THR A 77 -10.42 0.81 -6.69
CA THR A 77 -10.57 0.42 -8.10
C THR A 77 -10.32 1.60 -9.02
N ASP A 78 -10.84 2.76 -8.65
CA ASP A 78 -10.66 3.97 -9.45
C ASP A 78 -10.22 5.14 -8.58
N ALA A 79 -9.03 5.67 -8.86
CA ALA A 79 -8.49 6.78 -8.10
C ALA A 79 -8.41 8.05 -8.96
N LEU A 80 -9.35 8.18 -9.89
CA LEU A 80 -9.38 9.34 -10.78
C LEU A 80 -10.80 9.86 -10.96
N LEU A 81 -10.96 10.87 -11.80
CA LEU A 81 -12.27 11.46 -12.05
C LEU A 81 -12.66 11.30 -13.53
N CYS A 82 -13.94 11.08 -13.78
CA CYS A 82 -14.44 10.92 -15.13
C CYS A 82 -15.62 11.85 -15.40
N SER A 83 -16.09 11.86 -16.64
CA SER A 83 -17.21 12.71 -17.03
C SER A 83 -18.13 11.99 -18.01
N GLY A 84 -19.40 12.39 -18.02
CA GLY A 84 -20.36 11.77 -18.91
C GLY A 84 -19.89 11.75 -20.35
N PRO A 85 -19.69 12.96 -20.92
CA PRO A 85 -19.24 13.10 -22.31
C PRO A 85 -17.80 12.65 -22.50
N SER A 86 -17.12 12.38 -21.39
CA SER A 86 -15.72 11.96 -21.43
C SER A 86 -15.49 10.98 -22.58
N SER A 87 -14.68 11.40 -23.54
CA SER A 87 -14.38 10.57 -24.71
C SER A 87 -15.61 9.81 -25.17
N GLY A 88 -16.75 10.49 -25.19
CA GLY A 88 -17.99 9.87 -25.62
C GLY A 88 -19.04 10.89 -26.02
N GLY A 1 -15.02 -14.08 -15.12
CA GLY A 1 -13.65 -13.74 -15.42
C GLY A 1 -12.89 -13.20 -14.23
N SER A 2 -11.71 -12.66 -14.47
CA SER A 2 -10.89 -12.11 -13.39
C SER A 2 -9.96 -11.02 -13.93
N SER A 3 -9.81 -9.95 -13.16
CA SER A 3 -8.95 -8.84 -13.56
C SER A 3 -7.60 -8.92 -12.84
N GLY A 4 -7.64 -8.97 -11.51
CA GLY A 4 -6.42 -9.04 -10.73
C GLY A 4 -5.93 -7.68 -10.29
N SER A 5 -6.78 -6.96 -9.57
CA SER A 5 -6.43 -5.63 -9.09
C SER A 5 -5.29 -5.70 -8.09
N SER A 6 -4.16 -5.07 -8.43
CA SER A 6 -2.99 -5.07 -7.56
C SER A 6 -2.78 -3.68 -6.94
N GLY A 7 -2.11 -3.65 -5.80
CA GLY A 7 -1.85 -2.39 -5.12
C GLY A 7 -2.19 -2.45 -3.65
N ILE A 8 -1.46 -1.67 -2.84
CA ILE A 8 -1.70 -1.63 -1.41
C ILE A 8 -1.71 -0.20 -0.89
N LEU A 9 -2.31 -0.01 0.28
CA LEU A 9 -2.38 1.32 0.89
C LEU A 9 -2.12 1.24 2.39
N ILE A 10 -1.20 2.07 2.87
CA ILE A 10 -0.86 2.12 4.29
C ILE A 10 -1.20 3.46 4.89
N ARG A 11 -1.70 3.44 6.13
CA ARG A 11 -2.07 4.67 6.83
C ARG A 11 -1.34 4.77 8.17
N GLY A 12 -0.78 5.94 8.45
CA GLY A 12 -0.07 6.15 9.69
C GLY A 12 1.39 5.73 9.60
N LEU A 13 2.19 6.52 8.90
CA LEU A 13 3.62 6.22 8.74
C LEU A 13 4.46 7.00 9.73
N PRO A 14 5.62 6.45 10.09
CA PRO A 14 6.54 7.09 11.03
C PRO A 14 7.21 8.33 10.44
N GLY A 15 7.81 9.15 11.31
CA GLY A 15 8.47 10.36 10.86
C GLY A 15 9.74 10.07 10.08
N ASP A 16 10.24 8.84 10.20
CA ASP A 16 11.46 8.44 9.51
C ASP A 16 11.14 7.46 8.39
N VAL A 17 9.89 7.41 7.98
CA VAL A 17 9.45 6.51 6.91
C VAL A 17 10.15 6.85 5.59
N THR A 18 11.05 5.96 5.16
CA THR A 18 11.78 6.16 3.92
C THR A 18 11.51 5.04 2.93
N ASN A 19 11.87 5.26 1.67
CA ASN A 19 11.67 4.26 0.63
C ASN A 19 12.28 2.93 1.03
N GLN A 20 13.37 2.98 1.80
CA GLN A 20 14.04 1.77 2.25
C GLN A 20 13.14 0.94 3.15
N GLU A 21 12.31 1.62 3.93
CA GLU A 21 11.38 0.94 4.84
C GLU A 21 10.37 0.10 4.07
N VAL A 22 9.80 0.68 3.02
CA VAL A 22 8.82 -0.02 2.19
C VAL A 22 9.48 -1.13 1.38
N HIS A 23 10.68 -0.86 0.88
CA HIS A 23 11.42 -1.83 0.08
C HIS A 23 11.76 -3.06 0.91
N ASP A 24 12.31 -2.82 2.10
CA ASP A 24 12.68 -3.91 3.00
C ASP A 24 11.47 -4.73 3.42
N LEU A 25 10.35 -4.05 3.63
CA LEU A 25 9.11 -4.70 4.02
C LEU A 25 8.63 -5.67 2.94
N LEU A 26 8.74 -5.24 1.69
CA LEU A 26 8.31 -6.06 0.56
C LEU A 26 9.52 -6.55 -0.23
N SER A 27 10.62 -6.79 0.46
CA SER A 27 11.85 -7.27 -0.18
C SER A 27 11.79 -8.77 -0.43
N ASP A 28 10.60 -9.34 -0.27
CA ASP A 28 10.41 -10.77 -0.49
C ASP A 28 9.58 -11.03 -1.74
N TYR A 29 8.84 -10.02 -2.17
CA TYR A 29 8.01 -10.13 -3.37
C TYR A 29 8.52 -9.22 -4.48
N GLU A 30 7.84 -9.27 -5.62
CA GLU A 30 8.22 -8.45 -6.76
C GLU A 30 7.64 -7.04 -6.65
N LEU A 31 8.51 -6.08 -6.35
CA LEU A 31 8.08 -4.69 -6.20
C LEU A 31 8.09 -3.98 -7.56
N LYS A 32 6.97 -4.07 -8.27
CA LYS A 32 6.84 -3.43 -9.57
C LYS A 32 7.05 -1.92 -9.47
N TYR A 33 6.42 -1.31 -8.47
CA TYR A 33 6.53 0.12 -8.26
C TYR A 33 6.39 0.47 -6.78
N CYS A 34 7.27 1.33 -6.29
CA CYS A 34 7.26 1.75 -4.89
C CYS A 34 7.03 3.25 -4.77
N PHE A 35 6.07 3.63 -3.94
CA PHE A 35 5.75 5.04 -3.73
C PHE A 35 5.63 5.37 -2.26
N VAL A 36 6.29 6.44 -1.83
CA VAL A 36 6.26 6.86 -0.44
C VAL A 36 5.83 8.32 -0.30
N ASP A 37 4.77 8.55 0.46
CA ASP A 37 4.25 9.90 0.67
C ASP A 37 4.35 10.30 2.14
N LYS A 38 5.31 11.17 2.43
CA LYS A 38 5.53 11.64 3.80
C LYS A 38 4.55 12.76 4.16
N TYR A 39 4.06 13.45 3.13
CA TYR A 39 3.11 14.54 3.33
C TYR A 39 1.81 14.03 3.93
N LYS A 40 1.11 13.19 3.18
CA LYS A 40 -0.16 12.62 3.64
C LYS A 40 0.07 11.61 4.75
N GLY A 41 1.22 10.95 4.71
CA GLY A 41 1.55 9.96 5.73
C GLY A 41 1.15 8.55 5.31
N THR A 42 1.13 8.31 4.01
CA THR A 42 0.77 7.00 3.49
C THR A 42 1.74 6.54 2.41
N ALA A 43 1.81 5.23 2.20
CA ALA A 43 2.70 4.67 1.19
C ALA A 43 1.95 3.73 0.25
N PHE A 44 2.12 3.96 -1.05
CA PHE A 44 1.44 3.13 -2.05
C PHE A 44 2.44 2.27 -2.81
N VAL A 45 2.22 0.96 -2.80
CA VAL A 45 3.11 0.02 -3.48
C VAL A 45 2.33 -0.83 -4.48
N THR A 46 2.91 -1.04 -5.65
CA THR A 46 2.28 -1.84 -6.69
C THR A 46 3.02 -3.15 -6.91
N LEU A 47 2.35 -4.26 -6.62
CA LEU A 47 2.95 -5.58 -6.79
C LEU A 47 2.61 -6.17 -8.17
N LEU A 48 3.19 -7.32 -8.45
CA LEU A 48 2.95 -8.00 -9.73
C LEU A 48 1.48 -8.39 -9.88
N ASN A 49 1.02 -9.25 -8.98
CA ASN A 49 -0.36 -9.70 -9.01
C ASN A 49 -1.10 -9.31 -7.74
N GLY A 50 -2.37 -9.69 -7.64
CA GLY A 50 -3.16 -9.36 -6.46
C GLY A 50 -2.88 -10.29 -5.30
N GLU A 51 -2.45 -11.51 -5.62
CA GLU A 51 -2.15 -12.51 -4.59
C GLU A 51 -1.09 -11.99 -3.63
N GLN A 52 0.00 -11.46 -4.18
CA GLN A 52 1.09 -10.93 -3.37
C GLN A 52 0.61 -9.76 -2.51
N ALA A 53 -0.27 -8.95 -3.06
CA ALA A 53 -0.80 -7.80 -2.34
C ALA A 53 -1.63 -8.23 -1.14
N GLU A 54 -2.50 -9.22 -1.35
CA GLU A 54 -3.35 -9.73 -0.29
C GLU A 54 -2.51 -10.36 0.82
N ALA A 55 -1.55 -11.18 0.43
CA ALA A 55 -0.68 -11.85 1.38
C ALA A 55 0.10 -10.84 2.23
N ALA A 56 0.64 -9.83 1.56
CA ALA A 56 1.40 -8.79 2.26
C ALA A 56 0.51 -7.95 3.15
N ILE A 57 -0.66 -7.59 2.64
CA ILE A 57 -1.61 -6.78 3.40
C ILE A 57 -2.16 -7.56 4.59
N ASN A 58 -2.42 -8.85 4.38
CA ASN A 58 -2.94 -9.70 5.44
C ASN A 58 -2.03 -9.67 6.67
N THR A 59 -0.73 -9.81 6.43
CA THR A 59 0.25 -9.80 7.52
C THR A 59 0.54 -8.37 7.98
N PHE A 60 0.80 -7.49 7.03
CA PHE A 60 1.09 -6.09 7.34
C PHE A 60 -0.09 -5.44 8.06
N HIS A 61 -1.29 -5.94 7.80
CA HIS A 61 -2.50 -5.41 8.41
C HIS A 61 -2.53 -5.74 9.91
N GLN A 62 -3.44 -5.09 10.63
CA GLN A 62 -3.58 -5.32 12.06
C GLN A 62 -2.21 -5.37 12.74
N SER A 63 -1.23 -4.71 12.12
CA SER A 63 0.12 -4.67 12.66
C SER A 63 0.35 -3.42 13.48
N ARG A 64 1.51 -3.34 14.13
CA ARG A 64 1.85 -2.19 14.95
C ARG A 64 3.29 -1.73 14.70
N LEU A 65 3.54 -0.45 14.91
CA LEU A 65 4.88 0.10 14.71
C LEU A 65 5.14 1.27 15.66
N ARG A 66 6.18 1.15 16.47
CA ARG A 66 6.53 2.20 17.43
C ARG A 66 5.33 2.57 18.30
N GLU A 67 4.66 1.54 18.82
CA GLU A 67 3.49 1.76 19.67
C GLU A 67 2.42 2.57 18.93
N ARG A 68 2.08 2.13 17.73
CA ARG A 68 1.07 2.80 16.92
C ARG A 68 0.34 1.81 16.02
N GLU A 69 -0.97 2.01 15.88
CA GLU A 69 -1.79 1.13 15.05
C GLU A 69 -1.65 1.49 13.57
N LEU A 70 -1.47 0.47 12.74
CA LEU A 70 -1.32 0.69 11.30
C LEU A 70 -2.51 0.12 10.54
N SER A 71 -3.05 0.91 9.62
CA SER A 71 -4.20 0.50 8.82
C SER A 71 -3.80 0.25 7.37
N VAL A 72 -4.01 -0.97 6.91
CA VAL A 72 -3.66 -1.35 5.54
C VAL A 72 -4.87 -1.90 4.80
N GLN A 73 -5.03 -1.51 3.54
CA GLN A 73 -6.15 -1.98 2.74
C GLN A 73 -5.77 -1.98 1.25
N LEU A 74 -6.57 -2.69 0.45
CA LEU A 74 -6.32 -2.76 -0.99
C LEU A 74 -6.47 -1.40 -1.64
N GLN A 75 -5.63 -1.13 -2.63
CA GLN A 75 -5.67 0.15 -3.33
C GLN A 75 -7.01 0.35 -4.02
N PRO A 76 -7.41 1.63 -4.18
CA PRO A 76 -8.68 1.99 -4.82
C PRO A 76 -8.68 1.68 -6.31
N THR A 77 -9.76 1.07 -6.79
CA THR A 77 -9.89 0.72 -8.19
C THR A 77 -9.71 1.95 -9.08
N ASP A 78 -10.10 3.11 -8.56
CA ASP A 78 -9.98 4.36 -9.31
C ASP A 78 -9.36 5.45 -8.44
N ALA A 79 -8.13 5.83 -8.76
CA ALA A 79 -7.43 6.86 -8.02
C ALA A 79 -6.81 7.90 -8.95
N LEU A 80 -7.53 8.23 -10.02
CA LEU A 80 -7.05 9.20 -10.99
C LEU A 80 -8.19 10.14 -11.43
N LEU A 81 -7.88 11.43 -11.53
CA LEU A 81 -8.86 12.42 -11.94
C LEU A 81 -8.95 12.49 -13.46
N CYS A 82 -10.08 12.04 -14.00
CA CYS A 82 -10.30 12.04 -15.44
C CYS A 82 -11.76 12.33 -15.76
N SER A 83 -12.08 12.41 -17.06
CA SER A 83 -13.44 12.68 -17.50
C SER A 83 -13.67 12.11 -18.90
N GLY A 84 -14.95 11.92 -19.24
CA GLY A 84 -15.29 11.40 -20.55
C GLY A 84 -16.67 11.83 -21.01
N PRO A 85 -17.01 11.49 -22.26
CA PRO A 85 -18.31 11.84 -22.85
C PRO A 85 -19.46 11.06 -22.21
N SER A 86 -19.13 10.22 -21.24
CA SER A 86 -20.14 9.41 -20.56
C SER A 86 -21.11 10.30 -19.79
N SER A 87 -22.38 9.91 -19.78
CA SER A 87 -23.41 10.67 -19.09
C SER A 87 -23.12 10.75 -17.59
N GLY A 88 -22.81 11.94 -17.11
CA GLY A 88 -22.51 12.13 -15.71
C GLY A 88 -21.77 10.95 -15.11
N GLY A 1 -16.55 -7.54 -11.28
CA GLY A 1 -15.50 -7.72 -12.26
C GLY A 1 -14.20 -8.21 -11.63
N SER A 2 -13.13 -7.45 -11.83
CA SER A 2 -11.83 -7.80 -11.29
C SER A 2 -11.68 -7.29 -9.85
N SER A 3 -12.16 -8.07 -8.90
CA SER A 3 -12.07 -7.70 -7.48
C SER A 3 -10.63 -7.73 -6.99
N GLY A 4 -10.35 -6.93 -5.96
CA GLY A 4 -9.01 -6.88 -5.40
C GLY A 4 -7.99 -6.37 -6.41
N SER A 5 -7.00 -5.63 -5.91
CA SER A 5 -5.96 -5.08 -6.77
C SER A 5 -4.62 -5.07 -6.06
N SER A 6 -3.59 -5.57 -6.74
CA SER A 6 -2.24 -5.62 -6.17
C SER A 6 -1.97 -4.39 -5.31
N GLY A 7 -2.08 -3.21 -5.93
CA GLY A 7 -1.84 -1.97 -5.21
C GLY A 7 -2.32 -2.03 -3.78
N ILE A 8 -1.52 -1.52 -2.86
CA ILE A 8 -1.87 -1.51 -1.45
C ILE A 8 -1.91 -0.09 -0.89
N LEU A 9 -2.57 0.08 0.25
CA LEU A 9 -2.68 1.39 0.88
C LEU A 9 -2.32 1.31 2.36
N ILE A 10 -1.50 2.25 2.82
CA ILE A 10 -1.09 2.28 4.22
C ILE A 10 -1.31 3.66 4.81
N ARG A 11 -1.75 3.70 6.07
CA ARG A 11 -2.00 4.95 6.76
C ARG A 11 -1.34 4.95 8.14
N GLY A 12 -0.65 6.04 8.46
CA GLY A 12 0.02 6.15 9.74
C GLY A 12 1.47 5.72 9.68
N LEU A 13 2.30 6.51 9.03
CA LEU A 13 3.72 6.19 8.90
C LEU A 13 4.54 6.93 9.95
N PRO A 14 5.69 6.34 10.32
CA PRO A 14 6.59 6.94 11.31
C PRO A 14 7.29 8.19 10.80
N GLY A 15 7.93 8.92 11.70
CA GLY A 15 8.62 10.14 11.33
C GLY A 15 9.93 9.86 10.60
N ASP A 16 10.29 8.58 10.53
CA ASP A 16 11.53 8.19 9.86
C ASP A 16 11.25 7.19 8.73
N VAL A 17 10.02 7.24 8.21
CA VAL A 17 9.62 6.34 7.13
C VAL A 17 10.30 6.72 5.82
N THR A 18 11.15 5.81 5.32
CA THR A 18 11.87 6.04 4.08
C THR A 18 11.51 4.98 3.03
N ASN A 19 11.79 5.29 1.77
CA ASN A 19 11.50 4.37 0.67
C ASN A 19 12.15 3.01 0.93
N GLN A 20 13.30 3.02 1.61
CA GLN A 20 14.02 1.79 1.92
C GLN A 20 13.21 0.91 2.88
N GLU A 21 12.48 1.57 3.78
CA GLU A 21 11.66 0.84 4.76
C GLU A 21 10.56 0.05 4.07
N VAL A 22 9.88 0.69 3.12
CA VAL A 22 8.80 0.04 2.39
C VAL A 22 9.34 -1.04 1.46
N HIS A 23 10.41 -0.72 0.76
CA HIS A 23 11.04 -1.66 -0.16
C HIS A 23 11.47 -2.93 0.56
N ASP A 24 12.16 -2.76 1.68
CA ASP A 24 12.63 -3.89 2.47
C ASP A 24 11.45 -4.68 3.04
N LEU A 25 10.40 -3.98 3.44
CA LEU A 25 9.22 -4.62 3.99
C LEU A 25 8.55 -5.53 2.97
N LEU A 26 8.49 -5.06 1.73
CA LEU A 26 7.88 -5.83 0.64
C LEU A 26 8.93 -6.25 -0.38
N SER A 27 10.14 -6.54 0.09
CA SER A 27 11.23 -6.96 -0.78
C SER A 27 11.04 -8.40 -1.24
N ASP A 28 10.71 -9.28 -0.29
CA ASP A 28 10.50 -10.69 -0.60
C ASP A 28 9.76 -10.85 -1.94
N TYR A 29 8.78 -9.99 -2.17
CA TYR A 29 8.00 -10.04 -3.41
C TYR A 29 8.62 -9.15 -4.48
N GLU A 30 8.04 -9.16 -5.66
CA GLU A 30 8.53 -8.36 -6.77
C GLU A 30 7.91 -6.96 -6.76
N LEU A 31 8.72 -5.97 -6.39
CA LEU A 31 8.25 -4.59 -6.33
C LEU A 31 8.33 -3.93 -7.70
N LYS A 32 7.20 -3.95 -8.42
CA LYS A 32 7.14 -3.34 -9.75
C LYS A 32 7.14 -1.82 -9.66
N TYR A 33 6.62 -1.29 -8.56
CA TYR A 33 6.56 0.15 -8.35
C TYR A 33 6.33 0.48 -6.88
N CYS A 34 7.13 1.39 -6.35
CA CYS A 34 7.01 1.81 -4.95
C CYS A 34 6.87 3.32 -4.85
N PHE A 35 5.86 3.75 -4.09
CA PHE A 35 5.61 5.17 -3.90
C PHE A 35 5.42 5.50 -2.42
N VAL A 36 6.26 6.39 -1.90
CA VAL A 36 6.17 6.78 -0.50
C VAL A 36 5.91 8.28 -0.36
N ASP A 37 4.78 8.63 0.24
CA ASP A 37 4.41 10.02 0.43
C ASP A 37 4.34 10.36 1.92
N LYS A 38 5.44 10.92 2.44
CA LYS A 38 5.49 11.29 3.85
C LYS A 38 4.54 12.45 4.15
N TYR A 39 4.50 13.43 3.26
CA TYR A 39 3.64 14.59 3.43
C TYR A 39 2.32 14.18 4.07
N LYS A 40 1.53 13.39 3.35
CA LYS A 40 0.24 12.93 3.86
C LYS A 40 0.42 11.90 4.98
N GLY A 41 1.50 11.12 4.88
CA GLY A 41 1.77 10.12 5.89
C GLY A 41 1.30 8.74 5.47
N THR A 42 1.30 8.49 4.16
CA THR A 42 0.86 7.21 3.64
C THR A 42 1.83 6.69 2.58
N ALA A 43 1.73 5.40 2.26
CA ALA A 43 2.60 4.79 1.27
C ALA A 43 1.80 3.92 0.30
N PHE A 44 2.11 4.04 -0.99
CA PHE A 44 1.43 3.26 -2.01
C PHE A 44 2.41 2.47 -2.84
N VAL A 45 2.22 1.15 -2.89
CA VAL A 45 3.10 0.27 -3.66
C VAL A 45 2.30 -0.66 -4.55
N THR A 46 2.86 -0.99 -5.71
CA THR A 46 2.21 -1.87 -6.66
C THR A 46 2.97 -3.18 -6.84
N LEU A 47 2.36 -4.28 -6.46
CA LEU A 47 2.99 -5.59 -6.57
C LEU A 47 2.73 -6.21 -7.95
N LEU A 48 3.24 -7.41 -8.15
CA LEU A 48 3.06 -8.10 -9.43
C LEU A 48 1.60 -8.51 -9.63
N ASN A 49 1.14 -9.47 -8.82
CA ASN A 49 -0.23 -9.94 -8.92
C ASN A 49 -0.99 -9.64 -7.62
N GLY A 50 -2.25 -10.09 -7.57
CA GLY A 50 -3.06 -9.87 -6.38
C GLY A 50 -2.73 -10.83 -5.26
N GLU A 51 -2.08 -11.94 -5.61
CA GLU A 51 -1.70 -12.94 -4.62
C GLU A 51 -0.69 -12.38 -3.62
N GLN A 52 0.31 -11.65 -4.14
CA GLN A 52 1.33 -11.06 -3.30
C GLN A 52 0.76 -9.93 -2.46
N ALA A 53 -0.21 -9.22 -3.01
CA ALA A 53 -0.85 -8.12 -2.30
C ALA A 53 -1.65 -8.60 -1.10
N GLU A 54 -2.42 -9.68 -1.30
CA GLU A 54 -3.23 -10.25 -0.25
C GLU A 54 -2.35 -10.72 0.92
N ALA A 55 -1.27 -11.43 0.59
CA ALA A 55 -0.36 -11.94 1.60
C ALA A 55 0.27 -10.80 2.39
N ALA A 56 0.71 -9.76 1.68
CA ALA A 56 1.33 -8.61 2.32
C ALA A 56 0.33 -7.84 3.17
N ILE A 57 -0.87 -7.65 2.64
CA ILE A 57 -1.92 -6.93 3.34
C ILE A 57 -2.39 -7.72 4.57
N ASN A 58 -2.50 -9.03 4.42
CA ASN A 58 -2.93 -9.90 5.51
C ASN A 58 -2.02 -9.74 6.73
N THR A 59 -0.71 -9.75 6.49
CA THR A 59 0.26 -9.59 7.56
C THR A 59 0.40 -8.14 7.98
N PHE A 60 0.57 -7.25 7.01
CA PHE A 60 0.71 -5.82 7.29
C PHE A 60 -0.52 -5.29 8.01
N HIS A 61 -1.68 -5.88 7.71
CA HIS A 61 -2.93 -5.46 8.33
C HIS A 61 -2.93 -5.76 9.83
N GLN A 62 -3.75 -5.03 10.58
CA GLN A 62 -3.83 -5.23 12.02
C GLN A 62 -2.44 -5.28 12.64
N SER A 63 -1.51 -4.51 12.08
CA SER A 63 -0.14 -4.47 12.58
C SER A 63 0.11 -3.20 13.38
N ARG A 64 1.26 -3.14 14.04
CA ARG A 64 1.63 -1.97 14.84
C ARG A 64 3.11 -1.64 14.67
N LEU A 65 3.44 -0.36 14.82
CA LEU A 65 4.81 0.09 14.69
C LEU A 65 5.11 1.24 15.64
N ARG A 66 6.14 1.07 16.46
CA ARG A 66 6.53 2.10 17.42
C ARG A 66 5.34 2.51 18.28
N GLU A 67 4.58 1.51 18.75
CA GLU A 67 3.42 1.77 19.59
C GLU A 67 2.39 2.62 18.85
N ARG A 68 2.03 2.19 17.65
CA ARG A 68 1.06 2.90 16.82
C ARG A 68 0.26 1.93 15.96
N GLU A 69 -1.00 2.27 15.72
CA GLU A 69 -1.88 1.43 14.91
C GLU A 69 -1.67 1.71 13.43
N LEU A 70 -1.29 0.68 12.68
CA LEU A 70 -1.07 0.82 11.24
C LEU A 70 -2.25 0.28 10.45
N SER A 71 -2.70 1.05 9.47
CA SER A 71 -3.83 0.65 8.64
C SER A 71 -3.36 0.16 7.27
N VAL A 72 -3.92 -0.96 6.82
CA VAL A 72 -3.55 -1.53 5.54
C VAL A 72 -4.76 -2.15 4.84
N GLN A 73 -4.95 -1.80 3.57
CA GLN A 73 -6.07 -2.33 2.80
C GLN A 73 -5.76 -2.32 1.31
N LEU A 74 -6.58 -3.02 0.54
CA LEU A 74 -6.38 -3.09 -0.91
C LEU A 74 -6.64 -1.75 -1.57
N GLN A 75 -5.89 -1.45 -2.62
CA GLN A 75 -6.05 -0.19 -3.34
C GLN A 75 -7.49 0.02 -3.76
N PRO A 76 -7.89 1.30 -3.87
CA PRO A 76 -9.26 1.66 -4.27
C PRO A 76 -9.54 1.35 -5.73
N THR A 77 -10.79 1.00 -6.03
CA THR A 77 -11.19 0.66 -7.40
C THR A 77 -10.75 1.77 -8.37
N ASP A 78 -11.14 2.99 -8.07
CA ASP A 78 -10.79 4.13 -8.92
C ASP A 78 -9.71 4.98 -8.27
N ALA A 79 -8.46 4.74 -8.65
CA ALA A 79 -7.33 5.49 -8.12
C ALA A 79 -7.07 6.76 -8.92
N LEU A 80 -6.90 6.59 -10.23
CA LEU A 80 -6.65 7.73 -11.10
C LEU A 80 -7.91 8.57 -11.30
N LEU A 81 -7.86 9.82 -10.84
CA LEU A 81 -8.99 10.72 -10.97
C LEU A 81 -8.69 11.85 -11.95
N CYS A 82 -9.72 12.30 -12.65
CA CYS A 82 -9.56 13.38 -13.63
C CYS A 82 -10.62 14.46 -13.42
N SER A 83 -10.19 15.71 -13.42
CA SER A 83 -11.10 16.84 -13.23
C SER A 83 -11.40 17.53 -14.56
N GLY A 84 -10.34 17.91 -15.27
CA GLY A 84 -10.51 18.57 -16.55
C GLY A 84 -11.69 18.02 -17.33
N PRO A 85 -12.35 18.91 -18.09
CA PRO A 85 -13.51 18.53 -18.91
C PRO A 85 -13.12 17.66 -20.10
N SER A 86 -12.12 18.09 -20.85
CA SER A 86 -11.65 17.36 -22.01
C SER A 86 -10.19 17.68 -22.32
N SER A 87 -9.30 16.74 -22.00
CA SER A 87 -7.88 16.93 -22.24
C SER A 87 -7.61 17.30 -23.69
N GLY A 88 -6.48 17.96 -23.94
CA GLY A 88 -6.13 18.36 -25.28
C GLY A 88 -5.61 19.78 -25.34
N GLY A 1 -17.22 -5.27 -13.21
CA GLY A 1 -17.10 -6.70 -13.37
C GLY A 1 -15.74 -7.23 -12.95
N SER A 2 -14.72 -6.93 -13.75
CA SER A 2 -13.36 -7.38 -13.45
C SER A 2 -13.09 -7.30 -11.95
N SER A 3 -12.33 -8.28 -11.45
CA SER A 3 -12.00 -8.34 -10.04
C SER A 3 -10.53 -8.75 -9.84
N GLY A 4 -9.76 -7.88 -9.20
CA GLY A 4 -8.36 -8.18 -8.95
C GLY A 4 -7.52 -6.92 -8.85
N SER A 5 -7.06 -6.63 -7.64
CA SER A 5 -6.23 -5.45 -7.41
C SER A 5 -4.96 -5.80 -6.65
N SER A 6 -3.82 -5.35 -7.15
CA SER A 6 -2.53 -5.64 -6.52
C SER A 6 -2.09 -4.46 -5.64
N GLY A 7 -2.24 -3.25 -6.17
CA GLY A 7 -1.85 -2.07 -5.42
C GLY A 7 -2.26 -2.15 -3.96
N ILE A 8 -1.48 -1.51 -3.09
CA ILE A 8 -1.76 -1.52 -1.67
C ILE A 8 -1.80 -0.10 -1.11
N LEU A 9 -2.41 0.05 0.06
CA LEU A 9 -2.52 1.37 0.71
C LEU A 9 -2.21 1.26 2.20
N ILE A 10 -1.30 2.11 2.67
CA ILE A 10 -0.92 2.12 4.07
C ILE A 10 -1.20 3.48 4.71
N ARG A 11 -1.59 3.46 5.97
CA ARG A 11 -1.88 4.70 6.70
C ARG A 11 -1.23 4.68 8.09
N GLY A 12 -0.67 5.82 8.47
CA GLY A 12 -0.02 5.92 9.77
C GLY A 12 1.45 5.53 9.72
N LEU A 13 2.24 6.36 9.04
CA LEU A 13 3.67 6.10 8.91
C LEU A 13 4.47 6.97 9.87
N PRO A 14 5.65 6.48 10.28
CA PRO A 14 6.54 7.20 11.21
C PRO A 14 7.15 8.43 10.57
N GLY A 15 7.84 9.23 11.39
CA GLY A 15 8.48 10.43 10.89
C GLY A 15 9.75 10.14 10.11
N ASP A 16 10.28 8.94 10.28
CA ASP A 16 11.51 8.54 9.59
C ASP A 16 11.20 7.54 8.48
N VAL A 17 9.93 7.45 8.12
CA VAL A 17 9.50 6.53 7.06
C VAL A 17 10.14 6.88 5.73
N THR A 18 11.05 6.02 5.27
CA THR A 18 11.73 6.24 4.00
C THR A 18 11.44 5.12 3.01
N ASN A 19 11.78 5.35 1.75
CA ASN A 19 11.55 4.36 0.70
C ASN A 19 12.20 3.03 1.07
N GLN A 20 13.30 3.10 1.81
CA GLN A 20 14.00 1.89 2.24
C GLN A 20 13.14 1.05 3.17
N GLU A 21 12.32 1.71 3.97
CA GLU A 21 11.44 1.02 4.91
C GLU A 21 10.42 0.16 4.17
N VAL A 22 9.81 0.75 3.14
CA VAL A 22 8.82 0.04 2.35
C VAL A 22 9.44 -1.08 1.53
N HIS A 23 10.64 -0.81 1.00
CA HIS A 23 11.36 -1.79 0.20
C HIS A 23 11.73 -3.01 1.04
N ASP A 24 12.29 -2.76 2.21
CA ASP A 24 12.69 -3.84 3.11
C ASP A 24 11.48 -4.64 3.58
N LEU A 25 10.37 -3.95 3.79
CA LEU A 25 9.15 -4.60 4.24
C LEU A 25 8.62 -5.57 3.18
N LEU A 26 8.67 -5.14 1.93
CA LEU A 26 8.21 -5.96 0.82
C LEU A 26 9.38 -6.41 -0.06
N SER A 27 10.52 -6.68 0.58
CA SER A 27 11.71 -7.11 -0.14
C SER A 27 11.66 -8.61 -0.42
N ASP A 28 10.47 -9.20 -0.31
CA ASP A 28 10.29 -10.63 -0.55
C ASP A 28 9.52 -10.87 -1.84
N TYR A 29 8.72 -9.90 -2.24
CA TYR A 29 7.92 -10.01 -3.46
C TYR A 29 8.51 -9.14 -4.56
N GLU A 30 7.86 -9.15 -5.73
CA GLU A 30 8.32 -8.36 -6.86
C GLU A 30 7.75 -6.95 -6.81
N LEU A 31 8.61 -5.98 -6.53
CA LEU A 31 8.20 -4.59 -6.45
C LEU A 31 8.28 -3.91 -7.81
N LYS A 32 7.16 -3.86 -8.50
CA LYS A 32 7.10 -3.24 -9.82
C LYS A 32 7.05 -1.73 -9.71
N TYR A 33 6.46 -1.23 -8.63
CA TYR A 33 6.35 0.20 -8.40
C TYR A 33 6.32 0.51 -6.90
N CYS A 34 7.14 1.48 -6.50
CA CYS A 34 7.22 1.87 -5.09
C CYS A 34 7.00 3.38 -4.94
N PHE A 35 6.10 3.74 -4.03
CA PHE A 35 5.79 5.15 -3.79
C PHE A 35 5.67 5.43 -2.30
N VAL A 36 6.28 6.51 -1.86
CA VAL A 36 6.24 6.89 -0.44
C VAL A 36 5.95 8.38 -0.28
N ASP A 37 4.83 8.69 0.36
CA ASP A 37 4.45 10.09 0.58
C ASP A 37 4.42 10.41 2.07
N LYS A 38 5.46 11.07 2.55
CA LYS A 38 5.55 11.44 3.95
C LYS A 38 4.55 12.54 4.30
N TYR A 39 4.39 13.50 3.40
CA TYR A 39 3.46 14.60 3.60
C TYR A 39 2.14 14.10 4.17
N LYS A 40 1.41 13.30 3.38
CA LYS A 40 0.14 12.75 3.80
C LYS A 40 0.34 11.72 4.91
N GLY A 41 1.43 10.97 4.84
CA GLY A 41 1.70 9.96 5.83
C GLY A 41 1.25 8.58 5.41
N THR A 42 1.28 8.32 4.11
CA THR A 42 0.87 7.02 3.57
C THR A 42 1.85 6.52 2.54
N ALA A 43 1.69 5.26 2.14
CA ALA A 43 2.57 4.64 1.15
C ALA A 43 1.78 3.76 0.18
N PHE A 44 2.00 3.96 -1.11
CA PHE A 44 1.31 3.18 -2.12
C PHE A 44 2.30 2.35 -2.94
N VAL A 45 2.07 1.04 -2.97
CA VAL A 45 2.93 0.12 -3.70
C VAL A 45 2.13 -0.79 -4.61
N THR A 46 2.70 -1.15 -5.75
CA THR A 46 2.03 -2.02 -6.71
C THR A 46 2.80 -3.32 -6.89
N LEU A 47 2.16 -4.43 -6.52
CA LEU A 47 2.78 -5.74 -6.65
C LEU A 47 2.46 -6.38 -7.99
N LEU A 48 3.04 -7.54 -8.24
CA LEU A 48 2.81 -8.27 -9.49
C LEU A 48 1.34 -8.63 -9.65
N ASN A 49 0.89 -9.60 -8.86
CA ASN A 49 -0.50 -10.05 -8.91
C ASN A 49 -1.21 -9.76 -7.59
N GLY A 50 -2.46 -10.20 -7.49
CA GLY A 50 -3.23 -9.97 -6.28
C GLY A 50 -2.86 -10.94 -5.17
N GLU A 51 -2.12 -11.99 -5.52
CA GLU A 51 -1.70 -12.99 -4.55
C GLU A 51 -0.69 -12.40 -3.56
N GLN A 52 0.29 -11.68 -4.08
CA GLN A 52 1.32 -11.07 -3.25
C GLN A 52 0.74 -9.92 -2.43
N ALA A 53 -0.20 -9.19 -3.01
CA ALA A 53 -0.84 -8.06 -2.33
C ALA A 53 -1.63 -8.54 -1.12
N GLU A 54 -2.41 -9.59 -1.30
CA GLU A 54 -3.22 -10.14 -0.21
C GLU A 54 -2.33 -10.61 0.93
N ALA A 55 -1.27 -11.33 0.60
CA ALA A 55 -0.34 -11.84 1.61
C ALA A 55 0.30 -10.70 2.38
N ALA A 56 0.71 -9.66 1.66
CA ALA A 56 1.35 -8.51 2.29
C ALA A 56 0.36 -7.74 3.17
N ILE A 57 -0.86 -7.56 2.65
CA ILE A 57 -1.89 -6.84 3.39
C ILE A 57 -2.34 -7.63 4.61
N ASN A 58 -2.46 -8.95 4.44
CA ASN A 58 -2.89 -9.82 5.53
C ASN A 58 -1.97 -9.68 6.74
N THR A 59 -0.66 -9.70 6.48
CA THR A 59 0.33 -9.58 7.55
C THR A 59 0.49 -8.12 7.97
N PHE A 60 0.66 -7.24 7.00
CA PHE A 60 0.82 -5.81 7.28
C PHE A 60 -0.41 -5.25 7.98
N HIS A 61 -1.56 -5.87 7.73
CA HIS A 61 -2.81 -5.43 8.34
C HIS A 61 -2.82 -5.75 9.83
N GLN A 62 -3.72 -5.09 10.55
CA GLN A 62 -3.83 -5.29 12.00
C GLN A 62 -2.46 -5.37 12.64
N SER A 63 -1.49 -4.69 12.05
CA SER A 63 -0.13 -4.69 12.57
C SER A 63 0.14 -3.41 13.37
N ARG A 64 1.33 -3.34 13.97
CA ARG A 64 1.72 -2.17 14.75
C ARG A 64 3.19 -1.84 14.55
N LEU A 65 3.52 -0.56 14.70
CA LEU A 65 4.90 -0.10 14.53
C LEU A 65 5.21 1.05 15.47
N ARG A 66 6.29 0.91 16.23
CA ARG A 66 6.69 1.95 17.18
C ARG A 66 5.54 2.32 18.11
N GLU A 67 4.81 1.31 18.56
CA GLU A 67 3.68 1.53 19.45
C GLU A 67 2.60 2.39 18.77
N ARG A 68 2.18 1.95 17.59
CA ARG A 68 1.16 2.67 16.84
C ARG A 68 0.36 1.73 15.95
N GLU A 69 -0.92 2.01 15.80
CA GLU A 69 -1.80 1.17 14.97
C GLU A 69 -1.64 1.51 13.50
N LEU A 70 -1.32 0.50 12.70
CA LEU A 70 -1.13 0.69 11.26
C LEU A 70 -2.34 0.17 10.48
N SER A 71 -2.85 0.99 9.57
CA SER A 71 -4.01 0.61 8.76
C SER A 71 -3.57 0.23 7.35
N VAL A 72 -4.01 -0.95 6.90
CA VAL A 72 -3.67 -1.42 5.57
C VAL A 72 -4.91 -1.90 4.82
N GLN A 73 -5.03 -1.48 3.57
CA GLN A 73 -6.18 -1.87 2.75
C GLN A 73 -5.82 -1.84 1.26
N LEU A 74 -6.66 -2.46 0.44
CA LEU A 74 -6.42 -2.51 -1.00
C LEU A 74 -6.60 -1.12 -1.62
N GLN A 75 -5.77 -0.83 -2.63
CA GLN A 75 -5.83 0.45 -3.31
C GLN A 75 -6.83 0.41 -4.47
N PRO A 76 -7.61 1.49 -4.63
CA PRO A 76 -8.61 1.60 -5.69
C PRO A 76 -7.98 1.73 -7.07
N THR A 77 -8.46 0.94 -8.02
CA THR A 77 -7.94 0.97 -9.38
C THR A 77 -8.23 2.30 -10.06
N ASP A 78 -7.26 2.82 -10.80
CA ASP A 78 -7.42 4.08 -11.50
C ASP A 78 -8.16 5.10 -10.63
N ALA A 79 -7.81 5.13 -9.35
CA ALA A 79 -8.44 6.05 -8.41
C ALA A 79 -8.73 7.40 -9.07
N LEU A 80 -7.73 7.94 -9.74
CA LEU A 80 -7.86 9.23 -10.42
C LEU A 80 -9.04 9.20 -11.40
N LEU A 81 -9.39 10.37 -11.93
CA LEU A 81 -10.49 10.47 -12.88
C LEU A 81 -10.02 11.10 -14.20
N CYS A 82 -9.97 10.28 -15.24
CA CYS A 82 -9.53 10.75 -16.55
C CYS A 82 -10.21 12.06 -16.91
N SER A 83 -9.51 12.90 -17.68
CA SER A 83 -10.05 14.19 -18.09
C SER A 83 -11.29 14.02 -18.97
N GLY A 84 -12.37 14.69 -18.60
CA GLY A 84 -13.60 14.59 -19.36
C GLY A 84 -14.70 13.86 -18.61
N PRO A 85 -15.16 14.46 -17.51
CA PRO A 85 -16.22 13.87 -16.68
C PRO A 85 -17.57 13.88 -17.38
N SER A 86 -17.86 12.80 -18.10
CA SER A 86 -19.13 12.68 -18.82
C SER A 86 -20.19 12.03 -17.94
N SER A 87 -21.31 12.72 -17.76
CA SER A 87 -22.41 12.22 -16.94
C SER A 87 -23.73 12.28 -17.71
N GLY A 88 -23.68 11.90 -18.99
CA GLY A 88 -24.89 11.91 -19.80
C GLY A 88 -24.96 10.72 -20.74
N GLY A 1 -15.28 -2.31 -11.60
CA GLY A 1 -14.53 -3.04 -10.59
C GLY A 1 -14.03 -2.14 -9.48
N SER A 2 -14.37 -2.47 -8.24
CA SER A 2 -13.95 -1.69 -7.09
C SER A 2 -12.49 -1.96 -6.75
N SER A 3 -12.17 -3.23 -6.50
CA SER A 3 -10.81 -3.63 -6.16
C SER A 3 -10.52 -5.05 -6.65
N GLY A 4 -9.25 -5.43 -6.62
CA GLY A 4 -8.86 -6.75 -7.06
C GLY A 4 -7.43 -6.80 -7.56
N SER A 5 -7.10 -5.90 -8.49
CA SER A 5 -5.76 -5.85 -9.06
C SER A 5 -4.72 -5.58 -7.98
N SER A 6 -3.53 -6.13 -8.17
CA SER A 6 -2.45 -5.96 -7.21
C SER A 6 -2.40 -4.52 -6.71
N GLY A 7 -1.89 -4.34 -5.49
CA GLY A 7 -1.79 -3.01 -4.91
C GLY A 7 -2.14 -3.00 -3.43
N ILE A 8 -1.46 -2.15 -2.67
CA ILE A 8 -1.70 -2.04 -1.24
C ILE A 8 -1.71 -0.58 -0.80
N LEU A 9 -2.28 -0.34 0.39
CA LEU A 9 -2.35 1.02 0.93
C LEU A 9 -2.10 1.01 2.44
N ILE A 10 -1.16 1.85 2.87
CA ILE A 10 -0.83 1.94 4.30
C ILE A 10 -1.11 3.34 4.83
N ARG A 11 -1.54 3.41 6.09
CA ARG A 11 -1.84 4.68 6.72
C ARG A 11 -1.24 4.75 8.11
N GLY A 12 -0.57 5.86 8.40
CA GLY A 12 0.07 6.04 9.70
C GLY A 12 1.51 5.59 9.72
N LEU A 13 2.36 6.32 9.01
CA LEU A 13 3.78 5.99 8.94
C LEU A 13 4.57 6.74 10.02
N PRO A 14 5.69 6.14 10.44
CA PRO A 14 6.56 6.73 11.47
C PRO A 14 7.28 7.98 10.97
N GLY A 15 7.85 8.75 11.90
CA GLY A 15 8.56 9.95 11.54
C GLY A 15 9.86 9.66 10.84
N ASP A 16 10.32 8.42 10.91
CA ASP A 16 11.57 8.01 10.28
C ASP A 16 11.29 7.06 9.12
N VAL A 17 10.08 7.10 8.58
CA VAL A 17 9.69 6.24 7.48
C VAL A 17 10.43 6.63 6.20
N THR A 18 11.24 5.71 5.69
CA THR A 18 11.99 5.96 4.46
C THR A 18 11.64 4.97 3.37
N ASN A 19 11.91 5.33 2.12
CA ASN A 19 11.61 4.47 0.99
C ASN A 19 12.22 3.09 1.18
N GLN A 20 13.36 3.04 1.87
CA GLN A 20 14.06 1.78 2.12
C GLN A 20 13.23 0.88 3.03
N GLU A 21 12.52 1.50 3.96
CA GLU A 21 11.69 0.75 4.92
C GLU A 21 10.56 0.02 4.18
N VAL A 22 9.89 0.72 3.28
CA VAL A 22 8.80 0.15 2.51
C VAL A 22 9.30 -0.90 1.52
N HIS A 23 10.44 -0.60 0.90
CA HIS A 23 11.04 -1.52 -0.07
C HIS A 23 11.44 -2.83 0.59
N ASP A 24 12.13 -2.72 1.73
CA ASP A 24 12.59 -3.90 2.47
C ASP A 24 11.40 -4.70 2.99
N LEU A 25 10.37 -3.99 3.42
CA LEU A 25 9.16 -4.63 3.95
C LEU A 25 8.49 -5.48 2.89
N LEU A 26 8.44 -4.97 1.67
CA LEU A 26 7.82 -5.69 0.55
C LEU A 26 8.85 -6.05 -0.50
N SER A 27 10.09 -6.27 -0.06
CA SER A 27 11.17 -6.63 -0.96
C SER A 27 11.03 -8.08 -1.44
N ASP A 28 10.71 -8.97 -0.51
CA ASP A 28 10.54 -10.38 -0.83
C ASP A 28 9.79 -10.55 -2.15
N TYR A 29 8.75 -9.73 -2.34
CA TYR A 29 7.94 -9.80 -3.55
C TYR A 29 8.54 -8.92 -4.65
N GLU A 30 7.91 -8.95 -5.82
CA GLU A 30 8.38 -8.16 -6.95
C GLU A 30 7.78 -6.76 -6.93
N LEU A 31 8.61 -5.78 -6.62
CA LEU A 31 8.17 -4.39 -6.56
C LEU A 31 8.20 -3.74 -7.94
N LYS A 32 7.06 -3.74 -8.62
CA LYS A 32 6.95 -3.16 -9.95
C LYS A 32 6.90 -1.63 -9.87
N TYR A 33 6.20 -1.12 -8.86
CA TYR A 33 6.06 0.31 -8.67
C TYR A 33 6.19 0.69 -7.19
N CYS A 34 7.01 1.69 -6.92
CA CYS A 34 7.23 2.14 -5.55
C CYS A 34 6.86 3.62 -5.40
N PHE A 35 6.03 3.92 -4.40
CA PHE A 35 5.60 5.28 -4.15
C PHE A 35 5.51 5.57 -2.65
N VAL A 36 6.27 6.56 -2.20
CA VAL A 36 6.28 6.93 -0.79
C VAL A 36 5.94 8.40 -0.61
N ASP A 37 4.84 8.66 0.10
CA ASP A 37 4.40 10.03 0.35
C ASP A 37 4.42 10.34 1.84
N LYS A 38 5.51 10.95 2.30
CA LYS A 38 5.65 11.31 3.70
C LYS A 38 4.66 12.41 4.09
N TYR A 39 4.49 13.38 3.22
CA TYR A 39 3.57 14.49 3.47
C TYR A 39 2.31 14.00 4.16
N LYS A 40 1.50 13.23 3.43
CA LYS A 40 0.26 12.69 3.96
C LYS A 40 0.54 11.66 5.06
N GLY A 41 1.58 10.87 4.87
CA GLY A 41 1.94 9.86 5.84
C GLY A 41 1.52 8.46 5.41
N THR A 42 1.46 8.24 4.10
CA THR A 42 1.07 6.94 3.57
C THR A 42 2.04 6.49 2.48
N ALA A 43 1.89 5.23 2.06
CA ALA A 43 2.76 4.67 1.02
C ALA A 43 1.97 3.75 0.10
N PHE A 44 2.10 3.98 -1.20
CA PHE A 44 1.40 3.17 -2.20
C PHE A 44 2.37 2.31 -2.99
N VAL A 45 2.14 1.00 -2.99
CA VAL A 45 3.00 0.08 -3.71
C VAL A 45 2.18 -0.90 -4.54
N THR A 46 2.57 -1.09 -5.81
CA THR A 46 1.87 -1.99 -6.71
C THR A 46 2.68 -3.27 -6.92
N LEU A 47 2.10 -4.41 -6.55
CA LEU A 47 2.76 -5.69 -6.72
C LEU A 47 2.50 -6.27 -8.10
N LEU A 48 3.06 -7.44 -8.36
CA LEU A 48 2.88 -8.10 -9.66
C LEU A 48 1.52 -8.77 -9.75
N ASN A 49 1.28 -9.74 -8.87
CA ASN A 49 0.02 -10.47 -8.85
C ASN A 49 -0.82 -10.05 -7.65
N GLY A 50 -2.02 -10.60 -7.54
CA GLY A 50 -2.91 -10.27 -6.45
C GLY A 50 -2.58 -11.05 -5.19
N GLU A 51 -2.08 -12.26 -5.35
CA GLU A 51 -1.72 -13.11 -4.22
C GLU A 51 -0.69 -12.41 -3.33
N GLN A 52 0.31 -11.81 -3.96
CA GLN A 52 1.37 -11.12 -3.23
C GLN A 52 0.80 -9.95 -2.43
N ALA A 53 -0.19 -9.26 -3.02
CA ALA A 53 -0.83 -8.13 -2.36
C ALA A 53 -1.63 -8.57 -1.15
N GLU A 54 -2.42 -9.62 -1.32
CA GLU A 54 -3.24 -10.15 -0.25
C GLU A 54 -2.38 -10.59 0.94
N ALA A 55 -1.32 -11.33 0.65
CA ALA A 55 -0.41 -11.80 1.69
C ALA A 55 0.22 -10.65 2.44
N ALA A 56 0.68 -9.65 1.70
CA ALA A 56 1.31 -8.47 2.30
C ALA A 56 0.31 -7.70 3.16
N ILE A 57 -0.90 -7.51 2.62
CA ILE A 57 -1.94 -6.78 3.34
C ILE A 57 -2.40 -7.56 4.57
N ASN A 58 -2.52 -8.87 4.42
CA ASN A 58 -2.95 -9.73 5.53
C ASN A 58 -2.01 -9.60 6.72
N THR A 59 -0.71 -9.58 6.44
CA THR A 59 0.29 -9.46 7.48
C THR A 59 0.43 -8.01 7.96
N PHE A 60 0.57 -7.10 7.00
CA PHE A 60 0.72 -5.68 7.32
C PHE A 60 -0.51 -5.16 8.07
N HIS A 61 -1.67 -5.71 7.73
CA HIS A 61 -2.92 -5.30 8.37
C HIS A 61 -2.92 -5.68 9.85
N GLN A 62 -3.78 -5.02 10.62
CA GLN A 62 -3.87 -5.29 12.05
C GLN A 62 -2.49 -5.32 12.70
N SER A 63 -1.56 -4.56 12.12
CA SER A 63 -0.20 -4.50 12.64
C SER A 63 0.05 -3.18 13.35
N ARG A 64 1.14 -3.11 14.10
CA ARG A 64 1.49 -1.90 14.84
C ARG A 64 3.00 -1.63 14.75
N LEU A 65 3.36 -0.35 14.72
CA LEU A 65 4.76 0.05 14.63
C LEU A 65 5.04 1.25 15.52
N ARG A 66 5.96 1.09 16.47
CA ARG A 66 6.32 2.17 17.38
C ARG A 66 5.11 2.61 18.19
N GLU A 67 4.47 1.66 18.87
CA GLU A 67 3.30 1.95 19.68
C GLU A 67 2.30 2.82 18.92
N ARG A 68 2.10 2.48 17.64
CA ARG A 68 1.17 3.22 16.80
C ARG A 68 0.27 2.27 16.02
N GLU A 69 -0.95 2.72 15.72
CA GLU A 69 -1.90 1.91 14.98
C GLU A 69 -1.69 2.05 13.48
N LEU A 70 -1.51 0.92 12.80
CA LEU A 70 -1.29 0.91 11.36
C LEU A 70 -2.52 0.40 10.63
N SER A 71 -2.93 1.13 9.58
CA SER A 71 -4.09 0.75 8.80
C SER A 71 -3.68 0.34 7.39
N VAL A 72 -4.00 -0.91 7.03
CA VAL A 72 -3.67 -1.42 5.71
C VAL A 72 -4.92 -1.94 4.99
N GLN A 73 -5.02 -1.64 3.69
CA GLN A 73 -6.16 -2.07 2.90
C GLN A 73 -5.79 -2.15 1.42
N LEU A 74 -6.60 -2.86 0.65
CA LEU A 74 -6.36 -3.03 -0.77
C LEU A 74 -6.40 -1.68 -1.48
N GLN A 75 -5.55 -1.53 -2.51
CA GLN A 75 -5.49 -0.30 -3.28
C GLN A 75 -6.66 -0.20 -4.24
N PRO A 76 -7.23 1.02 -4.36
CA PRO A 76 -8.37 1.28 -5.24
C PRO A 76 -7.98 1.21 -6.72
N THR A 77 -8.97 0.97 -7.57
CA THR A 77 -8.74 0.87 -9.01
C THR A 77 -9.06 2.19 -9.70
N ASP A 78 -10.19 2.79 -9.35
CA ASP A 78 -10.60 4.05 -9.94
C ASP A 78 -10.72 5.13 -8.87
N ALA A 79 -9.77 5.16 -7.94
CA ALA A 79 -9.77 6.14 -6.87
C ALA A 79 -10.08 7.54 -7.41
N LEU A 80 -9.36 7.94 -8.45
CA LEU A 80 -9.56 9.25 -9.05
C LEU A 80 -11.04 9.53 -9.28
N LEU A 81 -11.53 10.62 -8.70
CA LEU A 81 -12.93 10.99 -8.84
C LEU A 81 -13.14 11.87 -10.06
N CYS A 82 -13.72 11.29 -11.10
CA CYS A 82 -13.98 12.02 -12.34
C CYS A 82 -15.12 11.38 -13.12
N SER A 83 -16.01 12.21 -13.66
CA SER A 83 -17.15 11.72 -14.42
C SER A 83 -16.70 11.12 -15.75
N GLY A 84 -17.42 10.12 -16.22
CA GLY A 84 -17.08 9.48 -17.47
C GLY A 84 -17.63 8.06 -17.56
N PRO A 85 -18.93 7.95 -17.89
CA PRO A 85 -19.61 6.66 -18.01
C PRO A 85 -19.14 5.88 -19.24
N SER A 86 -18.53 6.59 -20.19
CA SER A 86 -18.04 5.97 -21.42
C SER A 86 -16.62 6.42 -21.72
N SER A 87 -15.64 5.69 -21.20
CA SER A 87 -14.24 6.02 -21.41
C SER A 87 -13.80 5.66 -22.83
N GLY A 88 -13.91 6.62 -23.74
CA GLY A 88 -13.52 6.38 -25.11
C GLY A 88 -14.47 5.43 -25.84
N GLY A 1 -13.86 -9.92 -15.34
CA GLY A 1 -12.61 -10.14 -14.63
C GLY A 1 -12.65 -9.68 -13.19
N SER A 2 -12.99 -8.41 -12.99
CA SER A 2 -13.07 -7.84 -11.65
C SER A 2 -11.91 -8.33 -10.78
N SER A 3 -10.72 -8.36 -11.37
CA SER A 3 -9.53 -8.82 -10.66
C SER A 3 -8.33 -7.93 -11.00
N GLY A 4 -7.34 -7.93 -10.11
CA GLY A 4 -6.14 -7.12 -10.33
C GLY A 4 -6.04 -5.97 -9.35
N SER A 5 -6.02 -6.29 -8.06
CA SER A 5 -5.93 -5.26 -7.02
C SER A 5 -4.66 -5.45 -6.20
N SER A 6 -3.58 -5.81 -6.86
CA SER A 6 -2.30 -6.02 -6.19
C SER A 6 -1.87 -4.76 -5.43
N GLY A 7 -2.53 -3.65 -5.72
CA GLY A 7 -2.20 -2.41 -5.06
C GLY A 7 -2.53 -2.42 -3.59
N ILE A 8 -1.81 -1.60 -2.81
CA ILE A 8 -2.04 -1.53 -1.37
C ILE A 8 -1.97 -0.09 -0.89
N LEU A 9 -2.57 0.16 0.27
CA LEU A 9 -2.57 1.50 0.85
C LEU A 9 -2.30 1.45 2.35
N ILE A 10 -1.29 2.17 2.79
CA ILE A 10 -0.92 2.22 4.20
C ILE A 10 -1.20 3.58 4.80
N ARG A 11 -1.62 3.60 6.06
CA ARG A 11 -1.92 4.85 6.76
C ARG A 11 -1.22 4.89 8.12
N GLY A 12 -0.56 6.01 8.40
CA GLY A 12 0.14 6.15 9.66
C GLY A 12 1.57 5.68 9.60
N LEU A 13 2.45 6.52 9.07
CA LEU A 13 3.87 6.17 8.94
C LEU A 13 4.71 6.93 9.96
N PRO A 14 5.83 6.34 10.37
CA PRO A 14 6.74 6.95 11.34
C PRO A 14 7.47 8.16 10.77
N GLY A 15 7.93 9.05 11.65
CA GLY A 15 8.64 10.23 11.22
C GLY A 15 9.94 9.90 10.51
N ASP A 16 10.38 8.65 10.63
CA ASP A 16 11.62 8.21 9.99
C ASP A 16 11.33 7.23 8.86
N VAL A 17 10.09 7.23 8.38
CA VAL A 17 9.69 6.35 7.29
C VAL A 17 10.38 6.73 5.98
N THR A 18 11.25 5.84 5.50
CA THR A 18 11.98 6.09 4.26
C THR A 18 11.64 5.03 3.21
N ASN A 19 11.98 5.34 1.96
CA ASN A 19 11.71 4.42 0.86
C ASN A 19 12.33 3.04 1.12
N GLN A 20 13.46 3.05 1.84
CA GLN A 20 14.15 1.81 2.16
C GLN A 20 13.32 0.95 3.11
N GLU A 21 12.60 1.59 4.02
CA GLU A 21 11.77 0.89 4.98
C GLU A 21 10.62 0.16 4.27
N VAL A 22 9.96 0.86 3.36
CA VAL A 22 8.85 0.28 2.61
C VAL A 22 9.33 -0.78 1.63
N HIS A 23 10.46 -0.51 0.98
CA HIS A 23 11.03 -1.44 0.02
C HIS A 23 11.41 -2.75 0.69
N ASP A 24 12.12 -2.65 1.82
CA ASP A 24 12.54 -3.83 2.56
C ASP A 24 11.34 -4.63 3.05
N LEU A 25 10.29 -3.93 3.44
CA LEU A 25 9.07 -4.57 3.94
C LEU A 25 8.44 -5.44 2.86
N LEU A 26 8.42 -4.93 1.63
CA LEU A 26 7.85 -5.66 0.51
C LEU A 26 8.92 -6.01 -0.51
N SER A 27 10.15 -6.21 -0.04
CA SER A 27 11.26 -6.55 -0.91
C SER A 27 11.15 -7.99 -1.41
N ASP A 28 10.90 -8.91 -0.48
CA ASP A 28 10.77 -10.32 -0.81
C ASP A 28 10.00 -10.49 -2.12
N TYR A 29 8.95 -9.70 -2.29
CA TYR A 29 8.13 -9.77 -3.50
C TYR A 29 8.70 -8.87 -4.60
N GLU A 30 8.06 -8.90 -5.76
CA GLU A 30 8.50 -8.09 -6.89
C GLU A 30 7.87 -6.70 -6.84
N LEU A 31 8.69 -5.70 -6.55
CA LEU A 31 8.21 -4.32 -6.47
C LEU A 31 8.21 -3.67 -7.85
N LYS A 32 7.08 -3.72 -8.53
CA LYS A 32 6.94 -3.13 -9.86
C LYS A 32 6.84 -1.61 -9.77
N TYR A 33 6.14 -1.13 -8.75
CA TYR A 33 5.97 0.30 -8.54
C TYR A 33 6.13 0.67 -7.07
N CYS A 34 6.92 1.71 -6.82
CA CYS A 34 7.16 2.17 -5.45
C CYS A 34 6.82 3.65 -5.30
N PHE A 35 6.02 3.97 -4.29
CA PHE A 35 5.62 5.35 -4.05
C PHE A 35 5.56 5.64 -2.55
N VAL A 36 6.34 6.62 -2.12
CA VAL A 36 6.38 7.00 -0.70
C VAL A 36 6.02 8.47 -0.52
N ASP A 37 4.93 8.72 0.20
CA ASP A 37 4.48 10.09 0.44
C ASP A 37 4.52 10.41 1.94
N LYS A 38 5.62 10.99 2.39
CA LYS A 38 5.78 11.34 3.79
C LYS A 38 4.79 12.44 4.19
N TYR A 39 4.68 13.46 3.36
CA TYR A 39 3.77 14.57 3.63
C TYR A 39 2.50 14.08 4.31
N LYS A 40 1.68 13.33 3.57
CA LYS A 40 0.44 12.79 4.11
C LYS A 40 0.72 11.73 5.17
N GLY A 41 1.75 10.93 4.94
CA GLY A 41 2.10 9.88 5.88
C GLY A 41 1.62 8.51 5.43
N THR A 42 1.64 8.28 4.12
CA THR A 42 1.19 7.01 3.56
C THR A 42 2.15 6.52 2.48
N ALA A 43 1.99 5.26 2.08
CA ALA A 43 2.84 4.68 1.05
C ALA A 43 2.03 3.79 0.12
N PHE A 44 2.17 4.00 -1.19
CA PHE A 44 1.46 3.21 -2.18
C PHE A 44 2.41 2.33 -2.98
N VAL A 45 2.17 1.03 -2.96
CA VAL A 45 3.01 0.08 -3.68
C VAL A 45 2.17 -0.91 -4.48
N THR A 46 2.58 -1.15 -5.72
CA THR A 46 1.87 -2.07 -6.59
C THR A 46 2.66 -3.35 -6.81
N LEU A 47 2.05 -4.49 -6.45
CA LEU A 47 2.71 -5.78 -6.60
C LEU A 47 2.45 -6.36 -8.00
N LEU A 48 3.03 -7.52 -8.27
CA LEU A 48 2.86 -8.17 -9.56
C LEU A 48 1.48 -8.78 -9.68
N ASN A 49 1.18 -9.76 -8.82
CA ASN A 49 -0.13 -10.41 -8.83
C ASN A 49 -0.95 -10.02 -7.61
N GLY A 50 -2.11 -10.64 -7.45
CA GLY A 50 -2.97 -10.34 -6.32
C GLY A 50 -2.64 -11.17 -5.10
N GLU A 51 -2.08 -12.36 -5.33
CA GLU A 51 -1.72 -13.25 -4.23
C GLU A 51 -0.72 -12.58 -3.30
N GLN A 52 0.24 -11.87 -3.88
CA GLN A 52 1.26 -11.19 -3.09
C GLN A 52 0.65 -10.06 -2.27
N ALA A 53 -0.33 -9.37 -2.85
CA ALA A 53 -1.00 -8.28 -2.16
C ALA A 53 -1.75 -8.78 -0.93
N GLU A 54 -2.50 -9.86 -1.11
CA GLU A 54 -3.29 -10.45 -0.03
C GLU A 54 -2.38 -10.87 1.12
N ALA A 55 -1.29 -11.56 0.78
CA ALA A 55 -0.35 -12.03 1.79
C ALA A 55 0.26 -10.86 2.57
N ALA A 56 0.71 -9.84 1.84
CA ALA A 56 1.30 -8.66 2.46
C ALA A 56 0.27 -7.92 3.31
N ILE A 57 -0.94 -7.77 2.78
CA ILE A 57 -2.00 -7.07 3.48
C ILE A 57 -2.43 -7.85 4.73
N ASN A 58 -2.51 -9.16 4.59
CA ASN A 58 -2.91 -10.03 5.70
C ASN A 58 -1.99 -9.82 6.91
N THR A 59 -0.69 -9.84 6.65
CA THR A 59 0.29 -9.66 7.71
C THR A 59 0.40 -8.19 8.13
N PHE A 60 0.54 -7.32 7.14
CA PHE A 60 0.65 -5.89 7.39
C PHE A 60 -0.60 -5.35 8.08
N HIS A 61 -1.74 -6.00 7.82
CA HIS A 61 -3.01 -5.60 8.40
C HIS A 61 -3.01 -5.83 9.91
N GLN A 62 -3.86 -5.11 10.62
CA GLN A 62 -3.97 -5.25 12.07
C GLN A 62 -2.58 -5.28 12.71
N SER A 63 -1.61 -4.61 12.06
CA SER A 63 -0.26 -4.56 12.56
C SER A 63 -0.01 -3.28 13.34
N ARG A 64 1.15 -3.20 14.00
CA ARG A 64 1.50 -2.03 14.79
C ARG A 64 2.98 -1.71 14.66
N LEU A 65 3.33 -0.44 14.81
CA LEU A 65 4.71 0.00 14.70
C LEU A 65 5.00 1.15 15.67
N ARG A 66 6.05 1.00 16.46
CA ARG A 66 6.42 2.02 17.43
C ARG A 66 5.22 2.48 18.23
N GLU A 67 4.41 1.53 18.68
CA GLU A 67 3.22 1.83 19.47
C GLU A 67 2.25 2.68 18.67
N ARG A 68 1.89 2.21 17.48
CA ARG A 68 0.96 2.93 16.61
C ARG A 68 0.14 1.96 15.76
N GLU A 69 -1.12 2.29 15.55
CA GLU A 69 -2.02 1.45 14.76
C GLU A 69 -1.78 1.66 13.27
N LEU A 70 -1.43 0.58 12.57
CA LEU A 70 -1.19 0.64 11.14
C LEU A 70 -2.38 0.13 10.35
N SER A 71 -2.80 0.89 9.35
CA SER A 71 -3.94 0.51 8.52
C SER A 71 -3.48 0.01 7.16
N VAL A 72 -4.09 -1.07 6.69
CA VAL A 72 -3.75 -1.65 5.40
C VAL A 72 -4.99 -2.14 4.66
N GLN A 73 -5.11 -1.76 3.40
CA GLN A 73 -6.25 -2.16 2.58
C GLN A 73 -5.91 -2.13 1.10
N LEU A 74 -6.70 -2.82 0.29
CA LEU A 74 -6.48 -2.87 -1.15
C LEU A 74 -6.58 -1.48 -1.77
N GLN A 75 -5.73 -1.21 -2.75
CA GLN A 75 -5.73 0.09 -3.42
C GLN A 75 -7.16 0.52 -3.77
N PRO A 76 -7.42 1.83 -3.63
CA PRO A 76 -8.75 2.40 -3.92
C PRO A 76 -9.06 2.39 -5.41
N THR A 77 -10.20 1.79 -5.77
CA THR A 77 -10.61 1.72 -7.16
C THR A 77 -10.46 3.07 -7.85
N ASP A 78 -10.10 3.03 -9.13
CA ASP A 78 -9.93 4.25 -9.90
C ASP A 78 -8.96 5.21 -9.21
N ALA A 79 -7.86 4.66 -8.70
CA ALA A 79 -6.86 5.46 -8.01
C ALA A 79 -6.13 6.38 -8.99
N LEU A 80 -5.75 5.84 -10.14
CA LEU A 80 -5.06 6.62 -11.15
C LEU A 80 -6.04 7.30 -12.10
N LEU A 81 -5.64 8.46 -12.62
CA LEU A 81 -6.49 9.20 -13.54
C LEU A 81 -5.87 9.26 -14.94
N CYS A 82 -4.56 9.48 -14.98
CA CYS A 82 -3.85 9.54 -16.25
C CYS A 82 -3.94 8.22 -17.01
N SER A 83 -5.01 8.07 -17.78
CA SER A 83 -5.22 6.84 -18.55
C SER A 83 -5.56 7.17 -20.01
N GLY A 84 -4.79 6.59 -20.92
CA GLY A 84 -5.02 6.82 -22.33
C GLY A 84 -6.28 6.15 -22.84
N PRO A 85 -6.97 6.81 -23.79
CA PRO A 85 -8.21 6.28 -24.37
C PRO A 85 -7.95 5.07 -25.27
N SER A 86 -7.93 3.89 -24.66
CA SER A 86 -7.70 2.65 -25.40
C SER A 86 -8.11 1.44 -24.57
N SER A 87 -8.47 0.35 -25.25
CA SER A 87 -8.88 -0.88 -24.58
C SER A 87 -7.67 -1.69 -24.14
N GLY A 88 -7.85 -2.49 -23.10
CA GLY A 88 -6.77 -3.31 -22.60
C GLY A 88 -6.07 -2.69 -21.42
N GLY A 1 -16.83 -9.80 0.06
CA GLY A 1 -16.09 -10.63 -0.87
C GLY A 1 -15.88 -9.96 -2.22
N SER A 2 -15.43 -8.71 -2.18
CA SER A 2 -15.19 -7.95 -3.41
C SER A 2 -13.99 -8.51 -4.18
N SER A 3 -13.79 -8.00 -5.39
CA SER A 3 -12.69 -8.45 -6.23
C SER A 3 -11.42 -7.66 -5.91
N GLY A 4 -10.57 -8.22 -5.06
CA GLY A 4 -9.33 -7.57 -4.70
C GLY A 4 -8.27 -7.66 -5.79
N SER A 5 -7.52 -6.59 -5.97
CA SER A 5 -6.48 -6.56 -6.99
C SER A 5 -5.17 -6.03 -6.41
N SER A 6 -4.14 -5.95 -7.25
CA SER A 6 -2.83 -5.48 -6.81
C SER A 6 -2.94 -4.07 -6.21
N GLY A 7 -1.86 -3.62 -5.59
CA GLY A 7 -1.85 -2.31 -4.97
C GLY A 7 -2.28 -2.34 -3.52
N ILE A 8 -1.50 -1.70 -2.65
CA ILE A 8 -1.81 -1.66 -1.23
C ILE A 8 -1.73 -0.24 -0.69
N LEU A 9 -2.50 0.04 0.36
CA LEU A 9 -2.51 1.36 0.98
C LEU A 9 -2.27 1.26 2.47
N ILE A 10 -1.30 2.02 2.96
CA ILE A 10 -0.96 2.03 4.38
C ILE A 10 -1.20 3.40 4.99
N ARG A 11 -1.85 3.42 6.16
CA ARG A 11 -2.14 4.67 6.84
C ARG A 11 -1.40 4.74 8.17
N GLY A 12 -0.85 5.91 8.49
CA GLY A 12 -0.12 6.08 9.73
C GLY A 12 1.34 5.66 9.61
N LEU A 13 2.16 6.54 9.06
CA LEU A 13 3.58 6.25 8.90
C LEU A 13 4.43 7.20 9.74
N PRO A 14 5.59 6.70 10.21
CA PRO A 14 6.51 7.48 11.02
C PRO A 14 7.20 8.59 10.23
N GLY A 15 7.67 9.61 10.95
CA GLY A 15 8.34 10.72 10.29
C GLY A 15 9.68 10.33 9.71
N ASP A 16 10.05 9.06 9.88
CA ASP A 16 11.32 8.55 9.36
C ASP A 16 11.09 7.51 8.27
N VAL A 17 9.82 7.28 7.94
CA VAL A 17 9.47 6.31 6.91
C VAL A 17 10.08 6.68 5.57
N THR A 18 11.01 5.86 5.09
CA THR A 18 11.67 6.11 3.82
C THR A 18 11.44 4.95 2.85
N ASN A 19 11.80 5.16 1.59
CA ASN A 19 11.64 4.14 0.56
C ASN A 19 12.32 2.85 0.97
N GLN A 20 13.41 2.97 1.73
CA GLN A 20 14.16 1.81 2.18
C GLN A 20 13.35 0.99 3.16
N GLU A 21 12.53 1.66 3.96
CA GLU A 21 11.70 0.99 4.95
C GLU A 21 10.59 0.19 4.28
N VAL A 22 9.92 0.81 3.30
CA VAL A 22 8.84 0.15 2.58
C VAL A 22 9.38 -0.94 1.66
N HIS A 23 10.52 -0.68 1.05
CA HIS A 23 11.15 -1.65 0.14
C HIS A 23 11.58 -2.89 0.90
N ASP A 24 12.26 -2.68 2.03
CA ASP A 24 12.73 -3.80 2.84
C ASP A 24 11.56 -4.62 3.37
N LEU A 25 10.49 -3.95 3.74
CA LEU A 25 9.30 -4.61 4.26
C LEU A 25 8.67 -5.50 3.20
N LEU A 26 8.75 -5.07 1.94
CA LEU A 26 8.20 -5.84 0.83
C LEU A 26 9.31 -6.34 -0.10
N SER A 27 10.46 -6.64 0.48
CA SER A 27 11.60 -7.13 -0.28
C SER A 27 11.45 -8.63 -0.57
N ASP A 28 10.32 -9.20 -0.17
CA ASP A 28 10.06 -10.61 -0.39
C ASP A 28 9.27 -10.83 -1.68
N TYR A 29 8.55 -9.80 -2.10
CA TYR A 29 7.74 -9.88 -3.32
C TYR A 29 8.33 -9.02 -4.42
N GLU A 30 7.76 -9.12 -5.62
CA GLU A 30 8.24 -8.35 -6.76
C GLU A 30 7.73 -6.92 -6.70
N LEU A 31 8.64 -5.98 -6.43
CA LEU A 31 8.28 -4.56 -6.34
C LEU A 31 8.40 -3.89 -7.70
N LYS A 32 7.30 -3.88 -8.46
CA LYS A 32 7.29 -3.27 -9.78
C LYS A 32 7.36 -1.74 -9.66
N TYR A 33 6.72 -1.21 -8.63
CA TYR A 33 6.70 0.23 -8.41
C TYR A 33 6.45 0.55 -6.94
N CYS A 34 7.27 1.45 -6.39
CA CYS A 34 7.14 1.84 -5.00
C CYS A 34 7.02 3.36 -4.87
N PHE A 35 6.01 3.81 -4.12
CA PHE A 35 5.79 5.23 -3.92
C PHE A 35 5.63 5.56 -2.44
N VAL A 36 6.46 6.47 -1.95
CA VAL A 36 6.42 6.87 -0.55
C VAL A 36 6.06 8.35 -0.41
N ASP A 37 4.94 8.62 0.25
CA ASP A 37 4.48 9.98 0.46
C ASP A 37 4.44 10.33 1.94
N LYS A 38 5.51 10.95 2.42
CA LYS A 38 5.61 11.35 3.82
C LYS A 38 4.60 12.43 4.17
N TYR A 39 4.22 13.20 3.15
CA TYR A 39 3.24 14.28 3.34
C TYR A 39 1.89 13.72 3.75
N LYS A 40 1.35 12.81 2.94
CA LYS A 40 0.06 12.19 3.21
C LYS A 40 0.17 11.20 4.36
N GLY A 41 1.40 10.83 4.70
CA GLY A 41 1.61 9.89 5.79
C GLY A 41 1.25 8.47 5.40
N THR A 42 1.22 8.21 4.10
CA THR A 42 0.89 6.88 3.60
C THR A 42 1.83 6.46 2.48
N ALA A 43 1.90 5.16 2.22
CA ALA A 43 2.77 4.63 1.18
C ALA A 43 1.98 3.75 0.21
N PHE A 44 2.18 3.98 -1.09
CA PHE A 44 1.49 3.21 -2.11
C PHE A 44 2.49 2.43 -2.97
N VAL A 45 2.26 1.12 -3.08
CA VAL A 45 3.14 0.27 -3.87
C VAL A 45 2.33 -0.61 -4.83
N THR A 46 2.95 -0.94 -5.96
CA THR A 46 2.29 -1.77 -6.96
C THR A 46 2.98 -3.12 -7.11
N LEU A 47 2.27 -4.20 -6.81
CA LEU A 47 2.82 -5.55 -6.90
C LEU A 47 2.50 -6.17 -8.25
N LEU A 48 3.00 -7.37 -8.48
CA LEU A 48 2.78 -8.09 -9.73
C LEU A 48 1.35 -8.62 -9.79
N ASN A 49 1.09 -9.67 -9.03
CA ASN A 49 -0.25 -10.28 -9.00
C ASN A 49 -1.00 -9.89 -7.73
N GLY A 50 -2.23 -10.36 -7.61
CA GLY A 50 -3.03 -10.05 -6.44
C GLY A 50 -2.66 -10.89 -5.23
N GLU A 51 -2.02 -12.03 -5.48
CA GLU A 51 -1.62 -12.92 -4.41
C GLU A 51 -0.64 -12.22 -3.46
N GLN A 52 0.36 -11.56 -4.03
CA GLN A 52 1.35 -10.85 -3.23
C GLN A 52 0.72 -9.69 -2.47
N ALA A 53 -0.31 -9.09 -3.06
CA ALA A 53 -0.99 -7.97 -2.44
C ALA A 53 -1.77 -8.42 -1.19
N GLU A 54 -2.50 -9.52 -1.32
CA GLU A 54 -3.26 -10.05 -0.20
C GLU A 54 -2.34 -10.50 0.93
N ALA A 55 -1.28 -11.20 0.57
CA ALA A 55 -0.33 -11.69 1.56
C ALA A 55 0.31 -10.53 2.33
N ALA A 56 0.65 -9.47 1.62
CA ALA A 56 1.26 -8.30 2.24
C ALA A 56 0.26 -7.58 3.14
N ILE A 57 -0.97 -7.43 2.66
CA ILE A 57 -2.02 -6.76 3.43
C ILE A 57 -2.40 -7.58 4.66
N ASN A 58 -2.48 -8.89 4.49
CA ASN A 58 -2.84 -9.79 5.59
C ASN A 58 -1.91 -9.59 6.77
N THR A 59 -0.61 -9.53 6.51
CA THR A 59 0.38 -9.34 7.56
C THR A 59 0.47 -7.88 7.97
N PHE A 60 0.59 -6.99 6.97
CA PHE A 60 0.69 -5.56 7.24
C PHE A 60 -0.56 -5.05 7.95
N HIS A 61 -1.67 -5.74 7.75
CA HIS A 61 -2.93 -5.36 8.37
C HIS A 61 -2.91 -5.63 9.86
N GLN A 62 -3.85 -5.05 10.58
CA GLN A 62 -3.93 -5.23 12.03
C GLN A 62 -2.55 -5.36 12.65
N SER A 63 -1.58 -4.66 12.07
CA SER A 63 -0.21 -4.70 12.55
C SER A 63 0.08 -3.51 13.45
N ARG A 64 1.31 -3.46 13.99
CA ARG A 64 1.71 -2.38 14.87
C ARG A 64 3.15 -1.96 14.59
N LEU A 65 3.44 -0.67 14.77
CA LEU A 65 4.78 -0.14 14.54
C LEU A 65 5.13 0.90 15.58
N ARG A 66 6.26 0.69 16.26
CA ARG A 66 6.72 1.63 17.29
C ARG A 66 5.58 1.96 18.27
N GLU A 67 4.85 0.93 18.69
CA GLU A 67 3.75 1.11 19.62
C GLU A 67 2.66 1.98 19.00
N ARG A 68 2.23 1.62 17.80
CA ARG A 68 1.19 2.37 17.11
C ARG A 68 0.37 1.46 16.20
N GLU A 69 -0.92 1.75 16.09
CA GLU A 69 -1.81 0.95 15.25
C GLU A 69 -1.67 1.33 13.79
N LEU A 70 -1.42 0.34 12.94
CA LEU A 70 -1.27 0.57 11.51
C LEU A 70 -2.48 0.09 10.74
N SER A 71 -3.01 0.95 9.88
CA SER A 71 -4.19 0.61 9.08
C SER A 71 -3.80 0.31 7.65
N VAL A 72 -4.11 -0.90 7.20
CA VAL A 72 -3.79 -1.32 5.84
C VAL A 72 -5.05 -1.70 5.07
N GLN A 73 -5.09 -1.33 3.79
CA GLN A 73 -6.24 -1.62 2.94
C GLN A 73 -5.84 -1.68 1.48
N LEU A 74 -6.66 -2.33 0.66
CA LEU A 74 -6.40 -2.45 -0.76
C LEU A 74 -6.42 -1.08 -1.45
N GLN A 75 -5.54 -0.90 -2.43
CA GLN A 75 -5.45 0.36 -3.15
C GLN A 75 -6.43 0.37 -4.32
N PRO A 76 -7.09 1.52 -4.53
CA PRO A 76 -8.05 1.69 -5.61
C PRO A 76 -7.39 1.72 -6.99
N THR A 77 -7.53 0.61 -7.73
CA THR A 77 -6.94 0.51 -9.06
C THR A 77 -7.01 1.84 -9.79
N ASP A 78 -8.22 2.29 -10.08
CA ASP A 78 -8.43 3.54 -10.79
C ASP A 78 -8.32 4.73 -9.84
N ALA A 79 -9.07 4.67 -8.74
CA ALA A 79 -9.04 5.74 -7.75
C ALA A 79 -9.70 7.01 -8.29
N LEU A 80 -10.64 6.84 -9.21
CA LEU A 80 -11.33 7.98 -9.82
C LEU A 80 -12.66 8.23 -9.11
N LEU A 81 -13.46 7.19 -8.96
CA LEU A 81 -14.76 7.30 -8.29
C LEU A 81 -14.85 6.36 -7.10
N CYS A 82 -15.60 6.76 -6.08
CA CYS A 82 -15.77 5.95 -4.88
C CYS A 82 -17.25 5.61 -4.65
N SER A 83 -17.93 5.23 -5.72
CA SER A 83 -19.34 4.89 -5.64
C SER A 83 -19.64 3.63 -6.44
N GLY A 84 -20.19 2.62 -5.76
CA GLY A 84 -20.52 1.37 -6.43
C GLY A 84 -20.69 0.22 -5.45
N PRO A 85 -21.59 -0.71 -5.77
CA PRO A 85 -21.88 -1.87 -4.93
C PRO A 85 -20.72 -2.86 -4.92
N SER A 86 -20.54 -3.54 -3.79
CA SER A 86 -19.47 -4.52 -3.65
C SER A 86 -20.02 -5.95 -3.62
N SER A 87 -20.87 -6.21 -2.64
CA SER A 87 -21.48 -7.54 -2.49
C SER A 87 -23.00 -7.44 -2.52
N GLY A 88 -23.59 -7.98 -3.58
CA GLY A 88 -25.03 -7.95 -3.72
C GLY A 88 -25.54 -8.85 -4.83
#